data_7KUK
# 
_entry.id   7KUK 
# 
_audit_conform.dict_name       mmcif_pdbx.dic 
_audit_conform.dict_version    5.380 
_audit_conform.dict_location   http://mmcif.pdb.org/dictionaries/ascii/mmcif_pdbx.dic 
# 
loop_
_database_2.database_id 
_database_2.database_code 
_database_2.pdbx_database_accession 
_database_2.pdbx_DOI 
PDB   7KUK         pdb_00007kuk 10.2210/pdb7kuk/pdb 
WWPDB D_1000253076 ?            ?                   
# 
_pdbx_database_status.status_code                     REL 
_pdbx_database_status.status_code_sf                  REL 
_pdbx_database_status.status_code_mr                  ? 
_pdbx_database_status.entry_id                        7KUK 
_pdbx_database_status.recvd_initial_deposition_date   2020-11-25 
_pdbx_database_status.SG_entry                        N 
_pdbx_database_status.deposit_site                    RCSB 
_pdbx_database_status.process_site                    RCSB 
_pdbx_database_status.status_code_cs                  ? 
_pdbx_database_status.status_code_nmr_data            ? 
_pdbx_database_status.methods_development_category    ? 
_pdbx_database_status.pdb_format_compatible           Y 
# 
loop_
_audit_author.name 
_audit_author.pdbx_ordinal 
_audit_author.identifier_ORCID 
'Fang, Z.'      1 0000-0001-8679-6633 
'Giurgiu, C.'   2 0000-0003-0145-0110 
'Szostak, J.W.' 3 0000-0003-4131-1203 
# 
_citation.abstract                  ? 
_citation.abstract_id_CAS           ? 
_citation.book_id_ISBN              ? 
_citation.book_publisher            ? 
_citation.book_publisher_city       ? 
_citation.book_title                ? 
_citation.coordinate_linkage        ? 
_citation.country                   GE 
_citation.database_id_Medline       ? 
_citation.details                   ? 
_citation.id                        primary 
_citation.journal_abbrev            Angew.Chem.Int.Ed.Engl. 
_citation.journal_id_ASTM           ACIEAY 
_citation.journal_id_CSD            0179 
_citation.journal_id_ISSN           1521-3773 
_citation.journal_full              ? 
_citation.journal_issue             ? 
_citation.journal_volume            60 
_citation.language                  ? 
_citation.page_first                22925 
_citation.page_last                 22932 
_citation.title                     'Structure-Activity Relationships in Nonenzymatic Template-Directed RNA Synthesis.' 
_citation.year                      2021 
_citation.database_id_CSD           ? 
_citation.pdbx_database_id_DOI      10.1002/anie.202109714 
_citation.pdbx_database_id_PubMed   34428345 
_citation.unpublished_flag          ? 
# 
loop_
_citation_author.citation_id 
_citation_author.name 
_citation_author.ordinal 
_citation_author.identifier_ORCID 
primary 'Giurgiu, C.'    1 0000-0003-0145-0110 
primary 'Fang, Z.'       2 ?                   
primary 'Aitken, H.R.M.' 3 ?                   
primary 'Kim, S.C.'      4 ?                   
primary 'Pazienza, L.'   5 ?                   
primary 'Mittal, S.'     6 ?                   
primary 'Szostak, J.W.'  7 0000-0003-4131-1203 
# 
_cell.angle_alpha                  90.000 
_cell.angle_alpha_esd              ? 
_cell.angle_beta                   90.000 
_cell.angle_beta_esd               ? 
_cell.angle_gamma                  120.000 
_cell.angle_gamma_esd              ? 
_cell.entry_id                     7KUK 
_cell.details                      ? 
_cell.formula_units_Z              ? 
_cell.length_a                     48.391 
_cell.length_a_esd                 ? 
_cell.length_b                     48.391 
_cell.length_b_esd                 ? 
_cell.length_c                     82.304 
_cell.length_c_esd                 ? 
_cell.volume                       ? 
_cell.volume_esd                   ? 
_cell.Z_PDB                        12 
_cell.reciprocal_angle_alpha       ? 
_cell.reciprocal_angle_beta        ? 
_cell.reciprocal_angle_gamma       ? 
_cell.reciprocal_angle_alpha_esd   ? 
_cell.reciprocal_angle_beta_esd    ? 
_cell.reciprocal_angle_gamma_esd   ? 
_cell.reciprocal_length_a          ? 
_cell.reciprocal_length_b          ? 
_cell.reciprocal_length_c          ? 
_cell.reciprocal_length_a_esd      ? 
_cell.reciprocal_length_b_esd      ? 
_cell.reciprocal_length_c_esd      ? 
_cell.pdbx_unique_axis             ? 
# 
_symmetry.entry_id                         7KUK 
_symmetry.cell_setting                     ? 
_symmetry.Int_Tables_number                150 
_symmetry.space_group_name_Hall            ? 
_symmetry.space_group_name_H-M             'P 3 2 1' 
_symmetry.pdbx_full_space_group_name_H-M   ? 
# 
loop_
_entity.id 
_entity.type 
_entity.src_method 
_entity.pdbx_description 
_entity.formula_weight 
_entity.pdbx_number_of_molecules 
_entity.pdbx_ec 
_entity.pdbx_mutation 
_entity.pdbx_fragment 
_entity.details 
1 polymer     syn 
;RNA (5'-R(*(LKC)P*(LCC)P*(LCC)P*(LCG)P*AP*CP*UP*UP*AP*AP*GP*UP*CP*G)-3')
;
4432.824 2   ? ? ? ? 
2 non-polymer syn "DIGUANOSINE-5'-TRIPHOSPHATE"                                              788.406  2   ? ? ? ? 
3 non-polymer syn 'MAGNESIUM ION'                                                            24.305   6   ? ? ? ? 
4 water       nat water                                                                      18.015   108 ? ? ? ? 
# 
_entity_poly.entity_id                      1 
_entity_poly.type                           polyribonucleotide 
_entity_poly.nstd_linkage                   no 
_entity_poly.nstd_monomer                   yes 
_entity_poly.pdbx_seq_one_letter_code       '(LKC)(LCC)(LCC)(LCG)ACUUAAGUCG' 
_entity_poly.pdbx_seq_one_letter_code_can   NNNGACUUAAGUCG 
_entity_poly.pdbx_strand_id                 A,B 
_entity_poly.pdbx_target_identifier         ? 
# 
loop_
_entity_poly_seq.entity_id 
_entity_poly_seq.num 
_entity_poly_seq.mon_id 
_entity_poly_seq.hetero 
1 1  LKC n 
1 2  LCC n 
1 3  LCC n 
1 4  LCG n 
1 5  A   n 
1 6  C   n 
1 7  U   n 
1 8  U   n 
1 9  A   n 
1 10 A   n 
1 11 G   n 
1 12 U   n 
1 13 C   n 
1 14 G   n 
# 
_pdbx_entity_src_syn.entity_id              1 
_pdbx_entity_src_syn.pdbx_src_id            1 
_pdbx_entity_src_syn.pdbx_alt_source_flag   sample 
_pdbx_entity_src_syn.pdbx_beg_seq_num       1 
_pdbx_entity_src_syn.pdbx_end_seq_num       14 
_pdbx_entity_src_syn.organism_scientific    'synthetic construct' 
_pdbx_entity_src_syn.organism_common_name   ? 
_pdbx_entity_src_syn.ncbi_taxonomy_id       32630 
_pdbx_entity_src_syn.details                ? 
# 
_struct_ref.id                         1 
_struct_ref.db_name                    PDB 
_struct_ref.db_code                    7KUK 
_struct_ref.pdbx_db_accession          7KUK 
_struct_ref.pdbx_db_isoform            ? 
_struct_ref.entity_id                  1 
_struct_ref.pdbx_seq_one_letter_code   ? 
_struct_ref.pdbx_align_begin           1 
# 
loop_
_struct_ref_seq.align_id 
_struct_ref_seq.ref_id 
_struct_ref_seq.pdbx_PDB_id_code 
_struct_ref_seq.pdbx_strand_id 
_struct_ref_seq.seq_align_beg 
_struct_ref_seq.pdbx_seq_align_beg_ins_code 
_struct_ref_seq.seq_align_end 
_struct_ref_seq.pdbx_seq_align_end_ins_code 
_struct_ref_seq.pdbx_db_accession 
_struct_ref_seq.db_align_beg 
_struct_ref_seq.pdbx_db_align_beg_ins_code 
_struct_ref_seq.db_align_end 
_struct_ref_seq.pdbx_db_align_end_ins_code 
_struct_ref_seq.pdbx_auth_seq_align_beg 
_struct_ref_seq.pdbx_auth_seq_align_end 
1 1 7KUK A 1 ? 14 ? 7KUK 1 ? 14 ? 1 14 
2 1 7KUK B 1 ? 14 ? 7KUK 1 ? 14 ? 1 14 
# 
loop_
_chem_comp.id 
_chem_comp.type 
_chem_comp.mon_nstd_flag 
_chem_comp.name 
_chem_comp.pdbx_synonyms 
_chem_comp.formula 
_chem_comp.formula_weight 
A   'RNA linking' y "ADENOSINE-5'-MONOPHOSPHATE" ? 'C10 H14 N5 O7 P'    347.221 
C   'RNA linking' y "CYTIDINE-5'-MONOPHOSPHATE" ? 'C9 H14 N3 O8 P'     323.197 
G   'RNA linking' y "GUANOSINE-5'-MONOPHOSPHATE" ? 'C10 H14 N5 O8 P'    363.221 
GP3 non-polymer   . "DIGUANOSINE-5'-TRIPHOSPHATE" ? 'C20 H27 N10 O18 P3' 788.406 
HOH non-polymer   . WATER ? 'H2 O'               18.015  
LCC 'RNA linking' . 
'[(1R,3R,4R,7S)-7-HYDROXY-3-(5-METHYLCYTOSIN-1-YL)-2,5-DIOXABICYCLO[2.2.1]HEPT-1-YL]METHYL DIHYDROGEN PHOSPHATE'     ? 
'C11 H16 N3 O8 P'    349.234 
LCG 'RNA linking' n '[(1R,3R,4R,7S)-7-HYDROXY-3-(GUANIN-9-YL)-2,5-DIOXABICYCLO[2.2.1]HEPT-1-YL]METHYL DIHYDROGEN PHOSPHATE' ? 
'C11 H14 N5 O8 P'    375.231 
LKC 'RNA linking' . 
'4-AMINO-1-[(1S,3R,4R,7S)-7-HYDROXY-1-(HYDROXYMETHYL)-2,5-DIOXABICYCLO[2.2.1]HEPT-3-YL]-5-METHYLPYRIMIDIN-2(1H)-ONE' ? 
'C11 H15 N3 O5'      269.254 
MG  non-polymer   . 'MAGNESIUM ION' ? 'Mg 2'               24.305  
U   'RNA linking' y "URIDINE-5'-MONOPHOSPHATE" ? 'C9 H13 N2 O9 P'     324.181 
# 
_exptl.absorpt_coefficient_mu     ? 
_exptl.absorpt_correction_T_max   ? 
_exptl.absorpt_correction_T_min   ? 
_exptl.absorpt_correction_type    ? 
_exptl.absorpt_process_details    ? 
_exptl.entry_id                   7KUK 
_exptl.crystals_number            1 
_exptl.details                    ? 
_exptl.method                     'X-RAY DIFFRACTION' 
_exptl.method_details             ? 
# 
_exptl_crystal.colour                      ? 
_exptl_crystal.density_diffrn              ? 
_exptl_crystal.density_Matthews            2.78 
_exptl_crystal.density_method              ? 
_exptl_crystal.density_percent_sol         55.81 
_exptl_crystal.description                 ? 
_exptl_crystal.F_000                       ? 
_exptl_crystal.id                          1 
_exptl_crystal.preparation                 ? 
_exptl_crystal.size_max                    ? 
_exptl_crystal.size_mid                    ? 
_exptl_crystal.size_min                    ? 
_exptl_crystal.size_rad                    ? 
_exptl_crystal.colour_lustre               ? 
_exptl_crystal.colour_modifier             ? 
_exptl_crystal.colour_primary              ? 
_exptl_crystal.density_meas                ? 
_exptl_crystal.density_meas_esd            ? 
_exptl_crystal.density_meas_gt             ? 
_exptl_crystal.density_meas_lt             ? 
_exptl_crystal.density_meas_temp           ? 
_exptl_crystal.density_meas_temp_esd       ? 
_exptl_crystal.density_meas_temp_gt        ? 
_exptl_crystal.density_meas_temp_lt        ? 
_exptl_crystal.pdbx_crystal_image_url      ? 
_exptl_crystal.pdbx_crystal_image_format   ? 
_exptl_crystal.pdbx_mosaicity              ? 
_exptl_crystal.pdbx_mosaicity_esd          ? 
# 
_exptl_crystal_grow.apparatus       ? 
_exptl_crystal_grow.atmosphere      ? 
_exptl_crystal_grow.crystal_id      1 
_exptl_crystal_grow.details         ? 
_exptl_crystal_grow.method          'VAPOR DIFFUSION, HANGING DROP' 
_exptl_crystal_grow.method_ref      ? 
_exptl_crystal_grow.pH              4.6 
_exptl_crystal_grow.pressure        ? 
_exptl_crystal_grow.pressure_esd    ? 
_exptl_crystal_grow.seeding         ? 
_exptl_crystal_grow.seeding_ref     ? 
_exptl_crystal_grow.temp            293 
_exptl_crystal_grow.temp_details    ? 
_exptl_crystal_grow.temp_esd        ? 
_exptl_crystal_grow.time            ? 
_exptl_crystal_grow.pdbx_details    '0.1 M Sodium acetate trihydrate pH 4.6, 2.0 M Sodium formate, 50 mM Magnesium chloride' 
_exptl_crystal_grow.pdbx_pH_range   ? 
# 
_diffrn.ambient_environment              ? 
_diffrn.ambient_temp                     99 
_diffrn.ambient_temp_details             ? 
_diffrn.ambient_temp_esd                 ? 
_diffrn.crystal_id                       1 
_diffrn.crystal_support                  ? 
_diffrn.crystal_treatment                ? 
_diffrn.details                          ? 
_diffrn.id                               1 
_diffrn.ambient_pressure                 ? 
_diffrn.ambient_pressure_esd             ? 
_diffrn.ambient_pressure_gt              ? 
_diffrn.ambient_pressure_lt              ? 
_diffrn.ambient_temp_gt                  ? 
_diffrn.ambient_temp_lt                  ? 
_diffrn.pdbx_serial_crystal_experiment   N 
# 
_diffrn_detector.details                      ? 
_diffrn_detector.detector                     PIXEL 
_diffrn_detector.diffrn_id                    1 
_diffrn_detector.type                         'DECTRIS PILATUS3 6M' 
_diffrn_detector.area_resol_mean              ? 
_diffrn_detector.dtime                        ? 
_diffrn_detector.pdbx_frames_total            ? 
_diffrn_detector.pdbx_collection_time_total   ? 
_diffrn_detector.pdbx_collection_date         2020-07-22 
_diffrn_detector.pdbx_frequency               ? 
# 
_diffrn_radiation.collimation                      ? 
_diffrn_radiation.diffrn_id                        1 
_diffrn_radiation.filter_edge                      ? 
_diffrn_radiation.inhomogeneity                    ? 
_diffrn_radiation.monochromator                    ? 
_diffrn_radiation.polarisn_norm                    ? 
_diffrn_radiation.polarisn_ratio                   ? 
_diffrn_radiation.probe                            ? 
_diffrn_radiation.type                             ? 
_diffrn_radiation.xray_symbol                      ? 
_diffrn_radiation.wavelength_id                    1 
_diffrn_radiation.pdbx_monochromatic_or_laue_m_l   M 
_diffrn_radiation.pdbx_wavelength_list             ? 
_diffrn_radiation.pdbx_wavelength                  ? 
_diffrn_radiation.pdbx_diffrn_protocol             'SINGLE WAVELENGTH' 
_diffrn_radiation.pdbx_analyzer                    ? 
_diffrn_radiation.pdbx_scattering_type             x-ray 
# 
_diffrn_radiation_wavelength.id           1 
_diffrn_radiation_wavelength.wavelength   0.977408 
_diffrn_radiation_wavelength.wt           1.0 
# 
_diffrn_source.current                     ? 
_diffrn_source.details                     ? 
_diffrn_source.diffrn_id                   1 
_diffrn_source.power                       ? 
_diffrn_source.size                        ? 
_diffrn_source.source                      SYNCHROTRON 
_diffrn_source.target                      ? 
_diffrn_source.type                        'ALS BEAMLINE 5.0.1' 
_diffrn_source.voltage                     ? 
_diffrn_source.take-off_angle              ? 
_diffrn_source.pdbx_wavelength_list        0.977408 
_diffrn_source.pdbx_wavelength             ? 
_diffrn_source.pdbx_synchrotron_beamline   5.0.1 
_diffrn_source.pdbx_synchrotron_site       ALS 
# 
_reflns.B_iso_Wilson_estimate            ? 
_reflns.entry_id                         7KUK 
_reflns.data_reduction_details           ? 
_reflns.data_reduction_method            ? 
_reflns.d_resolution_high                1.67 
_reflns.d_resolution_low                 50 
_reflns.details                          ? 
_reflns.limit_h_max                      ? 
_reflns.limit_h_min                      ? 
_reflns.limit_k_max                      ? 
_reflns.limit_k_min                      ? 
_reflns.limit_l_max                      ? 
_reflns.limit_l_min                      ? 
_reflns.number_all                       ? 
_reflns.number_obs                       13505 
_reflns.observed_criterion               ? 
_reflns.observed_criterion_F_max         ? 
_reflns.observed_criterion_F_min         ? 
_reflns.observed_criterion_I_max         ? 
_reflns.observed_criterion_I_min         ? 
_reflns.observed_criterion_sigma_F       ? 
_reflns.observed_criterion_sigma_I       ? 
_reflns.percent_possible_obs             100.0 
_reflns.R_free_details                   ? 
_reflns.Rmerge_F_all                     ? 
_reflns.Rmerge_F_obs                     ? 
_reflns.Friedel_coverage                 ? 
_reflns.number_gt                        ? 
_reflns.threshold_expression             ? 
_reflns.pdbx_redundancy                  18.5 
_reflns.pdbx_Rmerge_I_obs                0.038 
_reflns.pdbx_Rmerge_I_all                ? 
_reflns.pdbx_Rsym_value                  ? 
_reflns.pdbx_netI_over_av_sigmaI         ? 
_reflns.pdbx_netI_over_sigmaI            91.25 
_reflns.pdbx_res_netI_over_av_sigmaI_2   ? 
_reflns.pdbx_res_netI_over_sigmaI_2      ? 
_reflns.pdbx_chi_squared                 1.006 
_reflns.pdbx_scaling_rejects             ? 
_reflns.pdbx_d_res_high_opt              ? 
_reflns.pdbx_d_res_low_opt               ? 
_reflns.pdbx_d_res_opt_method            ? 
_reflns.phase_calculation_details        ? 
_reflns.pdbx_Rrim_I_all                  0.039 
_reflns.pdbx_Rpim_I_all                  0.009 
_reflns.pdbx_d_opt                       ? 
_reflns.pdbx_number_measured_all         ? 
_reflns.pdbx_diffrn_id                   1 
_reflns.pdbx_ordinal                     1 
_reflns.pdbx_CC_half                     1.000 
_reflns.pdbx_CC_star                     1.000 
_reflns.pdbx_R_split                     ? 
# 
_reflns_shell.d_res_high                  1.67 
_reflns_shell.d_res_low                   1.70 
_reflns_shell.meanI_over_sigI_all         ? 
_reflns_shell.meanI_over_sigI_obs         7.0 
_reflns_shell.number_measured_all         ? 
_reflns_shell.number_measured_obs         ? 
_reflns_shell.number_possible             ? 
_reflns_shell.number_unique_all           ? 
_reflns_shell.number_unique_obs           641 
_reflns_shell.percent_possible_all        99.8 
_reflns_shell.percent_possible_obs        ? 
_reflns_shell.Rmerge_F_all                ? 
_reflns_shell.Rmerge_F_obs                ? 
_reflns_shell.Rmerge_I_all                ? 
_reflns_shell.Rmerge_I_obs                0.328 
_reflns_shell.meanI_over_sigI_gt          ? 
_reflns_shell.meanI_over_uI_all           ? 
_reflns_shell.meanI_over_uI_gt            ? 
_reflns_shell.number_measured_gt          ? 
_reflns_shell.number_unique_gt            ? 
_reflns_shell.percent_possible_gt         ? 
_reflns_shell.Rmerge_F_gt                 ? 
_reflns_shell.Rmerge_I_gt                 ? 
_reflns_shell.pdbx_redundancy             14.8 
_reflns_shell.pdbx_Rsym_value             ? 
_reflns_shell.pdbx_chi_squared            1.045 
_reflns_shell.pdbx_netI_over_sigmaI_all   ? 
_reflns_shell.pdbx_netI_over_sigmaI_obs   ? 
_reflns_shell.pdbx_Rrim_I_all             0.339 
_reflns_shell.pdbx_Rpim_I_all             0.083 
_reflns_shell.pdbx_rejects                ? 
_reflns_shell.pdbx_ordinal                1 
_reflns_shell.pdbx_diffrn_id              1 
_reflns_shell.pdbx_CC_half                0.996 
_reflns_shell.pdbx_CC_star                0.999 
_reflns_shell.pdbx_R_split                ? 
# 
_refine.aniso_B[1][1]                            0.008 
_refine.aniso_B[1][2]                            0.004 
_refine.aniso_B[1][3]                            0.000 
_refine.aniso_B[2][2]                            0.008 
_refine.aniso_B[2][3]                            -0.000 
_refine.aniso_B[3][3]                            -0.026 
_refine.B_iso_max                                ? 
_refine.B_iso_mean                               17.097 
_refine.B_iso_min                                ? 
_refine.correlation_coeff_Fo_to_Fc               0.949 
_refine.correlation_coeff_Fo_to_Fc_free          0.952 
_refine.details                                  'Hydrogens have been added in their riding positions' 
_refine.diff_density_max                         ? 
_refine.diff_density_max_esd                     ? 
_refine.diff_density_min                         ? 
_refine.diff_density_min_esd                     ? 
_refine.diff_density_rms                         ? 
_refine.diff_density_rms_esd                     ? 
_refine.entry_id                                 7KUK 
_refine.pdbx_refine_id                           'X-RAY DIFFRACTION' 
_refine.ls_abs_structure_details                 ? 
_refine.ls_abs_structure_Flack                   ? 
_refine.ls_abs_structure_Flack_esd               ? 
_refine.ls_abs_structure_Rogers                  ? 
_refine.ls_abs_structure_Rogers_esd              ? 
_refine.ls_d_res_high                            1.670 
_refine.ls_d_res_low                             50 
_refine.ls_extinction_coef                       ? 
_refine.ls_extinction_coef_esd                   ? 
_refine.ls_extinction_expression                 ? 
_refine.ls_extinction_method                     ? 
_refine.ls_goodness_of_fit_all                   ? 
_refine.ls_goodness_of_fit_all_esd               ? 
_refine.ls_goodness_of_fit_obs                   ? 
_refine.ls_goodness_of_fit_obs_esd               ? 
_refine.ls_hydrogen_treatment                    ? 
_refine.ls_matrix_type                           ? 
_refine.ls_number_constraints                    ? 
_refine.ls_number_parameters                     ? 
_refine.ls_number_reflns_all                     ? 
_refine.ls_number_reflns_obs                     11862 
_refine.ls_number_reflns_R_free                  616 
_refine.ls_number_reflns_R_work                  11246 
_refine.ls_number_restraints                     ? 
_refine.ls_percent_reflns_obs                    87.925 
_refine.ls_percent_reflns_R_free                 5.193 
_refine.ls_R_factor_all                          0.203 
_refine.ls_R_factor_obs                          ? 
_refine.ls_R_factor_R_free                       0.2209 
_refine.ls_R_factor_R_free_error                 ? 
_refine.ls_R_factor_R_free_error_details         ? 
_refine.ls_R_factor_R_work                       0.2017 
_refine.ls_R_Fsqd_factor_obs                     ? 
_refine.ls_R_I_factor_obs                        ? 
_refine.ls_redundancy_reflns_all                 ? 
_refine.ls_redundancy_reflns_obs                 ? 
_refine.ls_restrained_S_all                      ? 
_refine.ls_restrained_S_obs                      ? 
_refine.ls_shift_over_esd_max                    ? 
_refine.ls_shift_over_esd_mean                   ? 
_refine.ls_structure_factor_coef                 ? 
_refine.ls_weighting_details                     ? 
_refine.ls_weighting_scheme                      ? 
_refine.ls_wR_factor_all                         ? 
_refine.ls_wR_factor_obs                         ? 
_refine.ls_wR_factor_R_free                      ? 
_refine.ls_wR_factor_R_work                      ? 
_refine.occupancy_max                            ? 
_refine.occupancy_min                            ? 
_refine.solvent_model_details                    'MASK BULK SOLVENT' 
_refine.solvent_model_param_bsol                 ? 
_refine.solvent_model_param_ksol                 ? 
_refine.pdbx_R_complete                          ? 
_refine.ls_R_factor_gt                           ? 
_refine.ls_goodness_of_fit_gt                    ? 
_refine.ls_goodness_of_fit_ref                   ? 
_refine.ls_shift_over_su_max                     ? 
_refine.ls_shift_over_su_max_lt                  ? 
_refine.ls_shift_over_su_mean                    ? 
_refine.ls_shift_over_su_mean_lt                 ? 
_refine.pdbx_ls_sigma_I                          ? 
_refine.pdbx_ls_sigma_F                          ? 
_refine.pdbx_ls_sigma_Fsqd                       ? 
_refine.pdbx_data_cutoff_high_absF               ? 
_refine.pdbx_data_cutoff_high_rms_absF           ? 
_refine.pdbx_data_cutoff_low_absF                ? 
_refine.pdbx_isotropic_thermal_model             ? 
_refine.pdbx_ls_cross_valid_method               THROUGHOUT 
_refine.pdbx_method_to_determine_struct          'MOLECULAR REPLACEMENT' 
_refine.pdbx_starting_model                      5UEE 
_refine.pdbx_stereochemistry_target_values       ? 
_refine.pdbx_R_Free_selection_details            ? 
_refine.pdbx_stereochem_target_val_spec_case     ? 
_refine.pdbx_overall_ESU_R                       0.114 
_refine.pdbx_overall_ESU_R_Free                  0.105 
_refine.pdbx_solvent_vdw_probe_radii             1.200 
_refine.pdbx_solvent_ion_probe_radii             0.800 
_refine.pdbx_solvent_shrinkage_radii             0.800 
_refine.pdbx_real_space_R                        ? 
_refine.pdbx_density_correlation                 ? 
_refine.pdbx_pd_number_of_powder_patterns        ? 
_refine.pdbx_pd_number_of_points                 ? 
_refine.pdbx_pd_meas_number_of_points            ? 
_refine.pdbx_pd_proc_ls_prof_R_factor            ? 
_refine.pdbx_pd_proc_ls_prof_wR_factor           ? 
_refine.pdbx_pd_Marquardt_correlation_coeff      ? 
_refine.pdbx_pd_Fsqrd_R_factor                   ? 
_refine.pdbx_pd_ls_matrix_band_width             ? 
_refine.pdbx_overall_phase_error                 ? 
_refine.pdbx_overall_SU_R_free_Cruickshank_DPI   ? 
_refine.pdbx_overall_SU_R_free_Blow_DPI          ? 
_refine.pdbx_overall_SU_R_Blow_DPI               ? 
_refine.pdbx_TLS_residual_ADP_flag               ? 
_refine.pdbx_diffrn_id                           1 
_refine.overall_SU_B                             1.706 
_refine.overall_SU_ML                            0.059 
_refine.overall_SU_R_Cruickshank_DPI             ? 
_refine.overall_SU_R_free                        ? 
_refine.overall_FOM_free_R_set                   ? 
_refine.overall_FOM_work_R_set                   ? 
_refine.pdbx_average_fsc_overall                 ? 
_refine.pdbx_average_fsc_work                    ? 
_refine.pdbx_average_fsc_free                    ? 
# 
_refine_hist.pdbx_refine_id                   'X-RAY DIFFRACTION' 
_refine_hist.cycle_id                         LAST 
_refine_hist.pdbx_number_atoms_protein        0 
_refine_hist.pdbx_number_atoms_nucleic_acid   511 
_refine_hist.pdbx_number_atoms_ligand         195 
_refine_hist.number_atoms_solvent             108 
_refine_hist.number_atoms_total               814 
_refine_hist.d_res_high                       1.670 
_refine_hist.d_res_low                        50 
# 
loop_
_refine_ls_restr.pdbx_refine_id 
_refine_ls_restr.criterion 
_refine_ls_restr.dev_ideal 
_refine_ls_restr.dev_ideal_target 
_refine_ls_restr.number 
_refine_ls_restr.rejects 
_refine_ls_restr.type 
_refine_ls_restr.weight 
_refine_ls_restr.pdbx_restraint_function 
'X-RAY DIFFRACTION' ? 0.027 0.017  792  ? r_bond_refined_d               ? ? 
'X-RAY DIFFRACTION' ? 0.027 0.024  346  ? r_bond_other_d                 ? ? 
'X-RAY DIFFRACTION' ? 3.072 2.043  1204 ? r_angle_refined_deg            ? ? 
'X-RAY DIFFRACTION' ? 3.845 3.096  814  ? r_angle_other_deg              ? ? 
'X-RAY DIFFRACTION' ? 0.504 0.200  140  ? r_chiral_restr                 ? ? 
'X-RAY DIFFRACTION' ? 1.830 0.200  20   ? r_chiral_restr_other           ? ? 
'X-RAY DIFFRACTION' ? 0.021 0.021  400  ? r_gen_planes_refined           ? ? 
'X-RAY DIFFRACTION' ? 0.001 0.022  148  ? r_gen_planes_other             ? ? 
'X-RAY DIFFRACTION' ? 0.104 0.200  92   ? r_nbd_refined                  ? ? 
'X-RAY DIFFRACTION' ? 0.216 0.200  499  ? r_symmetry_nbd_other           ? ? 
'X-RAY DIFFRACTION' ? 0.252 0.200  312  ? r_nbtor_refined                ? ? 
'X-RAY DIFFRACTION' ? 0.239 0.200  184  ? r_symmetry_nbtor_other         ? ? 
'X-RAY DIFFRACTION' ? 0.232 0.200  88   ? r_xyhbond_nbd_refined          ? ? 
'X-RAY DIFFRACTION' ? 0.119 0.200  11   ? r_symmetry_nbd_refined         ? ? 
'X-RAY DIFFRACTION' ? 0.194 0.200  36   ? r_nbd_other                    ? ? 
'X-RAY DIFFRACTION' ? 0.261 0.200  16   ? r_symmetry_xyhbond_nbd_refined ? ? 
'X-RAY DIFFRACTION' ? 2.397 1.764  790  ? r_scbond_it                    ? ? 
'X-RAY DIFFRACTION' ? 2.395 1.763  791  ? r_scbond_other                 ? ? 
'X-RAY DIFFRACTION' ? 3.675 2.688  1204 ? r_scangle_it                   ? ? 
'X-RAY DIFFRACTION' ? 3.674 2.687  1205 ? r_scangle_other                ? ? 
'X-RAY DIFFRACTION' ? 5.398 15.480 1130 ? r_lrange_it                    ? ? 
'X-RAY DIFFRACTION' ? 5.189 14.975 1105 ? r_lrange_other                 ? ? 
# 
loop_
_refine_ls_shell.pdbx_refine_id 
_refine_ls_shell.d_res_high 
_refine_ls_shell.d_res_low 
_refine_ls_shell.number_reflns_all 
_refine_ls_shell.number_reflns_obs 
_refine_ls_shell.number_reflns_R_free 
_refine_ls_shell.number_reflns_R_work 
_refine_ls_shell.percent_reflns_obs 
_refine_ls_shell.percent_reflns_R_free 
_refine_ls_shell.R_factor_all 
_refine_ls_shell.R_factor_obs 
_refine_ls_shell.R_factor_R_free 
_refine_ls_shell.R_factor_R_free_error 
_refine_ls_shell.R_factor_R_work 
_refine_ls_shell.redundancy_reflns_all 
_refine_ls_shell.redundancy_reflns_obs 
_refine_ls_shell.wR_factor_all 
_refine_ls_shell.wR_factor_obs 
_refine_ls_shell.wR_factor_R_free 
_refine_ls_shell.wR_factor_R_work 
_refine_ls_shell.pdbx_R_complete 
_refine_ls_shell.pdbx_total_number_of_bins_used 
_refine_ls_shell.pdbx_phase_error 
_refine_ls_shell.pdbx_fsc_work 
_refine_ls_shell.pdbx_fsc_free 
'X-RAY DIFFRACTION' 1.670 1.713 . . 25 401 44.2368  . . . 0.302 . 0.164 . . . . . . . . . . . 
'X-RAY DIFFRACTION' 1.713 1.760 . . 26 452 51.0139  . . . 0.238 . 0.156 . . . . . . . . . . . 
'X-RAY DIFFRACTION' 1.760 1.811 . . 26 549 60.9756  . . . 0.137 . .     . . . . . . . . . . . 
'X-RAY DIFFRACTION' 1.811 1.867 . . 48 628 74.5314  . . . 0.208 . .     . . . . . . . . . . . 
'X-RAY DIFFRACTION' 1.867 1.928 . . 17 822 96.5478  . . . 0.269 . 0.224 . . . . . . . . . . . 
'X-RAY DIFFRACTION' 1.928 1.996 . . 35 811 99.6466  . . . 0.350 . 0.236 . . . . . . . . . . . 
'X-RAY DIFFRACTION' 1.996 2.071 . . 41 764 100.0000 . . . 0.262 . 0.197 . . . . . . . . . . . 
'X-RAY DIFFRACTION' 2.071 2.156 . . 37 757 100.0000 . . . 0.189 . .     . . . . . . . . . . . 
'X-RAY DIFFRACTION' 2.156 2.251 . . 34 719 100.0000 . . . 0.319 . 0.225 . . . . . . . . . . . 
'X-RAY DIFFRACTION' 2.251 2.361 . . 51 683 100.0000 . . . 0.212 . 0.220 . . . . . . . . . . . 
'X-RAY DIFFRACTION' 2.361 2.489 . . 40 656 100.0000 . . . 0.276 . 0.216 . . . . . . . . . . . 
'X-RAY DIFFRACTION' 2.489 2.640 . . 37 636 100.0000 . . . 0.212 . .     . . . . . . . . . . . 
'X-RAY DIFFRACTION' 2.640 2.822 . . 33 593 100.0000 . . . 0.245 . 0.234 . . . . . . . . . . . 
'X-RAY DIFFRACTION' 2.822 3.048 . . 41 540 100.0000 . . . 0.219 . 0.217 . . . . . . . . . . . 
'X-RAY DIFFRACTION' 3.048 3.338 . . 23 509 100.0000 . . . 0.136 . .     . . . . . . . . . . . 
'X-RAY DIFFRACTION' 3.338 3.731 . . 31 475 100.0000 . . . 0.175 . 0.174 . . . . . . . . . . . 
'X-RAY DIFFRACTION' 3.731 4.307 . . 28 406 100.0000 . . . 0.203 . 0.152 . . . . . . . . . . . 
'X-RAY DIFFRACTION' 4.307 5.271 . . 20 370 100.0000 . . . 0.273 . 0.149 . . . . . . . . . . . 
'X-RAY DIFFRACTION' 5.271 7.439 . . 17 285 100.0000 . . . 0.174 . 0.201 . . . . . . . . . . . 
'X-RAY DIFFRACTION' 7.439 50    . . 6  190 99.4924  . . . 0.251 . .     . . . . . . . . . . . 
# 
_struct.entry_id                     7KUK 
_struct.title                        
;High resolution RNA primer complex with guanosine dinucleotide ligand G(5')ppp(5')G
;
_struct.pdbx_model_details           ? 
_struct.pdbx_formula_weight          ? 
_struct.pdbx_formula_weight_method   ? 
_struct.pdbx_model_type_details      ? 
_struct.pdbx_CASP_flag               N 
# 
_struct_keywords.entry_id        7KUK 
_struct_keywords.text            'RNA, nonenzymatic RNA extension' 
_struct_keywords.pdbx_keywords   RNA 
# 
loop_
_struct_asym.id 
_struct_asym.pdbx_blank_PDB_chainid_flag 
_struct_asym.pdbx_modified 
_struct_asym.entity_id 
_struct_asym.details 
A N N 1 ? 
B N N 1 ? 
C N N 2 ? 
D N N 3 ? 
E N N 3 ? 
F N N 3 ? 
G N N 2 ? 
H N N 3 ? 
I N N 3 ? 
J N N 3 ? 
K N N 4 ? 
L N N 4 ? 
# 
loop_
_struct_conn.id 
_struct_conn.conn_type_id 
_struct_conn.pdbx_leaving_atom_flag 
_struct_conn.pdbx_PDB_id 
_struct_conn.ptnr1_label_asym_id 
_struct_conn.ptnr1_label_comp_id 
_struct_conn.ptnr1_label_seq_id 
_struct_conn.ptnr1_label_atom_id 
_struct_conn.pdbx_ptnr1_label_alt_id 
_struct_conn.pdbx_ptnr1_PDB_ins_code 
_struct_conn.pdbx_ptnr1_standard_comp_id 
_struct_conn.ptnr1_symmetry 
_struct_conn.ptnr2_label_asym_id 
_struct_conn.ptnr2_label_comp_id 
_struct_conn.ptnr2_label_seq_id 
_struct_conn.ptnr2_label_atom_id 
_struct_conn.pdbx_ptnr2_label_alt_id 
_struct_conn.pdbx_ptnr2_PDB_ins_code 
_struct_conn.ptnr1_auth_asym_id 
_struct_conn.ptnr1_auth_comp_id 
_struct_conn.ptnr1_auth_seq_id 
_struct_conn.ptnr2_auth_asym_id 
_struct_conn.ptnr2_auth_comp_id 
_struct_conn.ptnr2_auth_seq_id 
_struct_conn.ptnr2_symmetry 
_struct_conn.pdbx_ptnr3_label_atom_id 
_struct_conn.pdbx_ptnr3_label_seq_id 
_struct_conn.pdbx_ptnr3_label_comp_id 
_struct_conn.pdbx_ptnr3_label_asym_id 
_struct_conn.pdbx_ptnr3_label_alt_id 
_struct_conn.pdbx_ptnr3_PDB_ins_code 
_struct_conn.details 
_struct_conn.pdbx_dist_value 
_struct_conn.pdbx_value_order 
_struct_conn.pdbx_role 
covale1  covale both ? A LKC 1  "O3'" ? ? ? 1_555 A LCC 2  P   ? ? A LKC 1   A LCC 2   1_555 ? ? ? ? ? ? ?            1.614 ? ? 
covale2  covale both ? A LCC 2  "O3'" ? ? ? 1_555 A LCC 3  P   ? ? A LCC 2   A LCC 3   1_555 ? ? ? ? ? ? ?            1.553 ? ? 
covale3  covale both ? A LCC 3  "O3'" ? ? ? 1_555 A LCG 4  P   ? ? A LCC 3   A LCG 4   1_555 ? ? ? ? ? ? ?            1.586 ? ? 
covale4  covale both ? A LCG 4  "O3'" ? ? ? 1_555 A A   5  P   ? ? A LCG 4   A A   5   1_555 ? ? ? ? ? ? ?            1.600 ? ? 
covale5  covale both ? B LKC 1  "O3'" ? ? ? 1_555 B LCC 2  P   ? ? B LKC 1   B LCC 2   1_555 ? ? ? ? ? ? ?            1.618 ? ? 
covale6  covale both ? B LCC 2  "O3'" ? ? ? 1_555 B LCC 3  P   ? ? B LCC 2   B LCC 3   1_555 ? ? ? ? ? ? ?            1.557 ? ? 
covale7  covale both ? B LCC 3  "O3'" ? ? ? 1_555 B LCG 4  P   ? ? B LCC 3   B LCG 4   1_555 ? ? ? ? ? ? ?            1.595 ? ? 
covale8  covale both ? B LCG 4  "O3'" ? ? ? 1_555 B A   5  P   ? ? B LCG 4   B A   5   1_555 ? ? ? ? ? ? ?            1.579 ? ? 
metalc1  metalc ?    ? C GP3 .  O3D   ? ? ? 1_555 H MG  .  MG  ? ? A GP3 101 B MG  102 1_555 ? ? ? ? ? ? ?            2.090 ? ? 
metalc2  metalc ?    ? C GP3 .  O2D   ? ? ? 1_555 H MG  .  MG  ? ? A GP3 101 B MG  102 1_555 ? ? ? ? ? ? ?            2.064 ? ? 
metalc3  metalc ?    ? C GP3 .  O3D   ? ? ? 1_555 H MG  .  MG  ? ? A GP3 101 B MG  102 2_565 ? ? ? ? ? ? ?            2.504 ? ? 
metalc4  metalc ?    ? C GP3 .  O2D   ? ? ? 1_555 H MG  .  MG  ? ? A GP3 101 B MG  102 3_455 ? ? ? ? ? ? ?            2.387 ? ? 
metalc5  metalc ?    ? C GP3 .  O2A   ? ? ? 1_555 I MG  .  MG  ? ? A GP3 101 B MG  103 1_555 ? ? ? ? ? ? ?            1.974 ? ? 
metalc6  metalc ?    ? C GP3 .  O2G   ? ? ? 1_555 I MG  .  MG  ? ? A GP3 101 B MG  103 1_555 ? ? ? ? ? ? ?            1.958 ? ? 
metalc7  metalc ?    ? D MG  .  MG    ? ? ? 1_555 G GP3 .  O3D ? ? A MG  102 B GP3 101 1_555 ? ? ? ? ? ? ?            2.091 ? ? 
metalc8  metalc ?    ? D MG  .  MG    ? ? ? 1_555 G GP3 .  O2D ? ? A MG  102 B GP3 101 1_555 ? ? ? ? ? ? ?            2.078 ? ? 
metalc9  metalc ?    ? D MG  .  MG    ? ? ? 1_555 G GP3 .  O3D ? ? A MG  102 B GP3 101 2_565 ? ? ? ? ? ? ?            2.447 ? ? 
metalc10 metalc ?    ? D MG  .  MG    ? ? ? 1_555 G GP3 .  O2D ? ? A MG  102 B GP3 101 3_455 ? ? ? ? ? ? ?            2.430 ? ? 
metalc11 metalc ?    ? E MG  .  MG    ? ? ? 1_555 K HOH .  O   ? ? A MG  103 A HOH 210 1_555 ? ? ? ? ? ? ?            2.134 ? ? 
metalc12 metalc ?    ? E MG  .  MG    ? ? ? 1_555 K HOH .  O   ? ? A MG  103 A HOH 227 1_555 ? ? ? ? ? ? ?            2.208 ? ? 
metalc13 metalc ?    ? E MG  .  MG    ? ? ? 1_555 K HOH .  O   ? ? A MG  103 A HOH 231 1_555 ? ? ? ? ? ? ?            2.177 ? ? 
metalc14 metalc ?    ? E MG  .  MG    ? ? ? 1_555 L HOH .  O   ? ? A MG  103 B HOH 223 1_555 ? ? ? ? ? ? ?            2.164 ? ? 
metalc15 metalc ?    ? E MG  .  MG    ? ? ? 1_555 L HOH .  O   ? ? A MG  103 B HOH 238 1_555 ? ? ? ? ? ? ?            2.039 ? ? 
metalc16 metalc ?    ? E MG  .  MG    ? ? ? 1_555 L HOH .  O   ? ? A MG  103 B HOH 254 1_555 ? ? ? ? ? ? ?            2.197 ? ? 
metalc17 metalc ?    ? F MG  .  MG    ? ? ? 1_555 G GP3 .  O2A ? ? A MG  104 B GP3 101 1_555 ? ? ? ? ? ? ?            1.975 ? ? 
metalc18 metalc ?    ? F MG  .  MG    ? ? ? 1_555 G GP3 .  O2G ? ? A MG  104 B GP3 101 1_555 ? ? ? ? ? ? ?            1.964 ? ? 
metalc19 metalc ?    ? F MG  .  MG    ? ? ? 1_555 L HOH .  O   ? ? A MG  104 B HOH 201 1_555 ? ? ? ? ? ? ?            2.316 ? ? 
metalc20 metalc ?    ? F MG  .  MG    ? ? ? 1_555 L HOH .  O   ? ? A MG  104 B HOH 202 1_555 ? ? ? ? ? ? ?            2.247 ? ? 
metalc21 metalc ?    ? F MG  .  MG    ? ? ? 1_555 L HOH .  O   ? ? A MG  104 B HOH 227 1_555 ? ? ? ? ? ? ?            2.617 ? ? 
metalc22 metalc ?    ? K HOH .  O     ? ? ? 1_555 I MG  .  MG  ? ? A HOH 201 B MG  103 1_555 ? ? ? ? ? ? ?            2.203 ? ? 
metalc23 metalc ?    ? K HOH .  O     ? ? ? 1_555 I MG  .  MG  ? ? A HOH 202 B MG  103 1_555 ? ? ? ? ? ? ?            2.286 ? ? 
metalc24 metalc ?    ? K HOH .  O     ? ? ? 1_555 I MG  .  MG  ? ? A HOH 220 B MG  103 1_555 ? ? ? ? ? ? ?            2.750 ? ? 
metalc25 metalc ?    ? K HOH .  O     ? ? ? 1_555 J MG  .  MG  ? ? A HOH 226 B MG  104 1_555 ? ? ? ? ? ? ?            2.141 ? ? 
metalc26 metalc ?    ? K HOH .  O     ? ? ? 1_555 J MG  .  MG  ? ? A HOH 238 B MG  104 1_555 ? ? ? ? ? ? ?            2.038 ? ? 
metalc27 metalc ?    ? K HOH .  O     ? ? ? 1_555 J MG  .  MG  ? ? A HOH 253 B MG  104 1_555 ? ? ? ? ? ? ?            2.200 ? ? 
metalc28 metalc ?    ? J MG  .  MG    ? ? ? 1_555 L HOH .  O   ? ? B MG  104 B HOH 216 1_555 ? ? ? ? ? ? ?            2.100 ? ? 
metalc29 metalc ?    ? J MG  .  MG    ? ? ? 1_555 L HOH .  O   ? ? B MG  104 B HOH 222 1_555 ? ? ? ? ? ? ?            2.214 ? ? 
metalc30 metalc ?    ? J MG  .  MG    ? ? ? 1_555 L HOH .  O   ? ? B MG  104 B HOH 231 1_555 ? ? ? ? ? ? ?            2.173 ? ? 
hydrog1  hydrog ?    ? A LCG 4  N1    ? ? ? 1_555 B C   13 N3  ? ? A LCG 4   B C   13  1_555 ? ? ? ? ? ? WATSON-CRICK ?     ? ? 
hydrog2  hydrog ?    ? A LCG 4  N2    ? ? ? 1_555 B C   13 O2  ? ? A LCG 4   B C   13  1_555 ? ? ? ? ? ? WATSON-CRICK ?     ? ? 
hydrog3  hydrog ?    ? A LCG 4  O6    ? ? ? 1_555 B C   13 N4  ? ? A LCG 4   B C   13  1_555 ? ? ? ? ? ? WATSON-CRICK ?     ? ? 
hydrog4  hydrog ?    ? A A   5  N1    ? ? ? 1_555 B U   12 N3  ? ? A A   5   B U   12  1_555 ? ? ? ? ? ? WATSON-CRICK ?     ? ? 
hydrog5  hydrog ?    ? A A   5  N6    ? ? ? 1_555 B U   12 O4  ? ? A A   5   B U   12  1_555 ? ? ? ? ? ? WATSON-CRICK ?     ? ? 
hydrog6  hydrog ?    ? A C   6  N3    ? ? ? 1_555 B G   11 N1  ? ? A C   6   B G   11  1_555 ? ? ? ? ? ? WATSON-CRICK ?     ? ? 
hydrog7  hydrog ?    ? A C   6  N4    ? ? ? 1_555 B G   11 O6  ? ? A C   6   B G   11  1_555 ? ? ? ? ? ? WATSON-CRICK ?     ? ? 
hydrog8  hydrog ?    ? A C   6  O2    ? ? ? 1_555 B G   11 N2  ? ? A C   6   B G   11  1_555 ? ? ? ? ? ? WATSON-CRICK ?     ? ? 
hydrog9  hydrog ?    ? A U   7  N3    ? ? ? 1_555 B A   10 N1  ? ? A U   7   B A   10  1_555 ? ? ? ? ? ? WATSON-CRICK ?     ? ? 
hydrog10 hydrog ?    ? A U   7  O4    ? ? ? 1_555 B A   10 N6  ? ? A U   7   B A   10  1_555 ? ? ? ? ? ? WATSON-CRICK ?     ? ? 
hydrog11 hydrog ?    ? A U   8  N3    ? ? ? 1_555 B A   9  N1  ? ? A U   8   B A   9   1_555 ? ? ? ? ? ? WATSON-CRICK ?     ? ? 
hydrog12 hydrog ?    ? A U   8  O4    ? ? ? 1_555 B A   9  N6  ? ? A U   8   B A   9   1_555 ? ? ? ? ? ? WATSON-CRICK ?     ? ? 
hydrog13 hydrog ?    ? A A   9  N1    ? ? ? 1_555 B U   8  N3  ? ? A A   9   B U   8   1_555 ? ? ? ? ? ? WATSON-CRICK ?     ? ? 
hydrog14 hydrog ?    ? A A   9  N6    ? ? ? 1_555 B U   8  O4  ? ? A A   9   B U   8   1_555 ? ? ? ? ? ? WATSON-CRICK ?     ? ? 
hydrog15 hydrog ?    ? A A   10 N1    ? ? ? 1_555 B U   7  N3  ? ? A A   10  B U   7   1_555 ? ? ? ? ? ? WATSON-CRICK ?     ? ? 
hydrog16 hydrog ?    ? A A   10 N6    ? ? ? 1_555 B U   7  O4  ? ? A A   10  B U   7   1_555 ? ? ? ? ? ? WATSON-CRICK ?     ? ? 
hydrog17 hydrog ?    ? A G   11 N1    ? ? ? 1_555 B C   6  N3  ? ? A G   11  B C   6   1_555 ? ? ? ? ? ? WATSON-CRICK ?     ? ? 
hydrog18 hydrog ?    ? A G   11 N2    ? ? ? 1_555 B C   6  O2  ? ? A G   11  B C   6   1_555 ? ? ? ? ? ? WATSON-CRICK ?     ? ? 
hydrog19 hydrog ?    ? A G   11 O6    ? ? ? 1_555 B C   6  N4  ? ? A G   11  B C   6   1_555 ? ? ? ? ? ? WATSON-CRICK ?     ? ? 
hydrog20 hydrog ?    ? A U   12 N3    ? ? ? 1_555 B A   5  N1  ? ? A U   12  B A   5   1_555 ? ? ? ? ? ? WATSON-CRICK ?     ? ? 
hydrog21 hydrog ?    ? A U   12 O4    ? ? ? 1_555 B A   5  N6  ? ? A U   12  B A   5   1_555 ? ? ? ? ? ? WATSON-CRICK ?     ? ? 
hydrog22 hydrog ?    ? A C   13 N3    ? ? ? 1_555 B LCG 4  N1  ? ? A C   13  B LCG 4   1_555 ? ? ? ? ? ? WATSON-CRICK ?     ? ? 
hydrog23 hydrog ?    ? A C   13 N4    ? ? ? 1_555 B LCG 4  O6  ? ? A C   13  B LCG 4   1_555 ? ? ? ? ? ? WATSON-CRICK ?     ? ? 
hydrog24 hydrog ?    ? A C   13 O2    ? ? ? 1_555 B LCG 4  N2  ? ? A C   13  B LCG 4   1_555 ? ? ? ? ? ? WATSON-CRICK ?     ? ? 
# 
loop_
_struct_conn_type.id 
_struct_conn_type.criteria 
_struct_conn_type.reference 
covale ? ? 
metalc ? ? 
hydrog ? ? 
# 
_atom_sites.entry_id                    7KUK 
_atom_sites.Cartn_transf_matrix[1][1]   ? 
_atom_sites.Cartn_transf_matrix[1][2]   ? 
_atom_sites.Cartn_transf_matrix[1][3]   ? 
_atom_sites.Cartn_transf_matrix[2][1]   ? 
_atom_sites.Cartn_transf_matrix[2][2]   ? 
_atom_sites.Cartn_transf_matrix[2][3]   ? 
_atom_sites.Cartn_transf_matrix[3][1]   ? 
_atom_sites.Cartn_transf_matrix[3][2]   ? 
_atom_sites.Cartn_transf_matrix[3][3]   ? 
_atom_sites.Cartn_transf_vector[1]      ? 
_atom_sites.Cartn_transf_vector[2]      ? 
_atom_sites.Cartn_transf_vector[3]      ? 
_atom_sites.fract_transf_matrix[1][1]   -0.00845836 
_atom_sites.fract_transf_matrix[1][2]   0.02114245 
_atom_sites.fract_transf_matrix[1][3]   -0.00713050 
_atom_sites.fract_transf_matrix[2][1]   -0.01526125 
_atom_sites.fract_transf_matrix[2][2]   0.01203045 
_atom_sites.fract_transf_matrix[2][3]   0.01384766 
_atom_sites.fract_transf_matrix[3][1]   0.00932749 
_atom_sites.fract_transf_matrix[3][2]   0.00556729 
_atom_sites.fract_transf_matrix[3][3]   0.00544295 
_atom_sites.fract_transf_vector[1]      -0.205645 
_atom_sites.fract_transf_vector[2]      0.207371 
_atom_sites.fract_transf_vector[3]      0.249185 
_atom_sites.solution_primary            ? 
_atom_sites.solution_secondary          ? 
_atom_sites.solution_hydrogens          ? 
_atom_sites.special_details             ? 
# 
loop_
_atom_type.symbol 
_atom_type.pdbx_scat_Z 
_atom_type.pdbx_N_electrons 
_atom_type.scat_Cromer_Mann_a1 
_atom_type.scat_Cromer_Mann_b1 
_atom_type.scat_Cromer_Mann_a2 
_atom_type.scat_Cromer_Mann_b2 
_atom_type.scat_Cromer_Mann_a3 
_atom_type.scat_Cromer_Mann_b3 
_atom_type.scat_Cromer_Mann_a4 
_atom_type.scat_Cromer_Mann_b4 
_atom_type.scat_Cromer_Mann_c 
C  6  6  2.310  20.844 1.020 10.208 1.589 0.569  0.865 51.651 0.216   
H  1  1  0.493  10.511 0.323 26.126 0.140 3.142  0.041 57.800 0.003   
MG 12 12 5.427  2.828  2.176 79.261 1.228 0.381  2.310 7.194  0.859   
N  7  7  12.222 0.006  3.135 9.893  2.014 28.997 1.167 0.583  -11.538 
O  8  8  3.049  13.277 2.287 5.701  1.546 0.324  0.867 32.909 0.251   
P  15 15 6.435  1.907  4.179 27.157 1.780 0.526  1.491 68.164 1.115   
# 
loop_
_atom_site.group_PDB 
_atom_site.id 
_atom_site.type_symbol 
_atom_site.label_atom_id 
_atom_site.label_alt_id 
_atom_site.label_comp_id 
_atom_site.label_asym_id 
_atom_site.label_entity_id 
_atom_site.label_seq_id 
_atom_site.pdbx_PDB_ins_code 
_atom_site.Cartn_x 
_atom_site.Cartn_y 
_atom_site.Cartn_z 
_atom_site.occupancy 
_atom_site.B_iso_or_equiv 
_atom_site.pdbx_formal_charge 
_atom_site.auth_seq_id 
_atom_site.auth_comp_id 
_atom_site.auth_asym_id 
_atom_site.auth_atom_id 
_atom_site.pdbx_PDB_model_num 
_atom_site.calc_flag 
HETATM 1   N  N1    . LKC A 1 1  ? 20.860  0.781   5.242   1.000 7.531  0 1   LKC A N1    1 ? 
HETATM 2   C  C2    . LKC A 1 1  ? 20.231  1.311   6.319   1.000 6.652  0 1   LKC A C2    1 ? 
HETATM 3   N  N3    . LKC A 1 1  ? 19.737  2.523   6.268   1.000 6.841  0 1   LKC A N3    1 ? 
HETATM 4   C  C4    . LKC A 1 1  ? 19.898  3.221   5.173   1.000 7.350  0 1   LKC A C4    1 ? 
HETATM 5   C  C5    . LKC A 1 1  ? 20.520  2.744   3.974   1.000 7.538  0 1   LKC A C5    1 ? 
HETATM 6   C  C6    . LKC A 1 1  ? 21.002  1.482   4.040   1.000 7.045  0 1   LKC A C6    1 ? 
HETATM 7   O  O2    . LKC A 1 1  ? 20.132  0.597   7.328   1.000 6.480  0 1   LKC A O2    1 ? 
HETATM 8   N  N4    . LKC A 1 1  ? 19.379  4.381   5.139   1.000 8.160  0 1   LKC A N4    1 ? 
HETATM 9   C  "C1'" . LKC A 1 1  ? 21.450  -0.567  5.397   1.000 7.927  0 1   LKC A "C1'" 1 ? 
HETATM 10  C  "C2'" . LKC A 1 1  ? 20.485  -1.706  5.222   1.000 8.060  0 1   LKC A "C2'" 1 ? 
HETATM 11  C  "C3'" . LKC A 1 1  ? 20.373  -1.768  3.697   1.000 8.216  0 1   LKC A "C3'" 1 ? 
HETATM 12  C  "C4'" . LKC A 1 1  ? 21.901  -1.927  3.596   1.000 8.470  0 1   LKC A "C4'" 1 ? 
HETATM 13  O  "O4'" . LKC A 1 1  ? 22.401  -0.765  4.253   1.000 8.478  0 1   LKC A "O4'" 1 ? 
HETATM 14  O  "O3'" . LKC A 1 1  ? 19.728  -2.992  3.340   1.000 9.992  0 1   LKC A "O3'" 1 ? 
HETATM 15  C  "C5'" . LKC A 1 1  ? 22.422  -2.206  2.193   1.000 9.116  0 1   LKC A "C5'" 1 ? 
HETATM 16  O  "O5'" . LKC A 1 1  ? 22.103  -1.057  1.429   1.000 11.348 0 1   LKC A "O5'" 1 ? 
HETATM 17  C  C5A   . LKC A 1 1  ? 20.608  3.515   2.761   1.000 8.016  0 1   LKC A C5A   1 ? 
HETATM 18  O  "O2'" . LKC A 1 1  ? 21.217  -2.884  5.688   1.000 8.246  0 1   LKC A "O2'" 1 ? 
HETATM 19  C  "C6'" . LKC A 1 1  ? 22.220  -3.036  4.522   1.000 8.401  0 1   LKC A "C6'" 1 ? 
HETATM 20  O  "O5'" . LCC A 1 2  ? 17.542  -3.003  4.606   1.000 7.642  0 2   LCC A "O5'" 1 ? 
HETATM 21  C  "C5'" . LCC A 1 2  ? 17.778  -4.008  5.545   1.000 7.372  0 2   LCC A "C5'" 1 ? 
HETATM 22  C  "C4'" . LCC A 1 2  ? 17.103  -3.521  6.785   1.000 7.120  0 2   LCC A "C4'" 1 ? 
HETATM 23  O  "O4'" . LCC A 1 2  ? 17.720  -2.321  7.204   1.000 6.459  0 2   LCC A "O4'" 1 ? 
HETATM 24  C  "C1'" . LCC A 1 2  ? 16.781  -1.645  8.099   1.000 6.281  0 2   LCC A "C1'" 1 ? 
HETATM 25  N  N1    . LCC A 1 2  ? 16.466  -0.334  7.603   1.000 5.585  0 2   LCC A N1    1 ? 
HETATM 26  C  C6    . LCC A 1 2  ? 16.802  0.083   6.296   1.000 5.154  0 2   LCC A C6    1 ? 
HETATM 27  C  C5    . LCC A 1 2  ? 16.523  1.345   5.929   1.000 4.948  0 2   LCC A C5    1 ? 
HETATM 28  C  C5M   . LCC A 1 2  ? 16.796  1.764   4.591   1.000 4.930  0 2   LCC A C5M   1 ? 
HETATM 29  C  C4    . LCC A 1 2  ? 15.882  2.167   6.880   1.000 4.715  0 2   LCC A C4    1 ? 
HETATM 30  N  N4    . LCC A 1 2  ? 15.690  3.407   6.502   1.000 4.455  0 2   LCC A N4    1 ? 
HETATM 31  N  N3    . LCC A 1 2  ? 15.618  1.781   8.123   1.000 4.797  0 2   LCC A N3    1 ? 
HETATM 32  C  C2    . LCC A 1 2  ? 15.862  0.522   8.477   1.000 5.091  0 2   LCC A C2    1 ? 
HETATM 33  O  O2    . LCC A 1 2  ? 15.583  0.075   9.613   1.000 5.432  0 2   LCC A O2    1 ? 
HETATM 34  C  "C3'" . LCC A 1 2  ? 15.679  -3.048  6.609   1.000 6.634  0 2   LCC A "C3'" 1 ? 
HETATM 35  C  "C2'" . LCC A 1 2  ? 15.628  -2.606  8.119   1.000 6.285  0 2   LCC A "C2'" 1 ? 
HETATM 36  O  "O2'" . LCC A 1 2  ? 16.059  -3.787  8.872   1.000 7.087  0 2   LCC A "O2'" 1 ? 
HETATM 37  O  "O3'" . LCC A 1 2  ? 14.777  -4.079  6.264   1.000 7.780  0 2   LCC A "O3'" 1 ? 
HETATM 38  C  "C6'" . LCC A 1 2  ? 17.016  -4.542  7.909   1.000 7.095  0 2   LCC A "C6'" 1 ? 
HETATM 39  P  P     . LCC A 1 2  ? 18.136  -3.146  3.129   1.000 9.373  0 2   LCC A P     1 ? 
HETATM 40  O  O1P   . LCC A 1 2  ? 17.687  -1.960  2.392   1.000 7.771  0 2   LCC A O1P   1 ? 
HETATM 41  O  O2P   . LCC A 1 2  ? 17.896  -4.411  2.464   1.000 8.264  0 2   LCC A O2P   1 ? 
HETATM 42  O  "O5'" . LCC A 1 3  ? 12.535  -3.329  7.095   1.000 6.544  0 3   LCC A "O5'" 1 ? 
HETATM 43  C  "C5'" . LCC A 1 3  ? 12.360  -4.131  8.218   1.000 5.324  0 3   LCC A "C5'" 1 ? 
HETATM 44  C  "C4'" . LCC A 1 3  ? 11.706  -3.196  9.225   1.000 5.086  0 3   LCC A "C4'" 1 ? 
HETATM 45  O  "O4'" . LCC A 1 3  ? 12.510  -2.078  9.495   1.000 4.878  0 3   LCC A "O4'" 1 ? 
HETATM 46  C  "C1'" . LCC A 1 3  ? 11.589  -1.036  9.963   1.000 5.116  0 3   LCC A "C1'" 1 ? 
HETATM 47  N  N1    . LCC A 1 3  ? 11.671  0.111   9.068   1.000 4.923  0 3   LCC A N1    1 ? 
HETATM 48  C  C6    . LCC A 1 3  ? 12.251  0.003   7.775   1.000 5.146  0 3   LCC A C6    1 ? 
HETATM 49  C  C5    . LCC A 1 3  ? 12.337  1.119   7.005   1.000 5.052  0 3   LCC A C5    1 ? 
HETATM 50  C  C5M   . LCC A 1 3  ? 12.911  0.972   5.717   1.000 5.314  0 3   LCC A C5M   1 ? 
HETATM 51  C  C4    . LCC A 1 3  ? 11.846  2.324   7.563   1.000 5.333  0 3   LCC A C4    1 ? 
HETATM 52  N  N4    . LCC A 1 3  ? 11.923  3.433   6.840   1.000 5.878  0 3   LCC A N4    1 ? 
HETATM 53  N  N3    . LCC A 1 3  ? 11.278  2.369   8.826   1.000 5.122  0 3   LCC A N3    1 ? 
HETATM 54  C  C2    . LCC A 1 3  ? 11.134  1.272   9.511   1.000 5.005  0 3   LCC A C2    1 ? 
HETATM 55  O  O2    . LCC A 1 3  ? 10.589  1.296   10.642  1.000 5.281  0 3   LCC A O2    1 ? 
HETATM 56  C  "C3'" . LCC A 1 3  ? 10.382  -2.531  8.772   1.000 4.958  0 3   LCC A "C3'" 1 ? 
HETATM 57  C  "C2'" . LCC A 1 3  ? 10.285  -1.740  10.003  1.000 4.979  0 3   LCC A "C2'" 1 ? 
HETATM 58  O  "O2'" . LCC A 1 3  ? 10.377  -2.750  11.065  1.000 5.207  0 3   LCC A "O2'" 1 ? 
HETATM 59  O  "O3'" . LCC A 1 3  ? 9.402   -3.560  8.567   1.000 5.725  0 3   LCC A "O3'" 1 ? 
HETATM 60  C  "C6'" . LCC A 1 3  ? 11.303  -3.870  10.467  1.000 5.077  0 3   LCC A "C6'" 1 ? 
HETATM 61  P  P     . LCC A 1 3  ? 13.322  -3.885  5.756   1.000 7.255  0 3   LCC A P     1 ? 
HETATM 62  O  O1P   . LCC A 1 3  ? 13.227  -2.831  4.808   1.000 6.340  0 3   LCC A O1P   1 ? 
HETATM 63  O  O2P   . LCC A 1 3  ? 12.854  -5.253  5.471   1.000 7.987  0 3   LCC A O2P   1 ? 
HETATM 64  P  P     . LCG A 1 4  ? 8.160   -3.422  7.592   1.000 5.980  0 4   LCG A P     1 ? 
HETATM 65  O  OP1   . LCG A 1 4  ? 7.531   -4.784  7.641   1.000 6.449  0 4   LCG A OP1   1 ? 
HETATM 66  O  "O5'" . LCG A 1 4  ? 7.258   -2.272  8.292   1.000 5.519  0 4   LCG A "O5'" 1 ? 
HETATM 67  C  "C5'" . LCG A 1 4  ? 6.639   -2.596  9.559   1.000 4.674  0 4   LCG A "C5'" 1 ? 
HETATM 68  C  "C3'" . LCG A 1 4  ? 5.090   -0.589  8.987   1.000 4.551  0 4   LCG A "C3'" 1 ? 
HETATM 69  C  "C6'" . LCG A 1 4  ? 5.199   -1.374  11.281  1.000 4.688  0 4   LCG A "C6'" 1 ? 
HETATM 70  N  N9    . LCG A 1 4  ? 7.029   1.715   8.987   1.000 4.317  0 4   LCG A N9    1 ? 
HETATM 71  C  C8    . LCG A 1 4  ? 7.890   1.175   8.082   1.000 4.496  0 4   LCG A C8    1 ? 
HETATM 72  C  C4    . LCG A 1 4  ? 6.895   2.995   8.756   1.000 4.320  0 4   LCG A C4    1 ? 
HETATM 73  N  N7    . LCG A 1 4  ? 8.301   2.121   7.234   1.000 4.842  0 4   LCG A N7    1 ? 
HETATM 74  C  C5    . LCG A 1 4  ? 7.670   3.285   7.666   1.000 4.591  0 4   LCG A C5    1 ? 
HETATM 75  C  C6    . LCG A 1 4  ? 7.739   4.557   7.227   1.000 5.175  0 4   LCG A C6    1 ? 
HETATM 76  C  "C2'" . LCG A 1 4  ? 4.937   0.583   9.882   1.000 4.552  0 4   LCG A "C2'" 1 ? 
HETATM 77  O  O6    . LCG A 1 4  ? 8.441   4.960   6.289   1.000 5.646  0 4   LCG A O6    1 ? 
HETATM 78  C  "C4'" . LCG A 1 4  ? 6.020   -1.279  10.004  1.000 4.657  0 4   LCG A "C4'" 1 ? 
HETATM 79  C  "C1'" . LCG A 1 4  ? 6.355   1.060   10.098  1.000 4.534  0 4   LCG A "C1'" 1 ? 
HETATM 80  C  C2    . LCG A 1 4  ? 6.164   5.151   8.933   1.000 4.431  0 4   LCG A C2    1 ? 
HETATM 81  N  N1    . LCG A 1 4  ? 6.961   5.470   7.872   1.000 4.846  0 4   LCG A N1    1 ? 
HETATM 82  O  "O4'" . LCG A 1 4  ? 7.053   -0.243  10.177  1.000 4.430  0 4   LCG A "O4'" 1 ? 
HETATM 83  O  OP2   . LCG A 1 4  ? 8.566   -2.796  6.335   1.000 6.077  0 4   LCG A OP2   1 ? 
HETATM 84  N  N2    . LCG A 1 4  ? 5.421   6.147   9.457   1.000 4.229  0 4   LCG A N2    1 ? 
HETATM 85  N  N3    . LCG A 1 4  ? 6.097   3.855   9.400   1.000 4.229  0 4   LCG A N3    1 ? 
HETATM 86  O  "O2'" . LCG A 1 4  ? 4.483   -0.028  11.123  1.000 4.612  0 4   LCG A "O2'" 1 ? 
HETATM 87  O  "O3'" . LCG A 1 4  ? 3.938   -1.414  8.773   1.000 4.562  0 4   LCG A "O3'" 1 ? 
ATOM   88  P  P     . A   A 1 5  ? 3.115   -1.225  7.413   1.000 4.753  0 5   A   A P     1 ? 
ATOM   89  O  OP1   . A   A 1 5  ? 2.166   -2.382  7.419   1.000 4.725  0 5   A   A OP1   1 ? 
ATOM   90  O  OP2   . A   A 1 5  ? 3.929   -0.985  6.197   1.000 4.453  0 5   A   A OP2   1 ? 
ATOM   91  O  "O5'" . A   A 1 5  ? 2.305   0.121   7.629   1.000 4.503  0 5   A   A "O5'" 1 ? 
ATOM   92  C  "C5'" . A   A 1 5  ? 1.332   0.234   8.666   1.000 4.576  0 5   A   A "C5'" 1 ? 
ATOM   93  C  "C4'" . A   A 1 5  ? 0.896   1.675   8.810   1.000 4.824  0 5   A   A "C4'" 1 ? 
ATOM   94  O  "O4'" . A   A 1 5  ? 2.058   2.497   9.140   1.000 4.881  0 5   A   A "O4'" 1 ? 
ATOM   95  C  "C3'" . A   A 1 5  ? 0.322   2.345   7.569   1.000 5.288  0 5   A   A "C3'" 1 ? 
ATOM   96  O  "O3'" . A   A 1 5  ? -1.009  1.911   7.418   1.000 5.917  0 5   A   A "O3'" 1 ? 
ATOM   97  C  "C2'" . A   A 1 5  ? 0.484   3.814   7.928   1.000 5.427  0 5   A   A "C2'" 1 ? 
ATOM   98  O  "O2'" . A   A 1 5  ? -0.517  4.074   8.896   1.000 5.476  0 5   A   A "O2'" 1 ? 
ATOM   99  C  "C1'" . A   A 1 5  ? 1.912   3.779   8.504   1.000 5.629  0 5   A   A "C1'" 1 ? 
ATOM   100 N  N9    . A   A 1 5  ? 2.920   3.847   7.477   1.000 5.987  0 5   A   A N9    1 ? 
ATOM   101 C  C8    . A   A 1 5  ? 3.693   2.843   6.954   1.000 6.048  0 5   A   A C8    1 ? 
ATOM   102 N  N7    . A   A 1 5  ? 4.546   3.255   6.052   1.000 6.678  0 5   A   A N7    1 ? 
ATOM   103 C  C5    . A   A 1 5  ? 4.331   4.620   5.996   1.000 6.676  0 5   A   A C5    1 ? 
ATOM   104 C  C6    . A   A 1 5  ? 4.901   5.617   5.206   1.000 7.758  0 5   A   A C6    1 ? 
ATOM   105 N  N6    . A   A 1 5  ? 5.890   5.391   4.357   1.000 7.437  0 5   A   A N6    1 ? 
ATOM   106 N  N1    . A   A 1 5  ? 4.432   6.869   5.340   1.000 8.321  0 5   A   A N1    1 ? 
ATOM   107 C  C2    . A   A 1 5  ? 3.472   7.096   6.242   1.000 8.019  0 5   A   A C2    1 ? 
ATOM   108 N  N3    . A   A 1 5  ? 2.816   6.227   7.012   1.000 8.195  0 5   A   A N3    1 ? 
ATOM   109 C  C4    . A   A 1 5  ? 3.286   4.986   6.809   1.000 6.485  0 5   A   A C4    1 ? 
ATOM   110 P  P     . C   A 1 6  ? -1.670  1.793   5.958   1.000 7.177  0 6   C   A P     1 ? 
ATOM   111 O  OP1   . C   A 1 6  ? -2.988  1.127   6.153   1.000 6.729  0 6   C   A OP1   1 ? 
ATOM   112 O  OP2   . C   A 1 6  ? -0.706  1.223   5.010   1.000 6.538  0 6   C   A OP2   1 ? 
ATOM   113 O  "O5'" . C   A 1 6  ? -1.803  3.308   5.530   1.000 7.351  0 6   C   A "O5'" 1 ? 
ATOM   114 C  "C5'" . C   A 1 6  ? -2.663  4.204   6.213   1.000 9.094  0 6   C   A "C5'" 1 ? 
ATOM   115 C  "C4'" . C   A 1 6  ? -2.332  5.609   5.759   1.000 10.831 0 6   C   A "C4'" 1 ? 
ATOM   116 O  "O4'" . C   A 1 6  ? -0.941  5.904   5.996   1.000 12.099 0 6   C   A "O4'" 1 ? 
ATOM   117 C  "C3'" . C   A 1 6  ? -2.488  5.833   4.262   1.000 13.015 0 6   C   A "C3'" 1 ? 
ATOM   118 O  "O3'" . C   A 1 6  ? -3.849  6.126   4.040   1.000 16.935 0 6   C   A "O3'" 1 ? 
ATOM   119 C  "C2'" . C   A 1 6  ? -1.608  7.038   4.034   1.000 12.771 0 6   C   A "C2'" 1 ? 
ATOM   120 O  "O2'" . C   A 1 6  ? -2.177  8.216   4.542   1.000 13.491 0 6   C   A "O2'" 1 ? 
ATOM   121 C  "C1'" . C   A 1 6  ? -0.431  6.704   4.937   1.000 11.935 0 6   C   A "C1'" 1 ? 
ATOM   122 N  N1    . C   A 1 6  ? 0.626   5.991   4.218   1.000 12.788 0 6   C   A N1    1 ? 
ATOM   123 C  C2    . C   A 1 6  ? 1.484   6.739   3.401   1.000 12.307 0 6   C   A C2    1 ? 
ATOM   124 O  O2    . C   A 1 6  ? 1.306   7.957   3.305   1.000 14.678 0 6   C   A O2    1 ? 
ATOM   125 N  N3    . C   A 1 6  ? 2.456   6.114   2.717   1.000 11.959 0 6   C   A N3    1 ? 
ATOM   126 C  C4    . C   A 1 6  ? 2.628   4.802   2.860   1.000 11.722 0 6   C   A C4    1 ? 
ATOM   127 N  N4    . C   A 1 6  ? 3.611   4.227   2.171   1.000 11.133 0 6   C   A N4    1 ? 
ATOM   128 C  C5    . C   A 1 6  ? 1.741   4.003   3.644   1.000 10.904 0 6   C   A C5    1 ? 
ATOM   129 C  C6    . C   A 1 6  ? 0.770   4.633   4.307   1.000 11.085 0 6   C   A C6    1 ? 
ATOM   130 P  P     . U   A 1 7  ? -4.511  5.880   2.599   1.000 17.975 0 7   U   A P     1 ? 
ATOM   131 O  OP1   . U   A 1 7  ? -5.947  6.232   2.744   1.000 18.321 0 7   U   A OP1   1 ? 
ATOM   132 O  OP2   . U   A 1 7  ? -4.088  4.572   2.051   1.000 13.946 0 7   U   A OP2   1 ? 
ATOM   133 O  "O5'" . U   A 1 7  ? -3.750  6.892   1.643   1.000 18.839 0 7   U   A "O5'" 1 ? 
ATOM   134 C  "C5'" . U   A 1 7  ? -4.075  8.295   1.682   1.000 21.193 0 7   U   A "C5'" 1 ? 
ATOM   135 C  "C4'" . U   A 1 7  ? -3.324  9.045   0.628   1.000 21.758 0 7   U   A "C4'" 1 ? 
ATOM   136 O  "O4'" . U   A 1 7  ? -1.907  9.021   0.898   1.000 22.939 0 7   U   A "O4'" 1 ? 
ATOM   137 C  "C3'" . U   A 1 7  ? -3.428  8.527   -0.794  1.000 25.230 0 7   U   A "C3'" 1 ? 
ATOM   138 O  "O3'" . U   A 1 7  ? -4.685  8.918   -1.321  1.000 30.723 0 7   U   A "O3'" 1 ? 
ATOM   139 C  "C2'" . U   A 1 7  ? -2.222  9.205   -1.431  1.000 25.002 0 7   U   A "C2'" 1 ? 
ATOM   140 O  "O2'" . U   A 1 7  ? -2.423  10.597  -1.614  1.000 27.307 0 7   U   A "O2'" 1 ? 
ATOM   141 C  "C1'" . U   A 1 7  ? -1.196  9.037   -0.314  1.000 22.350 0 7   U   A "C1'" 1 ? 
ATOM   142 N  N1    . U   A 1 7  ? -0.414  7.810   -0.381  1.000 19.783 0 7   U   A N1    1 ? 
ATOM   143 C  C2    . U   A 1 7  ? 0.643   7.805   -1.248  1.000 20.394 0 7   U   A C2    1 ? 
ATOM   144 O  O2    . U   A 1 7  ? 0.935   8.764   -1.939  1.000 26.734 0 7   U   A O2    1 ? 
ATOM   145 N  N3    . U   A 1 7  ? 1.403   6.671   -1.217  1.000 20.144 0 7   U   A N3    1 ? 
ATOM   146 C  C4    . U   A 1 7  ? 1.170   5.536   -0.490  1.000 16.910 0 7   U   A C4    1 ? 
ATOM   147 O  O4    . U   A 1 7  ? 1.939   4.593   -0.598  1.000 17.444 0 7   U   A O4    1 ? 
ATOM   148 C  C5    . U   A 1 7  ? 0.036   5.603   0.365   1.000 16.503 0 7   U   A C5    1 ? 
ATOM   149 C  C6    . U   A 1 7  ? -0.715  6.702   0.375   1.000 18.427 0 7   U   A C6    1 ? 
ATOM   150 P  P     . U   A 1 8  ? -5.407  8.039   -2.451  1.000 33.067 0 8   U   A P     1 ? 
ATOM   151 O  OP1   . U   A 1 8  ? -6.762  8.627   -2.615  1.000 38.986 0 8   U   A OP1   1 ? 
ATOM   152 O  OP2   . U   A 1 8  ? -5.256  6.586   -2.160  1.000 33.801 0 8   U   A OP2   1 ? 
ATOM   153 O  "O5'" . U   A 1 8  ? -4.476  8.202   -3.726  1.000 31.405 0 8   U   A "O5'" 1 ? 
ATOM   154 C  "C5'" . U   A 1 8  ? -4.372  9.473   -4.379  1.000 31.757 0 8   U   A "C5'" 1 ? 
ATOM   155 C  "C4'" . U   A 1 8  ? -3.259  9.420   -5.372  1.000 34.491 0 8   U   A "C4'" 1 ? 
ATOM   156 O  "O4'" . U   A 1 8  ? -2.014  9.193   -4.679  1.000 36.258 0 8   U   A "O4'" 1 ? 
ATOM   157 C  "C3'" . U   A 1 8  ? -3.298  8.300   -6.400  1.000 37.176 0 8   U   A "C3'" 1 ? 
ATOM   158 O  "O3'" . U   A 1 8  ? -4.257  8.545   -7.434  1.000 39.165 0 8   U   A "O3'" 1 ? 
ATOM   159 C  "C2'" . U   A 1 8  ? -1.845  8.288   -6.863  1.000 39.043 0 8   U   A "C2'" 1 ? 
ATOM   160 O  "O2'" . U   A 1 8  ? -1.410  9.306   -7.758  1.000 41.349 0 8   U   A "O2'" 1 ? 
ATOM   161 C  "C1'" . U   A 1 8  ? -1.122  8.486   -5.529  1.000 36.300 0 8   U   A "C1'" 1 ? 
ATOM   162 N  N1    . U   A 1 8  ? -0.764  7.210   -4.894  1.000 33.479 0 8   U   A N1    1 ? 
ATOM   163 C  C2    . U   A 1 8  ? 0.361   6.565   -5.372  1.000 33.514 0 8   U   A C2    1 ? 
ATOM   164 O  O2    . U   A 1 8  ? 1.046   7.007   -6.276  1.000 34.835 0 8   U   A O2    1 ? 
ATOM   165 N  N3    . U   A 1 8  ? 0.660   5.387   -4.743  1.000 31.156 0 8   U   A N3    1 ? 
ATOM   166 C  C4    . U   A 1 8  ? -0.045  4.779   -3.730  1.000 30.431 0 8   U   A C4    1 ? 
ATOM   167 O  O4    . U   A 1 8  ? 0.357   3.709   -3.278  1.000 28.061 0 8   U   A O4    1 ? 
ATOM   168 C  C5    . U   A 1 8  ? -1.196  5.501   -3.288  1.000 28.785 0 8   U   A C5    1 ? 
ATOM   169 C  C6    . U   A 1 8  ? -1.506  6.668   -3.866  1.000 32.859 0 8   U   A C6    1 ? 
ATOM   170 P  P     . A   A 1 9  ? -5.135  7.342   -8.072  1.000 43.896 0 9   A   A P     1 ? 
ATOM   171 O  OP1   . A   A 1 9  ? -6.163  7.977   -8.931  1.000 46.343 0 9   A   A OP1   1 ? 
ATOM   172 O  OP2   . A   A 1 9  ? -5.581  6.418   -7.019  1.000 41.668 0 9   A   A OP2   1 ? 
ATOM   173 O  "O5'" . A   A 1 9  ? -4.093  6.574   -8.985  1.000 38.828 0 9   A   A "O5'" 1 ? 
ATOM   174 C  "C5'" . A   A 1 9  ? -3.660  7.246   -10.164 1.000 41.617 0 9   A   A "C5'" 1 ? 
ATOM   175 C  "C4'" . A   A 1 9  ? -2.488  6.543   -10.766 1.000 41.424 0 9   A   A "C4'" 1 ? 
ATOM   176 O  "O4'" . A   A 1 9  ? -1.405  6.520   -9.813  1.000 40.534 0 9   A   A "O4'" 1 ? 
ATOM   177 C  "C3'" . A   A 1 9  ? -2.706  5.077   -11.110 1.000 47.322 0 9   A   A "C3'" 1 ? 
ATOM   178 O  "O3'" . A   A 1 9  ? -3.480  4.938   -12.302 1.000 51.821 0 9   A   A "O3'" 1 ? 
ATOM   179 C  "C2'" . A   A 1 9  ? -1.271  4.566   -11.153 1.000 44.148 0 9   A   A "C2'" 1 ? 
ATOM   180 O  "O2'" . A   A 1 9  ? -0.511  4.832   -12.306 1.000 45.289 0 9   A   A "O2'" 1 ? 
ATOM   181 C  "C1'" . A   A 1 9  ? -0.660  5.330   -9.982  1.000 42.057 0 9   A   A "C1'" 1 ? 
ATOM   182 N  N9    . A   A 1 9  ? -0.741  4.551   -8.750  1.000 38.558 0 9   A   A N9    1 ? 
ATOM   183 C  C8    . A   A 1 9  ? -1.658  4.583   -7.727  1.000 34.842 0 9   A   A C8    1 ? 
ATOM   184 N  N7    . A   A 1 9  ? -1.433  3.695   -6.791  1.000 32.662 0 9   A   A N7    1 ? 
ATOM   185 C  C5    . A   A 1 9  ? -0.279  3.048   -7.216  1.000 31.886 0 9   A   A C5    1 ? 
ATOM   186 C  C6    . A   A 1 9  ? 0.479   2.002   -6.664  1.000 32.186 0 9   A   A C6    1 ? 
ATOM   187 N  N6    . A   A 1 9  ? 0.204   1.424   -5.496  1.000 32.283 0 9   A   A N6    1 ? 
ATOM   188 N  N1    . A   A 1 9  ? 1.559   1.576   -7.355  1.000 33.967 0 9   A   A N1    1 ? 
ATOM   189 C  C2    . A   A 1 9  ? 1.844   2.163   -8.524  1.000 32.782 0 9   A   A C2    1 ? 
ATOM   190 N  N3    . A   A 1 9  ? 1.202   3.145   -9.148  1.000 33.400 0 9   A   A N3    1 ? 
ATOM   191 C  C4    . A   A 1 9  ? 0.146   3.553   -8.427  1.000 33.314 0 9   A   A C4    1 ? 
ATOM   192 P  P     . A   A 1 10 ? -4.535  3.753   -12.423 1.000 54.054 0 10  A   A P     1 ? 
ATOM   193 O  OP1   . A   A 1 10 ? -5.334  3.990   -13.644 1.000 65.684 0 10  A   A OP1   1 ? 
ATOM   194 O  OP2   . A   A 1 10 ? -5.247  3.627   -11.133 1.000 58.460 0 10  A   A OP2   1 ? 
ATOM   195 O  "O5'" . A   A 1 10 ? -3.585  2.512   -12.718 1.000 48.629 0 10  A   A "O5'" 1 ? 
ATOM   196 C  "C5'" . A   A 1 10 ? -2.850  2.521   -13.932 1.000 46.146 0 10  A   A "C5'" 1 ? 
ATOM   197 C  "C4'" . A   A 1 10 ? -1.790  1.464   -13.927 1.000 48.781 0 10  A   A "C4'" 1 ? 
ATOM   198 O  "O4'" . A   A 1 10 ? -0.838  1.753   -12.873 1.000 48.259 0 10  A   A "O4'" 1 ? 
ATOM   199 C  "C3'" . A   A 1 10 ? -2.244  0.034   -13.649 1.000 50.963 0 10  A   A "C3'" 1 ? 
ATOM   200 O  "O3'" . A   A 1 10 ? -2.844  -0.638  -14.765 1.000 55.848 0 10  A   A "O3'" 1 ? 
ATOM   201 C  "C2'" . A   A 1 10 ? -0.940  -0.597  -13.180 1.000 47.461 0 10  A   A "C2'" 1 ? 
ATOM   202 O  "O2'" . A   A 1 10 ? -0.028  -1.016  -14.170 1.000 45.394 0 10  A   A "O2'" 1 ? 
ATOM   203 C  "C1'" . A   A 1 10 ? -0.370  0.533   -12.317 1.000 46.408 0 10  A   A "C1'" 1 ? 
ATOM   204 N  N9    . A   A 1 10 ? -0.872  0.432   -10.946 1.000 40.673 0 10  A   A N9    1 ? 
ATOM   205 C  C8    . A   A 1 10 ? -1.950  1.069   -10.377 1.000 36.958 0 10  A   A C8    1 ? 
ATOM   206 N  N7    . A   A 1 10 ? -2.169  0.723   -9.133  1.000 35.390 0 10  A   A N7    1 ? 
ATOM   207 C  C5    . A   A 1 10 ? -1.191  -0.228  -8.875  1.000 33.753 0 10  A   A C5    1 ? 
ATOM   208 C  C6    . A   A 1 10 ? -0.890  -0.984  -7.733  1.000 33.786 0 10  A   A C6    1 ? 
ATOM   209 N  N6    . A   A 1 10 ? -1.568  -0.889  -6.594  1.000 35.190 0 10  A   A N6    1 ? 
ATOM   210 N  N1    . A   A 1 10 ? 0.153   -1.840  -7.799  1.000 33.003 0 10  A   A N1    1 ? 
ATOM   211 C  C2    . A   A 1 10 ? 0.838   -1.928  -8.951  1.000 36.301 0 10  A   A C2    1 ? 
ATOM   212 N  N3    . A   A 1 10 ? 0.647   -1.273  -10.095 1.000 32.243 0 10  A   A N3    1 ? 
ATOM   213 C  C4    . A   A 1 10 ? -0.398  -0.430  -9.989  1.000 36.175 0 10  A   A C4    1 ? 
ATOM   214 P  P     . G   A 1 11 ? -4.106  -1.648  -14.540 1.000 55.864 0 11  G   A P     1 ? 
ATOM   215 O  OP1   . G   A 1 11 ? -4.732  -1.995  -15.881 1.000 56.695 0 11  G   A OP1   1 ? 
ATOM   216 O  OP2   . G   A 1 11 ? -5.066  -1.035  -13.543 1.000 56.521 0 11  G   A OP2   1 ? 
ATOM   217 O  "O5'" . G   A 1 11 ? -3.430  -2.962  -13.932 1.000 44.351 0 11  G   A "O5'" 1 ? 
ATOM   218 C  "C5'" . G   A 1 11 ? -2.320  -3.516  -14.648 1.000 40.539 0 11  G   A "C5'" 1 ? 
ATOM   219 C  "C4'" . G   A 1 11 ? -1.624  -4.512  -13.769 1.000 38.093 0 11  G   A "C4'" 1 ? 
ATOM   220 O  "O4'" . G   A 1 11 ? -1.044  -3.819  -12.640 1.000 35.345 0 11  G   A "O4'" 1 ? 
ATOM   221 C  "C3'" . G   A 1 11 ? -2.479  -5.584  -13.095 1.000 39.250 0 11  G   A "C3'" 1 ? 
ATOM   222 O  "O3'" . G   A 1 11 ? -2.848  -6.656  -13.951 1.000 40.083 0 11  G   A "O3'" 1 ? 
ATOM   223 C  "C2'" . G   A 1 11 ? -1.481  -6.049  -12.039 1.000 35.678 0 11  G   A "C2'" 1 ? 
ATOM   224 O  "O2'" . G   A 1 11 ? -0.435  -6.839  -12.565 1.000 37.722 0 11  G   A "O2'" 1 ? 
ATOM   225 C  "C1'" . G   A 1 11 ? -0.996  -4.695  -11.534 1.000 33.817 0 11  G   A "C1'" 1 ? 
ATOM   226 N  N9    . G   A 1 11 ? -1.820  -4.157  -10.449 1.000 29.493 0 11  G   A N9    1 ? 
ATOM   227 C  C8    . G   A 1 11 ? -2.755  -3.148  -10.473 1.000 27.417 0 11  G   A C8    1 ? 
ATOM   228 N  N7    . G   A 1 11 ? -3.308  -2.910  -9.305  1.000 25.335 0 11  G   A N7    1 ? 
ATOM   229 C  C5    . G   A 1 11 ? -2.698  -3.832  -8.466  1.000 24.532 0 11  G   A C5    1 ? 
ATOM   230 C  C6    . G   A 1 11 ? -2.853  -4.041  -7.072  1.000 20.797 0 11  G   A C6    1 ? 
ATOM   231 O  O6    . G   A 1 11 ? -3.622  -3.462  -6.304  1.000 20.804 0 11  G   A O6    1 ? 
ATOM   232 N  N1    . G   A 1 11 ? -2.040  -5.068  -6.622  1.000 19.626 0 11  G   A N1    1 ? 
ATOM   233 C  C2    . G   A 1 11 ? -1.168  -5.782  -7.389  1.000 20.424 0 11  G   A C2    1 ? 
ATOM   234 N  N2    . G   A 1 11 ? -0.460  -6.729  -6.777  1.000 20.362 0 11  G   A N2    1 ? 
ATOM   235 N  N3    . G   A 1 11 ? -0.986  -5.564  -8.689  1.000 22.372 0 11  G   A N3    1 ? 
ATOM   236 C  C4    . G   A 1 11 ? -1.777  -4.584  -9.150  1.000 22.377 0 11  G   A C4    1 ? 
ATOM   237 P  P     . U   A 1 12 ? -4.143  -7.548  -13.633 1.000 35.198 0 12  U   A P     1 ? 
ATOM   238 O  OP1   . U   A 1 12 ? -4.383  -8.405  -14.827 1.000 41.475 0 12  U   A OP1   1 ? 
ATOM   239 O  OP2   . U   A 1 12 ? -5.225  -6.656  -13.159 1.000 35.628 0 12  U   A OP2   1 ? 
ATOM   240 O  "O5'" . U   A 1 12 ? -3.622  -8.519  -12.500 1.000 32.645 0 12  U   A "O5'" 1 ? 
ATOM   241 C  "C5'" . U   A 1 12 ? -2.483  -9.352  -12.672 1.000 31.205 0 12  U   A "C5'" 1 ? 
ATOM   242 C  "C4'" . U   A 1 12 ? -2.257  -10.105 -11.391 1.000 29.561 0 12  U   A "C4'" 1 ? 
ATOM   243 O  "O4'" . U   A 1 12 ? -1.821  -9.154  -10.385 1.000 30.683 0 12  U   A "O4'" 1 ? 
ATOM   244 C  "C3'" . U   A 1 12 ? -3.485  -10.724 -10.733 1.000 28.959 0 12  U   A "C3'" 1 ? 
ATOM   245 O  "O3'" . U   A 1 12 ? -3.930  -11.978 -11.251 1.000 28.322 0 12  U   A "O3'" 1 ? 
ATOM   246 C  "C2'" . U   A 1 12 ? -2.992  -10.900 -9.306  1.000 26.046 0 12  U   A "C2'" 1 ? 
ATOM   247 O  "O2'" . U   A 1 12 ? -2.115  -11.985 -9.073  1.000 25.939 0 12  U   A "O2'" 1 ? 
ATOM   248 C  "C1'" . U   A 1 12 ? -2.245  -9.593  -9.100  1.000 26.235 0 12  U   A "C1'" 1 ? 
ATOM   249 N  N1    . U   A 1 12 ? -3.128  -8.569  -8.548  1.000 23.430 0 12  U   A N1    1 ? 
ATOM   250 C  C2    . U   A 1 12 ? -3.367  -8.591  -7.180  1.000 20.839 0 12  U   A C2    1 ? 
ATOM   251 O  O2    . U   A 1 12 ? -2.870  -9.415  -6.440  1.000 17.860 0 12  U   A O2    1 ? 
ATOM   252 N  N3    . U   A 1 12 ? -4.225  -7.620  -6.732  1.000 17.332 0 12  U   A N3    1 ? 
ATOM   253 C  C4    . U   A 1 12 ? -4.843  -6.653  -7.484  1.000 17.903 0 12  U   A C4    1 ? 
ATOM   254 O  O4    . U   A 1 12 ? -5.582  -5.854  -6.943  1.000 17.356 0 12  U   A O4    1 ? 
ATOM   255 C  C5    . U   A 1 12 ? -4.579  -6.726  -8.893  1.000 21.017 0 12  U   A C5    1 ? 
ATOM   256 C  C6    . U   A 1 12 ? -3.761  -7.667  -9.361  1.000 20.115 0 12  U   A C6    1 ? 
ATOM   257 P  P     . C   A 1 13 ? -5.464  -12.398 -11.139 1.000 27.250 0 13  C   A P     1 ? 
ATOM   258 O  OP1   . C   A 1 13 ? -5.628  -13.725 -11.808 1.000 33.144 0 13  C   A OP1   1 ? 
ATOM   259 O  OP2   . C   A 1 13 ? -6.367  -11.251 -11.411 1.000 22.711 0 13  C   A OP2   1 ? 
ATOM   260 O  "O5'" . C   A 1 13 ? -5.668  -12.680 -9.582  1.000 21.808 0 13  C   A "O5'" 1 ? 
ATOM   261 C  "C5'" . C   A 1 13 ? -5.160  -13.832 -8.971  1.000 17.319 0 13  C   A "C5'" 1 ? 
ATOM   262 C  "C4'" . C   A 1 13 ? -5.353  -13.678 -7.474  1.000 14.553 0 13  C   A "C4'" 1 ? 
ATOM   263 O  "O4'" . C   A 1 13 ? -4.902  -12.371 -7.062  1.000 12.489 0 13  C   A "O4'" 1 ? 
ATOM   264 C  "C3'" . C   A 1 13 ? -6.763  -13.708 -6.928  1.000 12.435 0 13  C   A "C3'" 1 ? 
ATOM   265 O  "O3'" . C   A 1 13 ? -7.186  -15.049 -6.919  1.000 12.916 0 13  C   A "O3'" 1 ? 
ATOM   266 C  "C2'" . C   A 1 13 ? -6.524  -13.155 -5.526  1.000 11.324 0 13  C   A "C2'" 1 ? 
ATOM   267 O  "O2'" . C   A 1 13 ? -5.798  -14.086 -4.727  1.000 10.638 0 13  C   A "O2'" 1 ? 
ATOM   268 C  "C1'" . C   A 1 13 ? -5.577  -12.001 -5.866  1.000 11.828 0 13  C   A "C1'" 1 ? 
ATOM   269 N  N1    . C   A 1 13 ? -6.317  -10.749 -6.117  1.000 11.536 0 13  C   A N1    1 ? 
ATOM   270 C  C2    . C   A 1 13 ? -6.806  -10.062 -4.997  1.000 10.693 0 13  C   A C2    1 ? 
ATOM   271 O  O2    . C   A 1 13 ? -6.570  -10.522 -3.876  1.000 9.221  0 13  C   A O2    1 ? 
ATOM   272 N  N3    . C   A 1 13 ? -7.502  -8.919  -5.174  1.000 10.224 0 13  C   A N3    1 ? 
ATOM   273 C  C4    . C   A 1 13 ? -7.739  -8.466  -6.414  1.000 12.166 0 13  C   A C4    1 ? 
ATOM   274 N  N4    . C   A 1 13 ? -8.438  -7.330  -6.549  1.000 11.890 0 13  C   A N4    1 ? 
ATOM   275 C  C5    . C   A 1 13 ? -7.282  -9.168  -7.573  1.000 10.751 0 13  C   A C5    1 ? 
ATOM   276 C  C6    . C   A 1 13 ? -6.632  -10.323 -7.377  1.000 10.849 0 13  C   A C6    1 ? 
ATOM   277 P  P     . G   A 1 14 ? -8.701  -15.379 -7.052  1.000 15.347 0 14  G   A P     1 ? 
ATOM   278 O  OP1   . G   A 1 14 ? -8.854  -16.855 -6.976  1.000 15.791 0 14  G   A OP1   1 ? 
ATOM   279 O  OP2   . G   A 1 14 ? -9.238  -14.595 -8.227  1.000 15.202 0 14  G   A OP2   1 ? 
ATOM   280 O  "O5'" . G   A 1 14 ? -9.416  -14.778 -5.742  1.000 11.356 0 14  G   A "O5'" 1 ? 
ATOM   281 C  "C5'" . G   A 1 14 ? -9.177  -15.420 -4.485  1.000 9.866  0 14  G   A "C5'" 1 ? 
ATOM   282 C  "C4'" . G   A 1 14 ? -9.740  -14.558 -3.388  1.000 8.926  0 14  G   A "C4'" 1 ? 
ATOM   283 O  "O4'" . G   A 1 14 ? -9.168  -13.226 -3.465  1.000 6.747  0 14  G   A "O4'" 1 ? 
ATOM   284 C  "C3'" . G   A 1 14 ? -11.246 -14.290 -3.402  1.000 9.148  0 14  G   A "C3'" 1 ? 
ATOM   285 O  "O3'" . G   A 1 14 ? -12.043 -15.383 -2.935  1.000 12.092 0 14  G   A "O3'" 1 ? 
ATOM   286 C  "C2'" . G   A 1 14 ? -11.325 -13.137 -2.425  1.000 8.017  0 14  G   A "C2'" 1 ? 
ATOM   287 O  "O2'" . G   A 1 14 ? -11.190 -13.547 -1.078  1.000 8.794  0 14  G   A "O2'" 1 ? 
ATOM   288 C  "C1'" . G   A 1 14 ? -10.077 -12.331 -2.837  1.000 6.734  0 14  G   A "C1'" 1 ? 
ATOM   289 N  N9    . G   A 1 14 ? -10.353 -11.223 -3.751  1.000 5.866  0 14  G   A N9    1 ? 
ATOM   290 C  C8    . G   A 1 14 ? -10.176 -11.105 -5.122  1.000 6.046  0 14  G   A C8    1 ? 
ATOM   291 N  N7    . G   A 1 14 ? -10.627 -9.959  -5.620  1.000 5.820  0 14  G   A N7    1 ? 
ATOM   292 C  C5    . G   A 1 14 ? -11.057 -9.267  -4.467  1.000 5.237  0 14  G   A C5    1 ? 
ATOM   293 C  C6    . G   A 1 14 ? -11.629 -7.982  -4.329  1.000 5.317  0 14  G   A C6    1 ? 
ATOM   294 O  O6    . G   A 1 14 ? -11.871 -7.161  -5.204  1.000 5.428  0 14  G   A O6    1 ? 
ATOM   295 N  N1    . G   A 1 14 ? -12.037 -7.723  -3.042  1.000 4.806  0 14  G   A N1    1 ? 
ATOM   296 C  C2    . G   A 1 14 ? -11.873 -8.584  -1.987  1.000 4.737  0 14  G   A C2    1 ? 
ATOM   297 N  N2    . G   A 1 14 ? -12.331 -8.161  -0.813  1.000 4.599  0 14  G   A N2    1 ? 
ATOM   298 N  N3    . G   A 1 14 ? -11.295 -9.779  -2.079  1.000 4.494  0 14  G   A N3    1 ? 
ATOM   299 C  C4    . G   A 1 14 ? -10.954 -10.060 -3.354  1.000 5.339  0 14  G   A C4    1 ? 
HETATM 300 N  N1    . LKC B 1 1  ? -19.767 0.475   -8.077  1.000 7.609  0 1   LKC B N1    1 ? 
HETATM 301 C  C2    . LKC B 1 1  ? -19.684 -0.771  -7.519  1.000 6.625  0 1   LKC B C2    1 ? 
HETATM 302 N  N3    . LKC B 1 1  ? -18.972 -1.716  -8.112  1.000 6.884  0 1   LKC B N3    1 ? 
HETATM 303 C  C4    . LKC B 1 1  ? -18.408 -1.447  -9.266  1.000 7.568  0 1   LKC B C4    1 ? 
HETATM 304 C  C5    . LKC B 1 1  ? -18.409 -0.170  -9.907  1.000 7.916  0 1   LKC B C5    1 ? 
HETATM 305 C  C6    . LKC B 1 1  ? -19.136 0.798   -9.299  1.000 7.379  0 1   LKC B C6    1 ? 
HETATM 306 O  O2    . LKC B 1 1  ? -20.273 -0.966  -6.425  1.000 6.612  0 1   LKC B O2    1 ? 
HETATM 307 N  N4    . LKC B 1 1  ? -17.698 -2.355  -9.820  1.000 8.513  0 1   LKC B N4    1 ? 
HETATM 308 C  "C1'" . LKC B 1 1  ? -20.619 1.466   -7.410  1.000 8.014  0 1   LKC B "C1'" 1 ? 
HETATM 309 C  "C2'" . LKC B 1 1  ? -19.958 2.170   -6.243  1.000 7.977  0 1   LKC B "C2'" 1 ? 
HETATM 310 C  "C3'" . LKC B 1 1  ? -19.154 3.242   -6.954  1.000 8.162  0 1   LKC B "C3'" 1 ? 
HETATM 311 C  "C4'" . LKC B 1 1  ? -20.446 3.728   -7.675  1.000 8.205  0 1   LKC B "C4'" 1 ? 
HETATM 312 O  "O4'" . LKC B 1 1  ? -20.914 2.557   -8.364  1.000 9.010  0 1   LKC B "O4'" 1 ? 
HETATM 313 O  "O3'" . LKC B 1 1  ? -18.671 4.175   -5.979  1.000 9.502  0 1   LKC B "O3'" 1 ? 
HETATM 314 C  "C5'" . LKC B 1 1  ? -20.255 5.001   -8.502  1.000 8.832  0 1   LKC B "C5'" 1 ? 
HETATM 315 O  "O5'" . LKC B 1 1  ? -19.337 4.651   -9.526  1.000 10.739 0 1   LKC B "O5'" 1 ? 
HETATM 316 C  C5A   . LKC B 1 1  ? -17.726 0.076   -11.147 1.000 8.516  0 1   LKC B C5A   1 ? 
HETATM 317 O  "O2'" . LKC B 1 1  ? -21.089 2.816   -5.549  1.000 7.888  0 1   LKC B "O2'" 1 ? 
HETATM 318 C  "C6'" . LKC B 1 1  ? -21.395 3.953   -6.544  1.000 8.171  0 1   LKC B "C6'" 1 ? 
HETATM 319 O  "O5'" . LCC B 1 2  ? -17.535 2.839   -4.245  1.000 7.512  0 2   LCC B "O5'" 1 ? 
HETATM 320 C  "C5'" . LCC B 1 2  ? -18.355 2.987   -3.129  1.000 7.000  0 2   LCC B "C5'" 1 ? 
HETATM 321 C  "C4'" . LCC B 1 2  ? -18.342 1.655   -2.448  1.000 6.885  0 2   LCC B "C4'" 1 ? 
HETATM 322 O  "O4'" . LCC B 1 2  ? -18.815 0.680   -3.337  1.000 6.229  0 2   LCC B "O4'" 1 ? 
HETATM 323 C  "C1'" . LCC B 1 2  ? -18.323 -0.622  -2.835  1.000 6.179  0 2   LCC B "C1'" 1 ? 
HETATM 324 N  N1    . LCC B 1 2  ? -17.519 -1.292  -3.831  1.000 5.464  0 2   LCC B N1    1 ? 
HETATM 325 C  C6    . LCC B 1 2  ? -17.062 -0.644  -4.986  1.000 5.190  0 2   LCC B C6    1 ? 
HETATM 326 C  C5    . LCC B 1 2  ? -16.359 -1.351  -5.879  1.000 4.869  0 2   LCC B C5    1 ? 
HETATM 327 C  C5M   . LCC B 1 2  ? -15.829 -0.694  -7.043  1.000 4.855  0 2   LCC B C5M   1 ? 
HETATM 328 C  C4    . LCC B 1 2  ? -16.140 -2.710  -5.607  1.000 4.626  0 2   LCC B C4    1 ? 
HETATM 329 N  N4    . LCC B 1 2  ? -15.511 -3.368  -6.544  1.000 4.582  0 2   LCC B N4    1 ? 
HETATM 330 N  N3    . LCC B 1 2  ? -16.613 -3.351  -4.539  1.000 4.608  0 2   LCC B N3    1 ? 
HETATM 331 C  C2    . LCC B 1 2  ? -17.258 -2.626  -3.620  1.000 4.940  0 2   LCC B C2    1 ? 
HETATM 332 O  O2    . LCC B 1 2  ? -17.707 -3.130  -2.561  1.000 5.019  0 2   LCC B O2    1 ? 
HETATM 333 C  "C3'" . LCC B 1 2  ? -16.963 1.117   -2.139  1.000 6.476  0 2   LCC B "C3'" 1 ? 
HETATM 334 C  "C2'" . LCC B 1 2  ? -17.588 -0.212  -1.580  1.000 6.174  0 2   LCC B "C2'" 1 ? 
HETATM 335 O  "O2'" . LCC B 1 2  ? -18.609 0.217   -0.621  1.000 7.120  0 2   LCC B "O2'" 1 ? 
HETATM 336 O  "O3'" . LCC B 1 2  ? -16.233 1.897   -1.189  1.000 8.151  0 2   LCC B "O3'" 1 ? 
HETATM 337 C  "C6'" . LCC B 1 2  ? -19.052 1.606   -1.102  1.000 6.991  0 2   LCC B "C6'" 1 ? 
HETATM 338 P  P     . LCC B 1 2  ? -17.262 4.059   -5.193  1.000 9.249  0 2   LCC B P     1 ? 
HETATM 339 O  O1P   . LCC B 1 2  ? -17.079 5.380   -4.622  1.000 8.248  0 2   LCC B O1P   1 ? 
HETATM 340 O  O2P   . LCC B 1 2  ? -16.345 3.654   -6.197  1.000 7.806  0 2   LCC B O2P   1 ? 
HETATM 341 O  "O5'" . LCC B 1 3  ? -14.639 0.332   -0.145  1.000 6.848  0 3   LCC B "O5'" 1 ? 
HETATM 342 C  "C5'" . LCC B 1 3  ? -15.222 0.087   1.112   1.000 5.344  0 3   LCC B "C5'" 1 ? 
HETATM 343 C  "C4'" . LCC B 1 3  ? -14.974 -1.401  1.380   1.000 5.151  0 3   LCC B "C4'" 1 ? 
HETATM 344 O  "O4'" . LCC B 1 3  ? -15.541 -2.195  0.376   1.000 4.923  0 3   LCC B "O4'" 1 ? 
HETATM 345 C  "C1'" . LCC B 1 3  ? -14.792 -3.457  0.400   1.000 5.145  0 3   LCC B "C1'" 1 ? 
HETATM 346 N  N1    . LCC B 1 3  ? -14.175 -3.622  -0.898  1.000 4.951  0 3   LCC B N1    1 ? 
HETATM 347 C  C6    . LCC B 1 3  ? -14.042 -2.522  -1.835  1.000 5.086  0 3   LCC B C6    1 ? 
HETATM 348 C  C5    . LCC B 1 3  ? -13.444 -2.809  -3.033  1.000 5.016  0 3   LCC B C5    1 ? 
HETATM 349 C  C5M   . LCC B 1 3  ? -13.315 -1.750  -3.982  1.000 5.222  0 3   LCC B C5M   1 ? 
HETATM 350 C  C4    . LCC B 1 3  ? -13.074 -4.153  -3.295  1.000 5.268  0 3   LCC B C4    1 ? 
HETATM 351 N  N4    . LCC B 1 3  ? -12.514 -4.446  -4.485  1.000 5.698  0 3   LCC B N4    1 ? 
HETATM 352 N  N3    . LCC B 1 3  ? -13.202 -5.168  -2.355  1.000 5.257  0 3   LCC B N3    1 ? 
HETATM 353 C  C2    . LCC B 1 3  ? -13.680 -4.851  -1.175  1.000 4.966  0 3   LCC B C2    1 ? 
HETATM 354 O  O2    . LCC B 1 3  ? -13.767 -5.761  -0.330  1.000 5.160  0 3   LCC B O2    1 ? 
HETATM 355 C  "C3'" . LCC B 1 3  ? -13.496 -1.834  1.335   1.000 4.987  0 3   LCC B "C3'" 1 ? 
HETATM 356 C  "C2'" . LCC B 1 3  ? -13.854 -3.237  1.532   1.000 5.026  0 3   LCC B "C2'" 1 ? 
HETATM 357 O  "O2'" . LCC B 1 3  ? -14.689 -3.243  2.743   1.000 5.181  0 3   LCC B "O2'" 1 ? 
HETATM 358 O  "O3'" . LCC B 1 3  ? -12.787 -1.212  2.421   1.000 5.866  0 3   LCC B "O3'" 1 ? 
HETATM 359 C  "C6'" . LCC B 1 3  ? -15.420 -1.848  2.715   1.000 5.035  0 3   LCC B "C6'" 1 ? 
HETATM 360 P  P     . LCC B 1 3  ? -14.716 1.779   -0.857  1.000 7.393  0 3   LCC B P     1 ? 
HETATM 361 O  O1P   . LCC B 1 3  ? -14.610 2.841   0.123   1.000 7.666  0 3   LCC B O1P   1 ? 
HETATM 362 O  O2P   . LCC B 1 3  ? -13.998 1.658   -2.031  1.000 6.288  0 3   LCC B O2P   1 ? 
HETATM 363 P  P     . LCG B 1 4  ? -11.227 -0.877  2.389   1.000 6.083  0 4   LCG B P     1 ? 
HETATM 364 O  OP1   . LCG B 1 4  ? -11.007 -0.104  3.628   1.000 6.564  0 4   LCG B OP1   1 ? 
HETATM 365 O  "O5'" . LCG B 1 4  ? -10.595 -2.352  2.477   1.000 5.640  0 4   LCG B "O5'" 1 ? 
HETATM 366 C  "C5'" . LCG B 1 4  ? -10.781 -3.089  3.683   1.000 4.816  0 4   LCG B "C5'" 1 ? 
HETATM 367 C  "C3'" . LCG B 1 4  ? -8.754  -4.516  2.819   1.000 4.589  0 4   LCG B "C3'" 1 ? 
HETATM 368 C  "C6'" . LCG B 1 4  ? -10.180 -5.441  4.487   1.000 4.671  0 4   LCG B "C6'" 1 ? 
HETATM 369 N  N9    . LCG B 1 4  ? -9.872  -5.713  0.274   1.000 4.351  0 4   LCG B N9    1 ? 
HETATM 370 C  C8    . LCG B 1 4  ? -10.244 -4.517  -0.311  1.000 4.524  0 4   LCG B C8    1 ? 
HETATM 371 C  C4    . LCG B 1 4  ? -9.363  -6.507  -0.632  1.000 4.406  0 4   LCG B C4    1 ? 
HETATM 372 N  N7    . LCG B 1 4  ? -9.955  -4.560  -1.603  1.000 4.781  0 4   LCG B N7    1 ? 
HETATM 373 C  C5    . LCG B 1 4  ? -9.415  -5.823  -1.821  1.000 4.638  0 4   LCG B C5    1 ? 
HETATM 374 C  C6    . LCG B 1 4  ? -8.971  -6.403  -2.956  1.000 5.214  0 4   LCG B C6    1 ? 
HETATM 375 C  "C2'" . LCG B 1 4  ? -8.799  -5.982  2.573   1.000 4.589  0 4   LCG B "C2'" 1 ? 
HETATM 376 O  O6    . LCG B 1 4  ? -8.992  -5.879  -4.086  1.000 6.202  0 4   LCG B O6    1 ? 
HETATM 377 C  "C4'" . LCG B 1 4  ? -10.162 -4.484  3.343   1.000 4.755  0 4   LCG B "C4'" 1 ? 
HETATM 378 C  "C1'" . LCG B 1 4  ? -9.996  -6.118  1.636   1.000 4.631  0 4   LCG B "C1'" 1 ? 
HETATM 379 C  C2    . LCG B 1 4  ? -8.369  -8.296  -1.656  1.000 4.513  0 4   LCG B C2    1 ? 
HETATM 380 N  N1    . LCG B 1 4  ? -8.431  -7.623  -2.857  1.000 4.948  0 4   LCG B N1    1 ? 
HETATM 381 O  "O4'" . LCG B 1 4  ? -10.892 -5.139  2.239   1.000 4.572  0 4   LCG B "O4'" 1 ? 
HETATM 382 O  OP2   . LCG B 1 4  ? -10.823 -0.397  1.073   1.000 6.800  0 4   LCG B OP2   1 ? 
HETATM 383 N  N2    . LCG B 1 4  ? -7.802  -9.504  -1.693  1.000 4.218  0 4   LCG B N2    1 ? 
HETATM 384 N  N3    . LCG B 1 4  ? -8.815  -7.726  -0.468  1.000 4.272  0 4   LCG B N3    1 ? 
HETATM 385 O  "O2'" . LCG B 1 4  ? -9.204  -6.478  3.887   1.000 4.666  0 4   LCG B "O2'" 1 ? 
HETATM 386 O  "O3'" . LCG B 1 4  ? -7.831  -4.038  3.798   1.000 4.510  0 4   LCG B "O3'" 1 ? 
ATOM   387 P  P     . A   B 1 5  ? -6.448  -3.425  3.347   1.000 4.696  0 5   A   B P     1 ? 
ATOM   388 O  OP1   . A   B 1 5  ? -5.890  -2.822  4.603   1.000 4.438  0 5   A   B OP1   1 ? 
ATOM   389 O  OP2   . A   B 1 5  ? -6.436  -2.649  2.077   1.000 4.576  0 5   A   B OP2   1 ? 
ATOM   390 O  "O5'" . A   B 1 5  ? -5.580  -4.707  2.986   1.000 4.557  0 5   A   B "O5'" 1 ? 
ATOM   391 C  "C5'" . A   B 1 5  ? -5.296  -5.706  3.956   1.000 4.596  0 5   A   B "C5'" 1 ? 
ATOM   392 C  "C4'" . A   B 1 5  ? -4.665  -6.904  3.288   1.000 4.946  0 5   A   B "C4'" 1 ? 
ATOM   393 O  "O4'" . A   B 1 5  ? -5.621  -7.485  2.339   1.000 5.102  0 5   A   B "O4'" 1 ? 
ATOM   394 C  "C3'" . A   B 1 5  ? -3.414  -6.667  2.446   1.000 5.373  0 5   A   B "C3'" 1 ? 
ATOM   395 O  "O3'" . A   B 1 5  ? -2.297  -6.593  3.315   1.000 6.129  0 5   A   B "O3'" 1 ? 
ATOM   396 C  "C2'" . A   B 1 5  ? -3.399  -7.907  1.558   1.000 5.535  0 5   A   B "C2'" 1 ? 
ATOM   397 O  "O2'" . A   B 1 5  ? -2.989  -8.952  2.413   1.000 5.580  0 5   A   B "O2'" 1 ? 
ATOM   398 C  "C1'" . A   B 1 5  ? -4.891  -7.972  1.189   1.000 5.636  0 5   A   B "C1'" 1 ? 
ATOM   399 N  N9    . A   B 1 5  ? -5.209  -7.101  0.086   1.000 6.108  0 5   A   B N9    1 ? 
ATOM   400 C  C8    . A   B 1 5  ? -5.822  -5.874  0.079   1.000 6.174  0 5   A   B C8    1 ? 
ATOM   401 N  N7    . A   B 1 5  ? -5.997  -5.385  -1.122  1.000 6.817  0 5   A   B N7    1 ? 
ATOM   402 C  C5    . A   B 1 5  ? -5.472  -6.355  -1.954  1.000 6.947  0 5   A   B C5    1 ? 
ATOM   403 C  C6    . A   B 1 5  ? -5.358  -6.430  -3.343  1.000 7.789  0 5   A   B C6    1 ? 
ATOM   404 N  N6    . A   B 1 5  ? -5.795  -5.482  -4.158  1.000 7.570  0 5   A   B N6    1 ? 
ATOM   405 N  N1    . A   B 1 5  ? -4.737  -7.501  -3.864  1.000 8.345  0 5   A   B N1    1 ? 
ATOM   406 C  C2    . A   B 1 5  ? -4.343  -8.474  -3.037  1.000 8.027  0 5   A   B C2    1 ? 
ATOM   407 N  N3    . A   B 1 5  ? -4.364  -8.506  -1.703  1.000 8.118  0 5   A   B N3    1 ? 
ATOM   408 C  C4    . A   B 1 5  ? -4.945  -7.394  -1.225  1.000 6.569  0 5   A   B C4    1 ? 
ATOM   409 P  P     . C   B 1 6  ? -1.040  -5.654  2.938   1.000 7.463  0 6   C   B P     1 ? 
ATOM   410 O  OP1   . C   B 1 6  ? -0.184  -5.587  4.158   1.000 6.817  0 6   C   B OP1   1 ? 
ATOM   411 O  OP2   . C   B 1 6  ? -1.504  -4.405  2.345   1.000 6.834  0 6   C   B OP2   1 ? 
ATOM   412 O  "O5'" . C   B 1 6  ? -0.367  -6.459  1.753   1.000 7.665  0 6   C   B "O5'" 1 ? 
ATOM   413 C  "C5'" . C   B 1 6  ? 0.165   -7.759  1.952   1.000 9.559  0 6   C   B "C5'" 1 ? 
ATOM   414 C  "C4'" . C   B 1 6  ? 0.430   -8.377  0.597   1.000 11.044 0 6   C   B "C4'" 1 ? 
ATOM   415 O  "O4'" . C   B 1 6  ? -0.788  -8.445  -0.187  1.000 12.466 0 6   C   B "O4'" 1 ? 
ATOM   416 C  "C3'" . C   B 1 6  ? 1.375   -7.578  -0.291  1.000 12.955 0 6   C   B "C3'" 1 ? 
ATOM   417 O  "O3'" . C   B 1 6  ? 2.695   -7.923  0.065   1.000 16.480 0 6   C   B "O3'" 1 ? 
ATOM   418 C  "C2'" . C   B 1 6  ? 1.024   -8.096  -1.666  1.000 12.835 0 6   C   B "C2'" 1 ? 
ATOM   419 O  "O2'" . C   B 1 6  ? 1.544   -9.384  -1.909  1.000 13.832 0 6   C   B "O2'" 1 ? 
ATOM   420 C  "C1'" . C   B 1 6  ? -0.490  -8.182  -1.553  1.000 11.983 0 6   C   B "C1'" 1 ? 
ATOM   421 N  N1    . C   B 1 6  ? -1.153  -6.950  -2.001  1.000 12.783 0 6   C   B N1    1 ? 
ATOM   422 C  C2    . C   B 1 6  ? -1.314  -6.750  -3.379  1.000 12.623 0 6   C   B C2    1 ? 
ATOM   423 O  O2    . C   B 1 6  ? -0.865  -7.592  -4.165  1.000 15.106 0 6   C   B O2    1 ? 
ATOM   424 N  N3    . C   B 1 6  ? -1.946  -5.649  -3.817  1.000 11.902 0 6   C   B N3    1 ? 
ATOM   425 C  C4    . C   B 1 6  ? -2.423  -4.766  -2.942  1.000 11.843 0 6   C   B C4    1 ? 
ATOM   426 N  N4    . C   B 1 6  ? -3.044  -3.695  -3.421  1.000 11.225 0 6   C   B N4    1 ? 
ATOM   427 C  C5    . C   B 1 6  ? -2.253  -4.926  -1.533  1.000 10.701 0 6   C   B C5    1 ? 
ATOM   428 C  C6    . C   B 1 6  ? -1.639  -6.032  -1.111  1.000 11.151 0 6   C   B C6    1 ? 
ATOM   429 P  P     . U   B 1 7  ? 3.919   -6.908  -0.213  1.000 17.839 0 7   U   B P     1 ? 
ATOM   430 O  OP1   . U   B 1 7  ? 5.147   -7.572  0.331   1.000 18.891 0 7   U   B OP1   1 ? 
ATOM   431 O  OP2   . U   B 1 7  ? 3.549   -5.500  0.128   1.000 13.208 0 7   U   B OP2   1 ? 
ATOM   432 O  "O5'" . U   B 1 7  ? 3.988   -6.821  -1.792  1.000 18.733 0 7   U   B "O5'" 1 ? 
ATOM   433 C  "C5'" . U   B 1 7  ? 4.561   -7.911  -2.537  1.000 21.877 0 7   U   B "C5'" 1 ? 
ATOM   434 C  "C4'" . U   B 1 7  ? 4.602   -7.579  -3.996  1.000 22.694 0 7   U   B "C4'" 1 ? 
ATOM   435 O  "O4'" . U   B 1 7  ? 3.269   -7.423  -4.514  1.000 24.397 0 7   U   B "O4'" 1 ? 
ATOM   436 C  "C3'" . U   B 1 7  ? 5.276   -6.275  -4.372  1.000 26.674 0 7   U   B "C3'" 1 ? 
ATOM   437 O  "O3'" . U   B 1 7  ? 6.674   -6.481  -4.321  1.000 30.530 0 7   U   B "O3'" 1 ? 
ATOM   438 C  "C2'" . U   B 1 7  ? 4.725   -6.059  -5.773  1.000 27.252 0 7   U   B "C2'" 1 ? 
ATOM   439 O  "O2'" . U   B 1 7  ? 5.292   -6.925  -6.736  1.000 28.873 0 7   U   B "O2'" 1 ? 
ATOM   440 C  "C1'" . U   B 1 7  ? 3.277   -6.484  -5.562  1.000 23.797 0 7   U   B "C1'" 1 ? 
ATOM   441 N  N1    . U   B 1 7  ? 2.387   -5.394  -5.183  1.000 20.905 0 7   U   B N1    1 ? 
ATOM   442 C  C2    . U   B 1 7  ? 1.953   -4.581  -6.193  1.000 21.185 0 7   U   B C2    1 ? 
ATOM   443 O  O2    . U   B 1 7  ? 2.290   -4.730  -7.352  1.000 26.774 0 7   U   B O2    1 ? 
ATOM   444 N  N3    . U   B 1 7  ? 1.062   -3.620  -5.811  1.000 20.627 0 7   U   B N3    1 ? 
ATOM   445 C  C4    . U   B 1 7  ? 0.633   -3.343  -4.544  1.000 17.567 0 7   U   B C4    1 ? 
ATOM   446 O  O4    . U   B 1 7  ? -0.161  -2.430  -4.372  1.000 18.181 0 7   U   B O4    1 ? 
ATOM   447 C  C5    . U   B 1 7  ? 1.155   -4.206  -3.538  1.000 17.369 0 7   U   B C5    1 ? 
ATOM   448 C  C6    . U   B 1 7  ? 2.014   -5.166  -3.879  1.000 19.476 0 7   U   B C6    1 ? 
ATOM   449 P  P     . U   B 1 8  ? 7.660   -5.275  -3.966  1.000 31.729 0 8   U   B P     1 ? 
ATOM   450 O  OP1   . U   B 1 8  ? 8.983   -5.908  -3.699  1.000 36.286 0 8   U   B OP1   1 ? 
ATOM   451 O  OP2   . U   B 1 8  ? 7.050   -4.347  -2.956  1.000 31.309 0 8   U   B OP2   1 ? 
ATOM   452 O  "O5'" . U   B 1 8  ? 7.577   -4.312  -5.225  1.000 29.748 0 8   U   B "O5'" 1 ? 
ATOM   453 C  "C5'" . U   B 1 8  ? 8.071   -4.754  -6.491  1.000 31.424 0 8   U   B "C5'" 1 ? 
ATOM   454 C  "C4'" . U   B 1 8  ? 7.619   -3.807  -7.551  1.000 34.039 0 8   U   B "C4'" 1 ? 
ATOM   455 O  "O4'" . U   B 1 8  ? 6.181   -3.832  -7.639  1.000 36.107 0 8   U   B "O4'" 1 ? 
ATOM   456 C  "C3'" . U   B 1 8  ? 7.929   -2.332  -7.345  1.000 37.915 0 8   U   B "C3'" 1 ? 
ATOM   457 O  "O3'" . U   B 1 8  ? 9.306   -2.037  -7.591  1.000 39.745 0 8   U   B "O3'" 1 ? 
ATOM   458 C  "C2'" . U   B 1 8  ? 6.950   -1.704  -8.329  1.000 38.897 0 8   U   B "C2'" 1 ? 
ATOM   459 O  "O2'" . U   B 1 8  ? 7.283   -1.802  -9.707  1.000 41.646 0 8   U   B "O2'" 1 ? 
ATOM   460 C  "C1'" . U   B 1 8  ? 5.712   -2.566  -8.081  1.000 35.646 0 8   U   B "C1'" 1 ? 
ATOM   461 N  N1    . U   B 1 8  ? 4.817   -2.002  -7.058  1.000 33.526 0 8   U   B N1    1 ? 
ATOM   462 C  C2    . U   B 1 8  ? 3.983   -0.972  -7.450  1.000 34.409 0 8   U   B C2    1 ? 
ATOM   463 O  O2    . U   B 1 8  ? 3.969   -0.525  -8.585  1.000 33.252 0 8   U   B O2    1 ? 
ATOM   464 N  N3    . U   B 1 8  ? 3.165   -0.485  -6.465  1.000 31.505 0 8   U   B N3    1 ? 
ATOM   465 C  C4    . U   B 1 8  ? 3.103   -0.896  -5.151  1.000 30.701 0 8   U   B C4    1 ? 
ATOM   466 O  O4    . U   B 1 8  ? 2.304   -0.355  -4.389  1.000 29.167 0 8   U   B O4    1 ? 
ATOM   467 C  C5    . U   B 1 8  ? 3.990   -1.966  -4.821  1.000 29.475 0 8   U   B C5    1 ? 
ATOM   468 C  C6    . U   B 1 8  ? 4.797   -2.472  -5.762  1.000 32.446 0 8   U   B C6    1 ? 
ATOM   469 P  P     . A   B 1 9  ? 10.100  -0.930  -6.717  1.000 43.369 0 9   A   B P     1 ? 
ATOM   470 O  OP1   . A   B 1 9  ? 11.530  -1.030  -7.110  1.000 45.928 0 9   A   B OP1   1 ? 
ATOM   471 O  OP2   . A   B 1 9  ? 9.767   -1.083  -5.293  1.000 42.198 0 9   A   B OP2   1 ? 
ATOM   472 O  "O5'" . A   B 1 9  ? 9.481   0.439   -7.233  1.000 39.728 0 9   A   B "O5'" 1 ? 
ATOM   473 C  "C5'" . A   B 1 9  ? 9.875   0.873   -8.531  1.000 40.663 0 9   A   B "C5'" 1 ? 
ATOM   474 C  "C4'" . A   B 1 9  ? 9.048   2.036   -8.976  1.000 41.229 0 9   A   B "C4'" 1 ? 
ATOM   475 O  "O4'" . A   B 1 9  ? 7.654   1.656   -8.990  1.000 40.473 0 9   A   B "O4'" 1 ? 
ATOM   476 C  "C3'" . A   B 1 9  ? 9.078   3.270   -8.085  1.000 46.278 0 9   A   B "C3'" 1 ? 
ATOM   477 O  "O3'" . A   B 1 9  ? 10.266  4.031   -8.268  1.000 50.857 0 9   A   B "O3'" 1 ? 
ATOM   478 C  "C2'" . A   B 1 9  ? 7.799   3.974   -8.516  1.000 43.408 0 9   A   B "C2'" 1 ? 
ATOM   479 O  "O2'" . A   B 1 9  ? 7.850   4.694   -9.725  1.000 44.846 0 9   A   B "O2'" 1 ? 
ATOM   480 C  "C1'" . A   B 1 9  ? 6.860   2.781   -8.666  1.000 41.468 0 9   A   B "C1'" 1 ? 
ATOM   481 N  N9    . A   B 1 9  ? 6.148   2.508   -7.420  1.000 37.639 0 9   A   B N9    1 ? 
ATOM   482 C  C8    . A   B 1 9  ? 6.408   1.615   -6.410  1.000 33.667 0 9   A   B C8    1 ? 
ATOM   483 N  N7    . A   B 1 9  ? 5.549   1.673   -5.421  1.000 32.464 0 9   A   B N7    1 ? 
ATOM   484 C  C5    . A   B 1 9  ? 4.658   2.666   -5.813  1.000 32.437 0 9   A   B C5    1 ? 
ATOM   485 C  C6    . A   B 1 9  ? 3.518   3.215   -5.199  1.000 32.250 0 9   A   B C6    1 ? 
ATOM   486 N  N6    . A   B 1 9  ? 3.031   2.797   -4.031  1.000 32.628 0 9   A   B N6    1 ? 
ATOM   487 N  N1    . A   B 1 9  ? 2.872   4.206   -5.849  1.000 35.434 0 9   A   B N1    1 ? 
ATOM   488 C  C2    . A   B 1 9  ? 3.349   4.617   -7.031  1.000 33.573 0 9   A   B C2    1 ? 
ATOM   489 N  N3    . A   B 1 9  ? 4.412   4.186   -7.701  1.000 33.879 0 9   A   B N3    1 ? 
ATOM   490 C  C4    . A   B 1 9  ? 5.026   3.197   -7.032  1.000 32.905 0 9   A   B C4    1 ? 
ATOM   491 P  P     . A   B 1 10 ? 10.959  4.719   -7.019  1.000 54.359 0 10  A   B P     1 ? 
ATOM   492 O  OP1   . A   B 1 10 ? 12.287  5.199   -7.460  1.000 66.993 0 10  A   B OP1   1 ? 
ATOM   493 O  OP2   . A   B 1 10 ? 10.889  3.793   -5.867  1.000 57.102 0 10  A   B OP2   1 ? 
ATOM   494 O  "O5'" . A   B 1 10 ? 10.056  6.006   -6.805  1.000 48.272 0 10  A   B "O5'" 1 ? 
ATOM   495 C  "C5'" . A   B 1 10 ? 10.107  7.018   -7.791  1.000 46.466 0 10  A   B "C5'" 1 ? 
ATOM   496 C  "C4'" . A   B 1 10 ? 8.963   7.967   -7.625  1.000 49.080 0 10  A   B "C4'" 1 ? 
ATOM   497 O  "O4'" . A   B 1 10 ? 7.714   7.237   -7.721  1.000 47.661 0 10  A   B "O4'" 1 ? 
ATOM   498 C  "C3'" . A   B 1 10 ? 8.870   8.692   -6.287  1.000 50.436 0 10  A   B "C3'" 1 ? 
ATOM   499 O  "O3'" . A   B 1 10 ? 9.769   9.795   -6.125  1.000 55.381 0 10  A   B "O3'" 1 ? 
ATOM   500 C  "C2'" . A   B 1 10 ? 7.404   9.099   -6.285  1.000 46.029 0 10  A   B "C2'" 1 ? 
ATOM   501 O  "O2'" . A   B 1 10 ? 7.090   10.260  -7.021  1.000 42.956 0 10  A   B "O2'" 1 ? 
ATOM   502 C  "C1'" . A   B 1 10 ? 6.758   7.832   -6.855  1.000 45.102 0 10  A   B "C1'" 1 ? 
ATOM   503 N  N9    . A   B 1 10 ? 6.455   6.877   -5.787  1.000 39.149 0 10  A   B N9    1 ? 
ATOM   504 C  C8    . A   B 1 10 ? 7.192   5.797   -5.361  1.000 35.425 0 10  A   B C8    1 ? 
ATOM   505 N  N7    . A   B 1 10 ? 6.665   5.168   -4.341  1.000 33.094 0 10  A   B N7    1 ? 
ATOM   506 C  C5    . A   B 1 10 ? 5.515   5.894   -4.061  1.000 32.916 0 10  A   B C5    1 ? 
ATOM   507 C  C6    . A   B 1 10 ? 4.516   5.737   -3.091  1.000 33.126 0 10  A   B C6    1 ? 
ATOM   508 N  N6    . A   B 1 10 ? 4.517   4.756   -2.192  1.000 33.861 0 10  A   B N6    1 ? 
ATOM   509 N  N1    . A   B 1 10 ? 3.495   6.624   -3.084  1.000 32.784 0 10  A   B N1    1 ? 
ATOM   510 C  C2    . A   B 1 10 ? 3.499   7.612   -3.995  1.000 36.110 0 10  A   B C2    1 ? 
ATOM   511 N  N3    . A   B 1 10 ? 4.386   7.866   -4.956  1.000 30.948 0 10  A   B N3    1 ? 
ATOM   512 C  C4    . A   B 1 10 ? 5.381   6.958   -4.933  1.000 35.045 0 10  A   B C4    1 ? 
ATOM   513 P  P     . G   B 1 11 ? 10.478  10.070  -4.680  1.000 54.875 0 11  G   B P     1 ? 
ATOM   514 O  OP1   . G   B 1 11 ? 11.607  11.070  -4.846  1.000 58.064 0 11  G   B OP1   1 ? 
ATOM   515 O  OP2   . G   B 1 11 ? 10.908  8.746   -4.078  1.000 58.019 0 11  G   B OP2   1 ? 
ATOM   516 O  "O5'" . G   B 1 11 ? 9.309   10.737  -3.810  1.000 44.730 0 11  G   B "O5'" 1 ? 
ATOM   517 C  "C5'" . G   B 1 11 ? 8.602   11.829  -4.404  1.000 39.969 0 11  G   B "C5'" 1 ? 
ATOM   518 C  "C4'" . G   B 1 11 ? 7.371   12.116  -3.595  1.000 38.702 0 11  G   B "C4'" 1 ? 
ATOM   519 O  "O4'" . G   B 1 11 ? 6.427   11.033  -3.756  1.000 35.846 0 11  G   B "O4'" 1 ? 
ATOM   520 C  "C3'" . G   B 1 11 ? 7.534   12.206  -2.080  1.000 39.007 0 11  G   B "C3'" 1 ? 
ATOM   521 O  "O3'" . G   B 1 11 ? 8.106   13.441  -1.669  1.000 40.051 0 11  G   B "O3'" 1 ? 
ATOM   522 C  "C2'" . G   B 1 11 ? 6.065   12.078  -1.684  1.000 35.826 0 11  G   B "C2'" 1 ? 
ATOM   523 O  "O2'" . G   B 1 11 ? 5.296   13.228  -1.953  1.000 36.070 0 11  G   B "O2'" 1 ? 
ATOM   524 C  "C1'" . G   B 1 11 ? 5.667   10.908  -2.576  1.000 34.554 0 11  G   B "C1'" 1 ? 
ATOM   525 N  N9    . G   B 1 11 ? 5.943   9.612   -1.953  1.000 30.078 0 11  G   B N9    1 ? 
ATOM   526 C  C8    . G   B 1 11 ? 6.963   8.720   -2.188  1.000 27.394 0 11  G   B C8    1 ? 
ATOM   527 N  N7    . G   B 1 11 ? 6.908   7.644   -1.433  1.000 25.054 0 11  G   B N7    1 ? 
ATOM   528 C  C5    . G   B 1 11 ? 5.775   7.858   -0.660  1.000 24.331 0 11  G   B C5    1 ? 
ATOM   529 C  C6    . G   B 1 11 ? 5.172   7.030   0.318   1.000 21.325 0 11  G   B C6    1 ? 
ATOM   530 O  O6    . G   B 1 11 ? 5.568   5.941   0.725   1.000 19.838 0 11  G   B O6    1 ? 
ATOM   531 N  N1    . G   B 1 11 ? 4.042   7.622   0.854   1.000 19.386 0 11  G   B N1    1 ? 
ATOM   532 C  C2    . G   B 1 11 ? 3.522   8.828   0.482   1.000 20.448 0 11  G   B C2    1 ? 
ATOM   533 N  N2    . G   B 1 11 ? 2.421   9.231   1.108   1.000 20.386 0 11  G   B N2    1 ? 
ATOM   534 N  N3    . G   B 1 11 ? 4.064   9.600   -0.453  1.000 22.979 0 11  G   B N3    1 ? 
ATOM   535 C  C4    . G   B 1 11 ? 5.170   9.046   -0.980  1.000 22.725 0 11  G   B C4    1 ? 
ATOM   536 P  P     . U   B 1 12 ? 8.813   13.583  -0.240  1.000 35.274 0 12  U   B P     1 ? 
ATOM   537 O  OP1   . U   B 1 12 ? 9.411   14.941  -0.183  1.000 40.082 0 12  U   B OP1   1 ? 
ATOM   538 O  OP2   . U   B 1 12 ? 9.692   12.412  -0.030  1.000 34.338 0 12  U   B OP2   1 ? 
ATOM   539 O  "O5'" . U   B 1 12 ? 7.579   13.597  0.753   1.000 33.365 0 12  U   B "O5'" 1 ? 
ATOM   540 C  "C5'" . U   B 1 12 ? 6.550   14.573  0.673   1.000 31.092 0 12  U   B "C5'" 1 ? 
ATOM   541 C  "C4'" . U   B 1 12 ? 5.549   14.306  1.764   1.000 30.171 0 12  U   B "C4'" 1 ? 
ATOM   542 O  "O4'" . U   B 1 12 ? 4.848   13.073  1.458   1.000 30.845 0 12  U   B "O4'" 1 ? 
ATOM   543 C  "C3'" . U   B 1 12 ? 6.101   14.024  3.157   1.000 28.869 0 12  U   B "C3'" 1 ? 
ATOM   544 O  "O3'" . U   B 1 12 ? 6.482   15.165  3.922   1.000 28.445 0 12  U   B "O3'" 1 ? 
ATOM   545 C  "C2'" . U   B 1 12 ? 4.918   13.325  3.805   1.000 25.638 0 12  U   B "C2'" 1 ? 
ATOM   546 O  "O2'" . U   B 1 12 ? 3.812   14.116  4.201   1.000 24.809 0 12  U   B "O2'" 1 ? 
ATOM   547 C  "C1'" . U   B 1 12 ? 4.467   12.429  2.668   1.000 25.638 0 12  U   B "C1'" 1 ? 
ATOM   548 N  N1    . U   B 1 12 ? 5.153   11.141  2.727   1.000 23.395 0 12  U   B N1    1 ? 
ATOM   549 C  C2    . U   B 1 12 ? 4.663   10.189  3.608   1.000 20.184 0 12  U   B C2    1 ? 
ATOM   550 O  O2    . U   B 1 12 ? 3.693   10.383  4.309   1.000 18.388 0 12  U   B O2    1 ? 
ATOM   551 N  N3    . U   B 1 12 ? 5.360   9.010   3.623   1.000 17.475 0 12  U   B N3    1 ? 
ATOM   552 C  C4    . U   B 1 12 ? 6.457   8.689   2.865   1.000 17.990 0 12  U   B C4    1 ? 
ATOM   553 O  O4    . U   B 1 12 ? 6.974   7.599   2.991   1.000 17.476 0 12  U   B O4    1 ? 
ATOM   554 C  C5    . U   B 1 12 ? 6.930   9.743   2.015   1.000 20.937 0 12  U   B C5    1 ? 
ATOM   555 C  C6    . U   B 1 12 ? 6.276   10.900  1.978   1.000 20.311 0 12  U   B C6    1 ? 
ATOM   556 P  P     . C   B 1 13 ? 7.645   15.051  5.008   1.000 27.096 0 13  C   B P     1 ? 
ATOM   557 O  OP1   . C   B 1 13 ? 7.833   16.394  5.626   1.000 32.517 0 13  C   B OP1   1 ? 
ATOM   558 O  OP2   . C   B 1 13 ? 8.773   14.219  4.535   1.000 23.078 0 13  C   B OP2   1 ? 
ATOM   559 O  "O5'" . C   B 1 13 ? 6.999   14.175  6.171   1.000 22.167 0 13  C   B "O5'" 1 ? 
ATOM   560 C  "C5'" . C   B 1 13 ? 5.974   14.683  6.969   1.000 17.202 0 13  C   B "C5'" 1 ? 
ATOM   561 C  "C4'" . C   B 1 13 ? 5.418   13.546  7.807   1.000 14.744 0 13  C   B "C4'" 1 ? 
ATOM   562 O  "O4'" . C   B 1 13 ? 5.087   12.437  6.942   1.000 13.113 0 13  C   B "O4'" 1 ? 
ATOM   563 C  "C3'" . C   B 1 13 ? 6.308   12.892  8.842   1.000 12.596 0 13  C   B "C3'" 1 ? 
ATOM   564 O  "O3'" . C   B 1 13 ? 6.370   13.734  9.968   1.000 13.253 0 13  C   B "O3'" 1 ? 
ATOM   565 C  "C2'" . C   B 1 13 ? 5.522   11.607  9.123   1.000 11.588 0 13  C   B "C2'" 1 ? 
ATOM   566 O  "O2'" . C   B 1 13 ? 4.341   11.856  9.873   1.000 11.527 0 13  C   B "O2'" 1 ? 
ATOM   567 C  "C1'" . C   B 1 13 ? 5.133   11.225  7.694   1.000 12.137 0 13  C   B "C1'" 1 ? 
ATOM   568 N  N1    . C   B 1 13 ? 6.150   10.343  7.101   1.000 11.734 0 13  C   B N1    1 ? 
ATOM   569 C  C2    . C   B 1 13 ? 6.145   9.003   7.496   1.000 10.680 0 13  C   B C2    1 ? 
ATOM   570 O  O2    . C   B 1 13 ? 5.288   8.629   8.305   1.000 8.913  0 13  C   B O2    1 ? 
ATOM   571 N  N3    . C   B 1 13 ? 7.077   8.164   6.998   1.000 9.736  0 13  C   B N3    1 ? 
ATOM   572 C  C4    . C   B 1 13 ? 8.003   8.626   6.143   1.000 11.943 0 13  C   B C4    1 ? 
ATOM   573 N  N4    . C   B 1 13 ? 8.903   7.766   5.667   1.000 11.373 0 13  C   B N4    1 ? 
ATOM   574 C  C5    . C   B 1 13 ? 8.025   9.988   5.722   1.000 10.945 0 13  C   B C5    1 ? 
ATOM   575 C  C6    . C   B 1 13 ? 7.135   10.816  6.281   1.000 11.183 0 13  C   B C6    1 ? 
ATOM   576 P  P     . G   B 1 14 ? 7.643   13.728  10.880  1.000 15.809 0 14  G   B P     1 ? 
ATOM   577 O  OP1   . G   B 1 14 ? 7.394   14.688  11.986  1.000 16.331 0 14  G   B OP1   1 ? 
ATOM   578 O  OP2   . G   B 1 14 ? 8.853   13.849  9.984   1.000 15.779 0 14  G   B OP2   1 ? 
ATOM   579 O  "O5'" . G   B 1 14 ? 7.707   12.262  11.526  1.000 11.762 0 14  G   B "O5'" 1 ? 
ATOM   580 C  "C5'" . G   B 1 14 ? 6.765   11.928  12.545  1.000 10.069 0 14  G   B "C5'" 1 ? 
ATOM   581 C  "C4'" . G   B 1 14 ? 6.865   10.459  12.855  1.000 9.257  0 14  G   B "C4'" 1 ? 
ATOM   582 O  "O4'" . G   B 1 14 ? 6.696   9.687   11.642  1.000 7.109  0 14  G   B "O4'" 1 ? 
ATOM   583 C  "C3'" . G   B 1 14 ? 8.182   9.924   13.422  1.000 9.385  0 14  G   B "C3'" 1 ? 
ATOM   584 O  "O3'" . G   B 1 14 ? 8.371   10.251  14.796  1.000 11.996 0 14  G   B "O3'" 1 ? 
ATOM   585 C  "C2'" . G   B 1 14 ? 7.974   8.437   13.225  1.000 8.380  0 14  G   B "C2'" 1 ? 
ATOM   586 O  "O2'" . G   B 1 14 ? 7.092   7.855   14.163  1.000 9.824  0 14  G   B "O2'" 1 ? 
ATOM   587 C  "C1'" . G   B 1 14 ? 7.313   8.425   11.830  1.000 7.124  0 14  G   B "C1'" 1 ? 
ATOM   588 N  N9    . G   B 1 14 ? 8.253   8.198   10.730  1.000 5.828  0 14  G   B N9    1 ? 
ATOM   589 C  C8    . G   B 1 14 ? 8.815   9.082   9.818   1.000 5.907  0 14  G   B C8    1 ? 
ATOM   590 N  N7    . G   B 1 14 ? 9.697   8.511   9.009   1.000 5.516  0 14  G   B N7    1 ? 
ATOM   591 C  C5    . G   B 1 14 ? 9.634   7.147   9.375   1.000 5.133  0 14  G   B C5    1 ? 
ATOM   592 C  C6    . G   B 1 14 ? 10.330  6.029   8.871   1.000 5.258  0 14  G   B C6    1 ? 
ATOM   593 O  O6    . G   B 1 14 ? 11.154  6.002   7.946   1.000 5.328  0 14  G   B O6    1 ? 
ATOM   594 N  N1    . G   B 1 14 ? 10.086  4.881   9.596   1.000 4.774  0 14  G   B N1    1 ? 
ATOM   595 C  C2    . G   B 1 14 ? 9.225   4.809   10.666  1.000 4.861  0 14  G   B C2    1 ? 
ATOM   596 N  N2    . G   B 1 14 ? 9.104   3.629   11.269  1.000 4.877  0 14  G   B N2    1 ? 
ATOM   597 N  N3    . G   B 1 14 ? 8.539   5.844   11.138  1.000 4.679  0 14  G   B N3    1 ? 
ATOM   598 C  C4    . G   B 1 14 ? 8.796   6.973   10.446  1.000 5.344  0 14  G   B C4    1 ? 
HETATM 599 N  N9A   . GP3 C 2 .  ? 12.176  5.915   12.340  1.000 5.440  0 101 GP3 A N9A   1 ? 
HETATM 600 C  C8A   . GP3 C 2 .  ? 12.279  7.068   11.681  1.000 5.395  0 101 GP3 A C8A   1 ? 
HETATM 601 N  N7A   . GP3 C 2 .  ? 13.004  6.878   10.577  1.000 5.264  0 101 GP3 A N7A   1 ? 
HETATM 602 C  C5A   . GP3 C 2 .  ? 13.292  5.551   10.506  1.000 5.140  0 101 GP3 A C5A   1 ? 
HETATM 603 C  C6A   . GP3 C 2 .  ? 14.017  4.820   9.615   1.000 5.281  0 101 GP3 A C6A   1 ? 
HETATM 604 O  O6A   . GP3 C 2 .  ? 14.501  5.271   8.528   1.000 5.772  0 101 GP3 A O6A   1 ? 
HETATM 605 N  N1A   . GP3 C 2 .  ? 14.183  3.528   9.905   1.000 5.203  0 101 GP3 A N1A   1 ? 
HETATM 606 C  C2A   . GP3 C 2 .  ? 13.683  2.937   11.060  1.000 5.065  0 101 GP3 A C2A   1 ? 
HETATM 607 N  N2A   . GP3 C 2 .  ? 13.930  1.654   11.255  1.000 5.510  0 101 GP3 A N2A   1 ? 
HETATM 608 N  N3A   . GP3 C 2 .  ? 12.973  3.669   11.938  1.000 4.620  0 101 GP3 A N3A   1 ? 
HETATM 609 C  C4A   . GP3 C 2 .  ? 12.835  4.961   11.656  1.000 5.020  0 101 GP3 A C4A   1 ? 
HETATM 610 O  O5D   . GP3 C 2 .  ? 12.380  9.052   14.175  1.000 10.520 0 101 GP3 A O5D   1 ? 
HETATM 611 C  C5D   . GP3 C 2 .  ? 11.410  8.806   15.153  1.000 7.709  0 101 GP3 A C5D   1 ? 
HETATM 612 C  C4D   . GP3 C 2 .  ? 11.290  7.268   15.204  1.000 6.399  0 101 GP3 A C4D   1 ? 
HETATM 613 O  O4D   . GP3 C 2 .  ? 10.772  6.819   13.968  1.000 5.812  0 101 GP3 A O4D   1 ? 
HETATM 614 C  C3D   . GP3 C 2 .  ? 12.578  6.576   15.327  1.000 5.642  0 101 GP3 A C3D   1 ? 
HETATM 615 O  O3D   . GP3 C 2 .  ? 12.933  6.466   16.772  1.000 5.594  0 101 GP3 A O3D   1 ? 
HETATM 616 C  C2D   . GP3 C 2 .  ? 12.315  5.180   14.756  1.000 5.496  0 101 GP3 A C2D   1 ? 
HETATM 617 O  O2D   . GP3 C 2 .  ? 11.586  4.457   15.704  1.000 5.456  0 101 GP3 A O2D   1 ? 
HETATM 618 C  C1D   . GP3 C 2 .  ? 11.453  5.581   13.623  1.000 5.594  0 101 GP3 A C1D   1 ? 
HETATM 619 P  PA    . GP3 C 2 .  ? 12.724  10.640  13.961  1.000 13.300 0 101 GP3 A PA    1 ? 
HETATM 620 O  O1A   . GP3 C 2 .  ? 11.472  11.174  13.527  1.000 15.479 0 101 GP3 A O1A   1 ? 
HETATM 621 O  O2A   . GP3 C 2 .  ? 13.429  11.307  15.086  1.000 17.607 0 101 GP3 A O2A   1 ? 
HETATM 622 O  O3A   . GP3 C 2 .  ? 13.463  10.403  12.592  1.000 16.974 0 101 GP3 A O3A   1 ? 
HETATM 623 P  PB    . GP3 C 2 .  ? 15.152  10.544  12.379  1.000 27.687 0 101 GP3 A PB    1 ? 
HETATM 624 O  O1B   . GP3 C 2 .  ? 15.451  10.040  11.013  1.000 27.366 0 101 GP3 A O1B   1 ? 
HETATM 625 O  O2B   . GP3 C 2 .  ? 15.686  11.863  12.922  1.000 30.043 0 101 GP3 A O2B   1 ? 
HETATM 626 O  O3B   . GP3 C 2 .  ? 15.616  9.426   13.523  1.000 35.475 0 101 GP3 A O3B   1 ? 
HETATM 627 P  PG    . GP3 C 2 .  ? 16.961  9.370   14.389  1.000 31.357 0 101 GP3 A PG    1 ? 
HETATM 628 O  O1G   . GP3 C 2 .  ? 17.779  10.002  13.347  1.000 26.776 0 101 GP3 A O1G   1 ? 
HETATM 629 O  O2G   . GP3 C 2 .  ? 16.530  9.942   15.669  1.000 34.900 0 101 GP3 A O2G   1 ? 
HETATM 630 O  O5E   . GP3 C 2 .  ? 16.845  7.728   14.422  1.000 22.380 0 101 GP3 A O5E   1 ? 
HETATM 631 C  C5E   . GP3 C 2 .  ? 16.272  6.998   15.538  1.000 18.325 0 101 GP3 A C5E   1 ? 
HETATM 632 C  C4E   . GP3 C 2 .  ? 16.509  5.533   15.275  1.000 16.640 0 101 GP3 A C4E   1 ? 
HETATM 633 O  O4E   . GP3 C 2 .  ? 15.666  5.351   14.056  1.000 15.428 0 101 GP3 A O4E   1 ? 
HETATM 634 C  C3E   . GP3 C 2 .  ? 17.874  5.285   14.805  1.000 15.193 0 101 GP3 A C3E   1 ? 
HETATM 635 O  O3E   . GP3 C 2 .  ? 18.660  5.020   15.931  1.000 14.643 0 101 GP3 A O3E   1 ? 
HETATM 636 C  C2E   . GP3 C 2 .  ? 17.671  4.056   13.975  1.000 14.419 0 101 GP3 A C2E   1 ? 
HETATM 637 O  O2E   . GP3 C 2 .  ? 17.522  2.859   14.824  1.000 14.550 0 101 GP3 A O2E   1 ? 
HETATM 638 C  C1E   . GP3 C 2 .  ? 16.444  4.398   13.212  1.000 12.614 0 101 GP3 A C1E   1 ? 
HETATM 639 N  N9B   . GP3 C 2 .  ? 16.747  5.037   11.885  1.000 10.820 0 101 GP3 A N9B   1 ? 
HETATM 640 C  C8B   . GP3 C 2 .  ? 16.571  6.284   11.455  1.000 9.835  0 101 GP3 A C8B   1 ? 
HETATM 641 N  N7B   . GP3 C 2 .  ? 17.004  6.374   10.234  1.000 9.691  0 101 GP3 A N7B   1 ? 
HETATM 642 C  C5B   . GP3 C 2 .  ? 17.498  5.196   9.858   1.000 8.936  0 101 GP3 A C5B   1 ? 
HETATM 643 C  C6B   . GP3 C 2 .  ? 18.015  4.771   8.692   1.000 8.590  0 101 GP3 A C6B   1 ? 
HETATM 644 O  O6B   . GP3 C 2 .  ? 18.290  5.482   7.679   1.000 8.421  0 101 GP3 A O6B   1 ? 
HETATM 645 N  N1B   . GP3 C 2 .  ? 18.410  3.527   8.695   1.000 7.773  0 101 GP3 A N1B   1 ? 
HETATM 646 C  C2B   . GP3 C 2 .  ? 18.239  2.667   9.708   1.000 7.922  0 101 GP3 A C2B   1 ? 
HETATM 647 N  N2B   . GP3 C 2 .  ? 18.662  1.463   9.544   1.000 7.680  0 101 GP3 A N2B   1 ? 
HETATM 648 N  N3B   . GP3 C 2 .  ? 17.679  3.064   10.851  1.000 8.613  0 101 GP3 A N3B   1 ? 
HETATM 649 C  C4B   . GP3 C 2 .  ? 17.322  4.357   10.885  1.000 8.878  0 101 GP3 A C4B   1 ? 
HETATM 650 MG MG    . MG  D 3 .  ? -17.635 -12.742 0.466   0.330 5.774  0 102 MG  A MG    1 ? 
HETATM 651 MG MG    . MG  E 3 .  ? 4.158   -4.747  4.624   1.000 20.259 0 103 MG  A MG    1 ? 
HETATM 652 MG MG    . MG  F 3 .  ? -18.147 -15.431 -5.751  1.000 34.888 0 104 MG  A MG    1 ? 
HETATM 653 N  N9A   . GP3 G 2 .  ? -14.940 -9.831  -3.284  1.000 5.643  0 101 GP3 B N9A   1 ? 
HETATM 654 C  C8A   . GP3 G 2 .  ? -14.468 -10.199 -4.490  1.000 5.589  0 101 GP3 B C8A   1 ? 
HETATM 655 N  N7A   . GP3 G 2 .  ? -14.538 -9.168  -5.330  1.000 5.595  0 101 GP3 B N7A   1 ? 
HETATM 656 C  C5A   . GP3 G 2 .  ? -15.035 -8.121  -4.635  1.000 5.288  0 101 GP3 B C5A   1 ? 
HETATM 657 C  C6A   . GP3 G 2 .  ? -15.367 -6.837  -4.993  1.000 5.418  0 101 GP3 B C6A   1 ? 
HETATM 658 O  O6A   . GP3 G 2 .  ? -15.126 -6.295  -6.117  1.000 5.975  0 101 GP3 B O6A   1 ? 
HETATM 659 N  N1A   . GP3 G 2 .  ? -15.943 -6.072  -4.055  1.000 5.326  0 101 GP3 B N1A   1 ? 
HETATM 660 C  C2A   . GP3 G 2 .  ? -16.203 -6.547  -2.772  1.000 5.124  0 101 GP3 B C2A   1 ? 
HETATM 661 N  N2A   . GP3 G 2 .  ? -16.793 -5.737  -1.914  1.000 5.407  0 101 GP3 B N2A   1 ? 
HETATM 662 N  N3A   . GP3 G 2 .  ? -15.891 -7.805  -2.439  1.000 4.719  0 101 GP3 B N3A   1 ? 
HETATM 663 C  C4A   . GP3 G 2 .  ? -15.338 -8.568  -3.369  1.000 5.170  0 101 GP3 B C4A   1 ? 
HETATM 664 O  O5D   . GP3 G 2 .  ? -15.353 -13.243 -4.526  1.000 10.398 0 101 GP3 B O5D   1 ? 
HETATM 665 C  C5D   . GP3 G 2 .  ? -15.076 -13.915 -3.320  1.000 7.855  0 101 GP3 B C5D   1 ? 
HETATM 666 C  C4D   . GP3 G 2 .  ? -15.353 -12.889 -2.210  1.000 6.588  0 101 GP3 B C4D   1 ? 
HETATM 667 O  O4D   . GP3 G 2 .  ? -14.359 -11.886 -2.305  1.000 5.830  0 101 GP3 B O4D   1 ? 
HETATM 668 C  C3D   . GP3 G 2 .  ? -16.630 -12.211 -2.313  1.000 5.918  0 101 GP3 B C3D   1 ? 
HETATM 669 O  O3D   . GP3 G 2 .  ? -17.667 -13.047 -1.603  1.000 5.826  0 101 GP3 B O3D   1 ? 
HETATM 670 C  C2D   . GP3 G 2 .  ? -16.422 -10.898 -1.549  1.000 5.821  0 101 GP3 B C2D   1 ? 
HETATM 671 O  O2D   . GP3 G 2 .  ? -16.472 -11.160 -0.213  1.000 5.776  0 101 GP3 B O2D   1 ? 
HETATM 672 C  C1D   . GP3 G 2 .  ? -15.033 -10.617 -2.035  1.000 5.794  0 101 GP3 B C1D   1 ? 
HETATM 673 P  PA    . GP3 G 2 .  ? -15.198 -14.159 -5.854  1.000 13.512 0 101 GP3 B PA    1 ? 
HETATM 674 O  O1A   . GP3 G 2 .  ? -13.829 -14.489 -5.827  1.000 14.529 0 101 GP3 B O1A   1 ? 
HETATM 675 O  O2A   . GP3 G 2 .  ? -16.200 -15.239 -6.023  1.000 17.296 0 101 GP3 B O2A   1 ? 
HETATM 676 O  O3A   . GP3 G 2 .  ? -15.203 -12.923 -6.790  1.000 16.809 0 101 GP3 B O3A   1 ? 
HETATM 677 P  PB    . GP3 G 2 .  ? -16.461 -12.505 -7.878  1.000 27.723 0 101 GP3 B PB    1 ? 
HETATM 678 O  O1B   . GP3 G 2 .  ? -16.102 -11.173 -8.431  1.000 26.436 0 101 GP3 B O1B   1 ? 
HETATM 679 O  O2B   . GP3 G 2 .  ? -16.943 -13.674 -8.732  1.000 30.306 0 101 GP3 B O2B   1 ? 
HETATM 680 O  O3B   . GP3 G 2 .  ? -17.661 -12.364 -6.720  1.000 34.427 0 101 GP3 B O3B   1 ? 
HETATM 681 P  PG    . GP3 G 2 .  ? -19.235 -12.633 -6.860  1.000 30.119 0 101 GP3 B PG    1 ? 
HETATM 682 O  O1G   . GP3 G 2 .  ? -19.236 -12.160 -8.269  1.000 24.170 0 101 GP3 B O1G   1 ? 
HETATM 683 O  O2G   . GP3 G 2 .  ? -19.359 -14.015 -6.369  1.000 35.306 0 101 GP3 B O2G   1 ? 
HETATM 684 O  O5E   . GP3 G 2 .  ? -19.531 -11.498 -5.691  1.000 21.595 0 101 GP3 B O5E   1 ? 
HETATM 685 C  C5E   . GP3 G 2 .  ? -19.723 -11.822 -4.291  1.000 17.556 0 101 GP3 B C5E   1 ? 
HETATM 686 C  C4E   . GP3 G 2 .  ? -20.127 -10.557 -3.570  1.000 15.452 0 101 GP3 B C4E   1 ? 
HETATM 687 O  O4E   . GP3 G 2 .  ? -18.839 -9.827  -3.730  1.000 14.418 0 101 GP3 B O4E   1 ? 
HETATM 688 C  C3E   . GP3 G 2 .  ? -21.078 -9.790  -4.359  1.000 14.225 0 101 GP3 B C3E   1 ? 
HETATM 689 O  O3E   . GP3 G 2 .  ? -22.369 -10.166 -3.981  1.000 13.730 0 101 GP3 B O3E   1 ? 
HETATM 690 C  C2E   . GP3 G 2 .  ? -20.764 -8.403  -3.890  1.000 13.649 0 101 GP3 B C2E   1 ? 
HETATM 691 O  O2E   . GP3 G 2 .  ? -21.369 -8.151  -2.567  1.000 14.638 0 101 GP3 B O2E   1 ? 
HETATM 692 C  C1E   . GP3 G 2 .  ? -19.281 -8.405  -3.917  1.000 12.039 0 101 GP3 B C1E   1 ? 
HETATM 693 N  N9B   . GP3 G 2 .  ? -18.756 -7.879  -5.225  1.000 10.243 0 101 GP3 B N9B   1 ? 
HETATM 694 C  C8B   . GP3 G 2 .  ? -18.112 -8.539  -6.186  1.000 9.511  0 101 GP3 B C8B   1 ? 
HETATM 695 N  N7B   . GP3 G 2 .  ? -17.853 -7.714  -7.149  1.000 9.910  0 101 GP3 B N7B   1 ? 
HETATM 696 C  C5B   . GP3 G 2 .  ? -18.330 -6.503  -6.830  1.000 8.707  0 101 GP3 B C5B   1 ? 
HETATM 697 C  C6B   . GP3 G 2 .  ? -18.265 -5.299  -7.442  1.000 8.331  0 101 GP3 B C6B   1 ? 
HETATM 698 O  O6B   . GP3 G 2 .  ? -17.835 -5.059  -8.599  1.000 8.210  0 101 GP3 B O6B   1 ? 
HETATM 699 N  N1B   . GP3 G 2 .  ? -18.842 -4.329  -6.797  1.000 7.515  0 101 GP3 B N1B   1 ? 
HETATM 700 C  C2B   . GP3 G 2 .  ? -19.414 -4.440  -5.601  1.000 7.811  0 101 GP3 B C2B   1 ? 
HETATM 701 N  N2B   . GP3 G 2 .  ? -19.939 -3.388  -5.088  1.000 7.835  0 101 GP3 B N2B   1 ? 
HETATM 702 N  N3B   . GP3 G 2 .  ? -19.430 -5.592  -4.947  1.000 8.235  0 101 GP3 B N3B   1 ? 
HETATM 703 C  C4B   . GP3 G 2 .  ? -18.870 -6.616  -5.614  1.000 8.740  0 101 GP3 B C4B   1 ? 
HETATM 704 MG MG    . MG  H 3 .  ? 11.894  4.906   17.696  0.330 5.513  0 102 MG  B MG    1 ? 
HETATM 705 MG MG    . MG  I 3 .  ? 14.922  10.863  16.300  1.000 35.693 0 103 MG  B MG    1 ? 
HETATM 706 MG MG    . MG  J 3 .  ? -6.673  1.139   3.681   1.000 21.358 0 104 MG  B MG    1 ? 
HETATM 707 O  O     . HOH K 4 .  ? 13.178  11.859  17.206  1.000 30.492 0 201 HOH A O     1 ? 
HETATM 708 O  O     . HOH K 4 .  ? 15.408  12.668  14.985  1.000 32.624 0 202 HOH A O     1 ? 
HETATM 709 O  O     . HOH K 4 .  ? -5.372  -2.017  -6.051  1.000 26.630 0 203 HOH A O     1 ? 
HETATM 710 O  O     . HOH K 4 .  ? -1.127  -10.256 -4.998  1.000 25.639 0 204 HOH A O     1 ? 
HETATM 711 O  O     . HOH K 4 .  ? 16.327  8.534   9.182   1.000 34.647 0 205 HOH A O     1 ? 
HETATM 712 O  O     . HOH K 4 .  ? -7.044  -3.930  -7.587  1.000 30.601 0 206 HOH A O     1 ? 
HETATM 713 O  O     . HOH K 4 .  ? 11.976  10.364  10.568  1.000 35.079 0 207 HOH A O     1 ? 
HETATM 714 O  O     . HOH K 4 .  ? 16.751  10.906  9.022   1.000 33.514 0 208 HOH A O     1 ? 
HETATM 715 O  O     . HOH K 4 .  ? 13.603  9.048   9.416   1.000 15.700 0 209 HOH A O     1 ? 
HETATM 716 O  O     . HOH K 4 .  ? 4.683   -2.686  4.459   1.000 18.952 0 210 HOH A O     1 ? 
HETATM 717 O  O     . HOH K 4 .  ? -1.502  -12.358 -6.580  1.000 26.154 0 211 HOH A O     1 ? 
HETATM 718 O  O     . HOH K 4 .  ? 5.524   1.066   4.999   1.000 25.848 0 212 HOH A O     1 ? 
HETATM 719 O  O     . HOH K 4 .  ? -12.976 -7.162  -7.585  1.000 28.654 0 213 HOH A O     1 ? 
HETATM 720 O  O     . HOH K 4 .  ? 4.701   3.989   11.635  1.000 27.101 0 214 HOH A O     1 ? 
HETATM 721 O  O     . HOH K 4 .  ? 20.868  6.427   15.518  1.000 22.736 0 215 HOH A O     1 ? 
HETATM 722 O  O     . HOH K 4 .  ? 1.203   -3.298  9.727   1.000 19.290 0 216 HOH A O     1 ? 
HETATM 723 O  O     . HOH K 4 .  ? -3.242  3.331   -4.860  1.000 34.607 0 217 HOH A O     1 ? 
HETATM 724 O  O     . HOH K 4 .  ? -13.055 -13.876 0.829   1.000 9.684  0 218 HOH A O     1 ? 
HETATM 725 O  O     . HOH K 4 .  ? 9.802   3.951   4.189   1.000 29.303 0 219 HOH A O     1 ? 
HETATM 726 O  O     . HOH K 4 .  ? 14.167  8.661   17.763  1.000 20.037 0 220 HOH A O     1 ? 
HETATM 727 O  O     . HOH K 4 .  ? -10.750 -9.241  -8.228  1.000 22.021 0 221 HOH A O     1 ? 
HETATM 728 O  O     . HOH K 4 .  ? 19.460  7.857   8.252   1.000 21.711 0 222 HOH A O     1 ? 
HETATM 729 O  O     . HOH K 4 .  ? 9.409   1.312   4.899   1.000 14.624 0 223 HOH A O     1 ? 
HETATM 730 O  O     . HOH K 4 .  ? 9.474   0.071   12.791  1.000 21.920 0 224 HOH A O     1 ? 
HETATM 731 O  O     . HOH K 4 .  ? -3.750  4.813   -0.751  1.000 22.754 0 225 HOH A O     1 ? 
HETATM 732 O  O     . HOH K 4 .  ? -4.585  0.749   3.941   1.000 14.631 0 226 HOH A O     1 ? 
HETATM 733 O  O     . HOH K 4 .  ? 6.010   -5.598  5.471   1.000 21.293 0 227 HOH A O     1 ? 
HETATM 734 O  O     . HOH K 4 .  ? -6.968  -18.249 -8.456  1.000 26.203 0 228 HOH A O     1 ? 
HETATM 735 O  O     . HOH K 4 .  ? -5.359  1.973   7.319   1.000 15.724 0 229 HOH A O     1 ? 
HETATM 736 O  O     . HOH K 4 .  ? 0.823   7.721   8.255   1.000 14.565 0 230 HOH A O     1 ? 
HETATM 737 O  O     . HOH K 4 .  ? 3.534   -4.704  6.709   1.000 11.172 0 231 HOH A O     1 ? 
HETATM 738 O  O     . HOH K 4 .  ? -10.673 -18.618 -5.807  1.000 19.081 0 232 HOH A O     1 ? 
HETATM 739 O  O     . HOH K 4 .  ? 15.716  4.963   4.177   1.000 21.338 0 233 HOH A O     1 ? 
HETATM 740 O  O     . HOH K 4 .  ? 10.671  -1.588  4.923   1.000 12.474 0 234 HOH A O     1 ? 
HETATM 741 O  O     . HOH K 4 .  ? -0.479  -2.282  6.349   1.000 23.014 0 235 HOH A O     1 ? 
HETATM 742 O  O     . HOH K 4 .  ? 1.999   0.416   4.482   1.000 19.460 0 236 HOH A O     1 ? 
HETATM 743 O  O     . HOH K 4 .  ? 15.048  -1.039  3.485   1.000 16.508 0 237 HOH A O     1 ? 
HETATM 744 O  O     . HOH K 4 .  ? -6.148  2.532   2.289   1.000 24.523 0 238 HOH A O     1 ? 
HETATM 745 O  O     . HOH K 4 .  ? -2.875  -13.945 -4.834  1.000 23.169 0 239 HOH A O     1 ? 
HETATM 746 O  O     . HOH K 4 .  ? 12.808  4.127   4.137   1.000 20.664 0 240 HOH A O     1 ? 
HETATM 747 O  O     . HOH K 4 .  ? -7.371  5.146   5.078   1.000 25.568 0 241 HOH A O     1 ? 
HETATM 748 O  O     . HOH K 4 .  ? 3.977   1.301   2.439   1.000 19.075 0 242 HOH A O     1 ? 
HETATM 749 O  O     . HOH K 4 .  ? -9.007  -10.953 -10.078 1.000 36.707 0 243 HOH A O     1 ? 
HETATM 750 O  O     . HOH K 4 .  ? -8.702  -6.534  -9.444  1.000 26.777 0 244 HOH A O     1 ? 
HETATM 751 O  O     . HOH K 4 .  ? 9.854   -5.553  4.839   1.000 35.260 0 245 HOH A O     1 ? 
HETATM 752 O  O     . HOH K 4 .  ? -1.423  2.940   1.905   1.000 33.734 0 246 HOH A O     1 ? 
HETATM 753 O  O     . HOH K 4 .  ? -1.261  -1.747  4.095   1.000 25.683 0 247 HOH A O     1 ? 
HETATM 754 O  O     . HOH K 4 .  ? -2.398  -1.414  8.176   1.000 27.194 0 248 HOH A O     1 ? 
HETATM 755 O  O     . HOH K 4 .  ? 14.317  11.313  8.085   1.000 30.899 0 249 HOH A O     1 ? 
HETATM 756 O  O     . HOH K 4 .  ? 1.424   -1.448  11.923  0.330 19.481 0 250 HOH A O     1 ? 
HETATM 757 O  O     . HOH K 4 .  ? -2.308  -11.594 -3.507  1.000 24.182 0 251 HOH A O     1 ? 
HETATM 758 O  O     . HOH K 4 .  ? 7.280   0.830   3.680   1.000 32.553 0 252 HOH A O     1 ? 
HETATM 759 O  O     . HOH K 4 .  ? -6.593  2.766   5.160   1.000 23.128 0 253 HOH A O     1 ? 
HETATM 760 O  O     . HOH L 4 .  ? -17.535 -15.627 -7.976  1.000 34.994 0 201 HOH B O     1 ? 
HETATM 761 O  O     . HOH L 4 .  ? -16.843 -17.134 -5.081  1.000 34.027 0 202 HOH B O     1 ? 
HETATM 762 O  O     . HOH L 4 .  ? 7.228   4.286   0.777   1.000 26.315 0 203 HOH B O     1 ? 
HETATM 763 O  O     . HOH L 4 .  ? -20.655 -5.874  -2.281  1.000 18.032 0 204 HOH B O     1 ? 
HETATM 764 O  O     . HOH L 4 .  ? 8.967   12.173  16.121  1.000 18.606 0 205 HOH B O     1 ? 
HETATM 765 O  O     . HOH L 4 .  ? -21.964 -0.395  -4.743  1.000 27.359 0 206 HOH B O     1 ? 
HETATM 766 O  O     . HOH L 4 .  ? -16.377 -8.723  -8.886  1.000 33.622 0 207 HOH B O     1 ? 
HETATM 767 O  O     . HOH L 4 .  ? -16.060 -10.278 -10.778 1.000 35.799 0 208 HOH B O     1 ? 
HETATM 768 O  O     . HOH L 4 .  ? 12.656  7.500   6.506   1.000 27.363 0 209 HOH B O     1 ? 
HETATM 769 O  O     . HOH L 4 .  ? -13.998 -9.776  -7.773  1.000 16.118 0 210 HOH B O     1 ? 
HETATM 770 O  O     . HOH L 4 .  ? 2.205   -1.046  -1.895  1.000 35.102 0 211 HOH B O     1 ? 
HETATM 771 O  O     . HOH L 4 .  ? -8.664  -9.591  1.389   1.000 26.214 0 212 HOH B O     1 ? 
HETATM 772 O  O     . HOH L 4 .  ? 1.949   12.809  5.533   1.000 27.053 0 213 HOH B O     1 ? 
HETATM 773 O  O     . HOH L 4 .  ? -23.726 -10.427 -6.232  1.000 23.235 0 214 HOH B O     1 ? 
HETATM 774 O  O     . HOH L 4 .  ? -6.429  -3.902  6.954   1.000 18.329 0 215 HOH B O     1 ? 
HETATM 775 O  O     . HOH L 4 .  ? -6.675  -0.021  1.931   1.000 18.764 0 216 HOH B O     1 ? 
HETATM 776 O  O     . HOH L 4 .  ? -9.225  -3.533  -5.293  1.000 29.898 0 217 HOH B O     1 ? 
HETATM 777 O  O     . HOH L 4 .  ? -6.830  -2.880  -0.667  1.000 23.957 0 218 HOH B O     1 ? 
HETATM 778 O  O     . HOH L 4 .  ? -9.901  -2.191  -2.898  1.000 14.390 0 219 HOH B O     1 ? 
HETATM 779 O  O     . HOH L 4 .  ? 11.316  9.680   7.174   1.000 24.341 0 220 HOH B O     1 ? 
HETATM 780 O  O     . HOH L 4 .  ? 7.658   6.400   16.383  1.000 9.415  0 221 HOH B O     1 ? 
HETATM 781 O  O     . HOH L 4 .  ? -8.848  1.543   3.780   1.000 20.043 0 222 HOH B O     1 ? 
HETATM 782 O  O     . HOH L 4 .  ? 2.157   -4.207  4.000   1.000 14.941 0 223 HOH B O     1 ? 
HETATM 783 O  O     . HOH L 4 .  ? 5.955   0.200   -3.164  1.000 34.403 0 224 HOH B O     1 ? 
HETATM 784 O  O     . HOH L 4 .  ? 4.697   -3.716  -1.723  1.000 23.673 0 225 HOH B O     1 ? 
HETATM 785 O  O     . HOH L 4 .  ? -18.540 -6.912  -10.504 1.000 19.643 0 226 HOH B O     1 ? 
HETATM 786 O  O     . HOH L 4 .  ? -18.614 -15.075 -3.201  1.000 21.493 0 227 HOH B O     1 ? 
HETATM 787 O  O     . HOH L 4 .  ? 7.920   14.765  14.702  1.000 17.399 0 228 HOH B O     1 ? 
HETATM 788 O  O     . HOH L 4 .  ? -11.615 0.131   -1.533  1.000 11.663 0 229 HOH B O     1 ? 
HETATM 789 O  O     . HOH L 4 .  ? -2.985  -10.826 -1.041  1.000 15.113 0 230 HOH B O     1 ? 
HETATM 790 O  O     . HOH L 4 .  ? -7.190  -0.406  5.118   1.000 11.600 0 231 HOH B O     1 ? 
HETATM 791 O  O     . HOH L 4 .  ? -14.078 -2.908  -8.896  1.000 21.152 0 232 HOH B O     1 ? 
HETATM 792 O  O     . HOH L 4 .  ? 6.191   17.104  11.217  1.000 27.126 0 233 HOH B O     1 ? 
HETATM 793 O  O     . HOH L 4 .  ? -14.229 -6.602  2.327   1.000 22.214 0 234 HOH B O     1 ? 
HETATM 794 O  O     . HOH L 4 .  ? -3.080  -2.759  5.211   1.000 23.235 0 235 HOH B O     1 ? 
HETATM 795 O  O     . HOH L 4 .  ? -3.693  -2.870  1.228   1.000 19.132 0 236 HOH B O     1 ? 
HETATM 796 O  O     . HOH L 4 .  ? -11.797 -2.968  -6.882  1.000 21.231 0 237 HOH B O     1 ? 
HETATM 797 O  O     . HOH L 4 .  ? 4.712   -4.645  2.664   1.000 24.766 0 238 HOH B O     1 ? 
HETATM 798 O  O     . HOH L 4 .  ? -14.381 1.684   -4.948  1.000 15.462 0 239 HOH B O     1 ? 
HETATM 799 O  O     . HOH L 4 .  ? -4.168  -1.702  -1.530  1.000 18.071 0 240 HOH B O     1 ? 
HETATM 800 O  O     . HOH L 4 .  ? 10.261  12.550  6.508   1.000 36.473 0 241 HOH B O     1 ? 
HETATM 801 O  O     . HOH L 4 .  ? 4.934   -8.674  3.128   1.000 25.161 0 242 HOH B O     1 ? 
HETATM 802 O  O     . HOH L 4 .  ? 1.885   12.568  8.275   1.000 19.499 0 243 HOH B O     1 ? 
HETATM 803 O  O     . HOH L 4 .  ? 10.918  9.057   3.750   1.000 24.813 0 244 HOH B O     1 ? 
HETATM 804 O  O     . HOH L 4 .  ? 1.050   -3.709  -0.090  1.000 30.547 0 245 HOH B O     1 ? 
HETATM 805 O  O     . HOH L 4 .  ? -2.158  -5.043  6.612   1.000 26.766 0 246 HOH B O     1 ? 
HETATM 806 O  O     . HOH L 4 .  ? -24.190 -6.877  -3.366  1.000 28.491 0 247 HOH B O     1 ? 
HETATM 807 O  O     . HOH L 4 .  ? -11.640 2.772   1.415   1.000 32.525 0 248 HOH B O     1 ? 
HETATM 808 O  O     . HOH L 4 .  ? -13.397 -10.260 -10.257 1.000 32.816 0 249 HOH B O     1 ? 
HETATM 809 O  O     . HOH L 4 .  ? -11.366 -9.082  4.460   0.330 24.288 0 250 HOH B O     1 ? 
HETATM 810 O  O     . HOH L 4 .  ? -7.379  -6.703  6.786   0.330 20.200 0 251 HOH B O     1 ? 
HETATM 811 O  O     . HOH L 4 .  ? 1.426   10.042  7.073   1.000 28.521 0 252 HOH B O     1 ? 
HETATM 812 O  O     . HOH L 4 .  ? -7.674  -1.358  -2.098  1.000 30.788 0 253 HOH B O     1 ? 
HETATM 813 O  O     . HOH L 4 .  ? 3.721   -6.885  4.364   1.000 22.279 0 254 HOH B O     1 ? 
HETATM 814 O  O     . HOH L 4 .  ? -2.983  -4.079  9.353   0.330 18.944 0 255 HOH B O     1 ? 
# 
loop_
_pdbx_poly_seq_scheme.asym_id 
_pdbx_poly_seq_scheme.entity_id 
_pdbx_poly_seq_scheme.seq_id 
_pdbx_poly_seq_scheme.mon_id 
_pdbx_poly_seq_scheme.ndb_seq_num 
_pdbx_poly_seq_scheme.pdb_seq_num 
_pdbx_poly_seq_scheme.auth_seq_num 
_pdbx_poly_seq_scheme.pdb_mon_id 
_pdbx_poly_seq_scheme.auth_mon_id 
_pdbx_poly_seq_scheme.pdb_strand_id 
_pdbx_poly_seq_scheme.pdb_ins_code 
_pdbx_poly_seq_scheme.hetero 
A 1 1  LKC 1  1  1  LKC LCC A . n 
A 1 2  LCC 2  2  2  LCC LCC A . n 
A 1 3  LCC 3  3  3  LCC LCC A . n 
A 1 4  LCG 4  4  4  LCG LCG A . n 
A 1 5  A   5  5  5  A   A   A . n 
A 1 6  C   6  6  6  C   C   A . n 
A 1 7  U   7  7  7  U   U   A . n 
A 1 8  U   8  8  8  U   U   A . n 
A 1 9  A   9  9  9  A   A   A . n 
A 1 10 A   10 10 10 A   A   A . n 
A 1 11 G   11 11 11 G   G   A . n 
A 1 12 U   12 12 12 U   U   A . n 
A 1 13 C   13 13 13 C   C   A . n 
A 1 14 G   14 14 14 G   G   A . n 
B 1 1  LKC 1  1  1  LKC LCC B . n 
B 1 2  LCC 2  2  2  LCC LCC B . n 
B 1 3  LCC 3  3  3  LCC LCC B . n 
B 1 4  LCG 4  4  4  LCG LCG B . n 
B 1 5  A   5  5  5  A   A   B . n 
B 1 6  C   6  6  6  C   C   B . n 
B 1 7  U   7  7  7  U   U   B . n 
B 1 8  U   8  8  8  U   U   B . n 
B 1 9  A   9  9  9  A   A   B . n 
B 1 10 A   10 10 10 A   A   B . n 
B 1 11 G   11 11 11 G   G   B . n 
B 1 12 U   12 12 12 U   U   B . n 
B 1 13 C   13 13 13 C   C   B . n 
B 1 14 G   14 14 14 G   G   B . n 
# 
loop_
_pdbx_nonpoly_scheme.asym_id 
_pdbx_nonpoly_scheme.entity_id 
_pdbx_nonpoly_scheme.mon_id 
_pdbx_nonpoly_scheme.ndb_seq_num 
_pdbx_nonpoly_scheme.pdb_seq_num 
_pdbx_nonpoly_scheme.auth_seq_num 
_pdbx_nonpoly_scheme.pdb_mon_id 
_pdbx_nonpoly_scheme.auth_mon_id 
_pdbx_nonpoly_scheme.pdb_strand_id 
_pdbx_nonpoly_scheme.pdb_ins_code 
C 2 GP3 1  101 101 GP3 GP3 A . 
D 3 MG  1  102 1   MG  MG  A . 
E 3 MG  1  103 7   MG  MG  A . 
F 3 MG  1  104 12  MG  MG  A . 
G 2 GP3 1  101 101 GP3 GP3 B . 
H 3 MG  1  102 2   MG  MG  B . 
I 3 MG  1  103 5   MG  MG  B . 
J 3 MG  1  104 8   MG  MG  B . 
K 4 HOH 1  201 49  HOH HOH A . 
K 4 HOH 2  202 83  HOH HOH A . 
K 4 HOH 3  203 55  HOH HOH A . 
K 4 HOH 4  204 65  HOH HOH A . 
K 4 HOH 5  205 81  HOH HOH A . 
K 4 HOH 6  206 54  HOH HOH A . 
K 4 HOH 7  207 84  HOH HOH A . 
K 4 HOH 8  208 80  HOH HOH A . 
K 4 HOH 9  209 103 HOH HOH A . 
K 4 HOH 10 210 37  HOH HOH A . 
K 4 HOH 11 211 93  HOH HOH A . 
K 4 HOH 12 212 51  HOH HOH A . 
K 4 HOH 13 213 24  HOH HOH A . 
K 4 HOH 14 214 86  HOH HOH A . 
K 4 HOH 15 215 82  HOH HOH A . 
K 4 HOH 16 216 9   HOH HOH A . 
K 4 HOH 17 217 27  HOH HOH A . 
K 4 HOH 18 218 107 HOH HOH A . 
K 4 HOH 19 219 71  HOH HOH A . 
K 4 HOH 20 220 48  HOH HOH A . 
K 4 HOH 21 221 91  HOH HOH A . 
K 4 HOH 22 222 69  HOH HOH A . 
K 4 HOH 23 223 104 HOH HOH A . 
K 4 HOH 24 224 85  HOH HOH A . 
K 4 HOH 25 225 26  HOH HOH A . 
K 4 HOH 26 226 3   HOH HOH A . 
K 4 HOH 27 227 36  HOH HOH A . 
K 4 HOH 28 228 63  HOH HOH A . 
K 4 HOH 29 229 30  HOH HOH A . 
K 4 HOH 30 230 17  HOH HOH A . 
K 4 HOH 31 231 1   HOH HOH A . 
K 4 HOH 32 232 62  HOH HOH A . 
K 4 HOH 33 233 50  HOH HOH A . 
K 4 HOH 34 234 13  HOH HOH A . 
K 4 HOH 35 235 39  HOH HOH A . 
K 4 HOH 36 236 11  HOH HOH A . 
K 4 HOH 37 237 14  HOH HOH A . 
K 4 HOH 38 238 28  HOH HOH A . 
K 4 HOH 39 239 33  HOH HOH A . 
K 4 HOH 40 240 15  HOH HOH A . 
K 4 HOH 41 241 32  HOH HOH A . 
K 4 HOH 42 242 12  HOH HOH A . 
K 4 HOH 43 243 92  HOH HOH A . 
K 4 HOH 44 244 25  HOH HOH A . 
K 4 HOH 45 245 87  HOH HOH A . 
K 4 HOH 46 246 31  HOH HOH A . 
K 4 HOH 47 247 40  HOH HOH A . 
K 4 HOH 48 248 10  HOH HOH A . 
K 4 HOH 49 249 79  HOH HOH A . 
K 4 HOH 50 250 97  HOH HOH A . 
K 4 HOH 51 251 64  HOH HOH A . 
K 4 HOH 52 252 75  HOH HOH A . 
K 4 HOH 53 253 29  HOH HOH A . 
L 4 HOH 1  201 61  HOH HOH B . 
L 4 HOH 2  202 60  HOH HOH B . 
L 4 HOH 3  203 70  HOH HOH B . 
L 4 HOH 4  204 66  HOH HOH B . 
L 4 HOH 5  205 67  HOH HOH B . 
L 4 HOH 6  206 102 HOH HOH B . 
L 4 HOH 7  207 88  HOH HOH B . 
L 4 HOH 8  208 89  HOH HOH B . 
L 4 HOH 9  209 76  HOH HOH B . 
L 4 HOH 10 210 108 HOH HOH B . 
L 4 HOH 11 211 94  HOH HOH B . 
L 4 HOH 12 212 57  HOH HOH B . 
L 4 HOH 13 213 46  HOH HOH B . 
L 4 HOH 14 214 100 HOH HOH B . 
L 4 HOH 15 215 21  HOH HOH B . 
L 4 HOH 16 216 4   HOH HOH B . 
L 4 HOH 17 217 53  HOH HOH B . 
L 4 HOH 18 218 41  HOH HOH B . 
L 4 HOH 19 219 106 HOH HOH B . 
L 4 HOH 20 220 77  HOH HOH B . 
L 4 HOH 21 221 105 HOH HOH B . 
L 4 HOH 22 222 5   HOH HOH B . 
L 4 HOH 23 223 2   HOH HOH B . 
L 4 HOH 24 224 74  HOH HOH B . 
L 4 HOH 25 225 43  HOH HOH B . 
L 4 HOH 26 226 58  HOH HOH B . 
L 4 HOH 27 227 59  HOH HOH B . 
L 4 HOH 28 228 68  HOH HOH B . 
L 4 HOH 29 229 19  HOH HOH B . 
L 4 HOH 30 230 34  HOH HOH B . 
L 4 HOH 31 231 8   HOH HOH B . 
L 4 HOH 32 232 23  HOH HOH B . 
L 4 HOH 33 233 78  HOH HOH B . 
L 4 HOH 34 234 56  HOH HOH B . 
L 4 HOH 35 235 22  HOH HOH B . 
L 4 HOH 36 236 7   HOH HOH B . 
L 4 HOH 37 237 20  HOH HOH B . 
L 4 HOH 38 238 38  HOH HOH B . 
L 4 HOH 39 239 18  HOH HOH B . 
L 4 HOH 40 240 6   HOH HOH B . 
L 4 HOH 41 241 47  HOH HOH B . 
L 4 HOH 42 242 52  HOH HOH B . 
L 4 HOH 43 243 44  HOH HOH B . 
L 4 HOH 44 244 16  HOH HOH B . 
L 4 HOH 45 245 42  HOH HOH B . 
L 4 HOH 46 246 73  HOH HOH B . 
L 4 HOH 47 247 101 HOH HOH B . 
L 4 HOH 48 248 96  HOH HOH B . 
L 4 HOH 49 249 90  HOH HOH B . 
L 4 HOH 50 250 99  HOH HOH B . 
L 4 HOH 51 251 98  HOH HOH B . 
L 4 HOH 52 252 45  HOH HOH B . 
L 4 HOH 53 253 95  HOH HOH B . 
L 4 HOH 54 254 35  HOH HOH B . 
L 4 HOH 55 255 72  HOH HOH B . 
# 
_pdbx_struct_assembly.id                   1 
_pdbx_struct_assembly.details              author_and_software_defined_assembly 
_pdbx_struct_assembly.method_details       PISA 
_pdbx_struct_assembly.oligomeric_details   dimeric 
_pdbx_struct_assembly.oligomeric_count     2 
# 
_pdbx_struct_assembly_gen.assembly_id       1 
_pdbx_struct_assembly_gen.oper_expression   1 
_pdbx_struct_assembly_gen.asym_id_list      A,B,C,D,E,F,G,H,I,J,K,L 
# 
loop_
_pdbx_struct_assembly_prop.biol_id 
_pdbx_struct_assembly_prop.type 
_pdbx_struct_assembly_prop.value 
_pdbx_struct_assembly_prop.details 
1 'ABSA (A^2)' 2980 ? 
1 MORE         -4   ? 
1 'SSA (A^2)'  5210 ? 
# 
_pdbx_struct_oper_list.id                   1 
_pdbx_struct_oper_list.type                 'identity operation' 
_pdbx_struct_oper_list.name                 1_555 
_pdbx_struct_oper_list.symmetry_operation   x,y,z 
_pdbx_struct_oper_list.matrix[1][1]         1.0000000000 
_pdbx_struct_oper_list.matrix[1][2]         0.0000000000 
_pdbx_struct_oper_list.matrix[1][3]         0.0000000000 
_pdbx_struct_oper_list.vector[1]            0.0000000000 
_pdbx_struct_oper_list.matrix[2][1]         0.0000000000 
_pdbx_struct_oper_list.matrix[2][2]         1.0000000000 
_pdbx_struct_oper_list.matrix[2][3]         0.0000000000 
_pdbx_struct_oper_list.vector[2]            0.0000000000 
_pdbx_struct_oper_list.matrix[3][1]         0.0000000000 
_pdbx_struct_oper_list.matrix[3][2]         0.0000000000 
_pdbx_struct_oper_list.matrix[3][3]         1.0000000000 
_pdbx_struct_oper_list.vector[3]            0.0000000000 
# 
loop_
_pdbx_struct_special_symmetry.id 
_pdbx_struct_special_symmetry.PDB_model_num 
_pdbx_struct_special_symmetry.auth_asym_id 
_pdbx_struct_special_symmetry.auth_comp_id 
_pdbx_struct_special_symmetry.auth_seq_id 
_pdbx_struct_special_symmetry.PDB_ins_code 
_pdbx_struct_special_symmetry.label_asym_id 
_pdbx_struct_special_symmetry.label_comp_id 
_pdbx_struct_special_symmetry.label_seq_id 
1 1 A HOH 250 ? K HOH . 
2 1 B HOH 250 ? L HOH . 
3 1 B HOH 251 ? L HOH . 
4 1 B HOH 255 ? L HOH . 
# 
loop_
_pdbx_struct_conn_angle.id 
_pdbx_struct_conn_angle.ptnr1_label_atom_id 
_pdbx_struct_conn_angle.ptnr1_label_alt_id 
_pdbx_struct_conn_angle.ptnr1_label_asym_id 
_pdbx_struct_conn_angle.ptnr1_label_comp_id 
_pdbx_struct_conn_angle.ptnr1_label_seq_id 
_pdbx_struct_conn_angle.ptnr1_auth_atom_id 
_pdbx_struct_conn_angle.ptnr1_auth_asym_id 
_pdbx_struct_conn_angle.ptnr1_auth_comp_id 
_pdbx_struct_conn_angle.ptnr1_auth_seq_id 
_pdbx_struct_conn_angle.ptnr1_PDB_ins_code 
_pdbx_struct_conn_angle.ptnr1_symmetry 
_pdbx_struct_conn_angle.ptnr2_label_atom_id 
_pdbx_struct_conn_angle.ptnr2_label_alt_id 
_pdbx_struct_conn_angle.ptnr2_label_asym_id 
_pdbx_struct_conn_angle.ptnr2_label_comp_id 
_pdbx_struct_conn_angle.ptnr2_label_seq_id 
_pdbx_struct_conn_angle.ptnr2_auth_atom_id 
_pdbx_struct_conn_angle.ptnr2_auth_asym_id 
_pdbx_struct_conn_angle.ptnr2_auth_comp_id 
_pdbx_struct_conn_angle.ptnr2_auth_seq_id 
_pdbx_struct_conn_angle.ptnr2_PDB_ins_code 
_pdbx_struct_conn_angle.ptnr2_symmetry 
_pdbx_struct_conn_angle.ptnr3_label_atom_id 
_pdbx_struct_conn_angle.ptnr3_label_alt_id 
_pdbx_struct_conn_angle.ptnr3_label_asym_id 
_pdbx_struct_conn_angle.ptnr3_label_comp_id 
_pdbx_struct_conn_angle.ptnr3_label_seq_id 
_pdbx_struct_conn_angle.ptnr3_auth_atom_id 
_pdbx_struct_conn_angle.ptnr3_auth_asym_id 
_pdbx_struct_conn_angle.ptnr3_auth_comp_id 
_pdbx_struct_conn_angle.ptnr3_auth_seq_id 
_pdbx_struct_conn_angle.ptnr3_PDB_ins_code 
_pdbx_struct_conn_angle.ptnr3_symmetry 
_pdbx_struct_conn_angle.value 
_pdbx_struct_conn_angle.value_esd 
1  O3D ? C GP3 . ? A GP3 101 ? 1_555 MG ? H MG . ? B MG 102 ? 1_555 O2D ? C GP3 . ? A GP3 101 ? 1_555 79.1  ? 
2  O3D ? C GP3 . ? A GP3 101 ? 1_555 MG ? H MG . ? B MG 102 ? 1_555 O3D ? C GP3 . ? A GP3 101 ? 1_555 0.0   ? 
3  O2D ? C GP3 . ? A GP3 101 ? 1_555 MG ? H MG . ? B MG 102 ? 1_555 O3D ? C GP3 . ? A GP3 101 ? 1_555 79.1  ? 
4  O3D ? C GP3 . ? A GP3 101 ? 1_555 MG ? H MG . ? B MG 102 ? 1_555 O2D ? C GP3 . ? A GP3 101 ? 1_555 79.1  ? 
5  O2D ? C GP3 . ? A GP3 101 ? 1_555 MG ? H MG . ? B MG 102 ? 1_555 O2D ? C GP3 . ? A GP3 101 ? 1_555 0.0   ? 
6  O3D ? C GP3 . ? A GP3 101 ? 1_555 MG ? H MG . ? B MG 102 ? 1_555 O2D ? C GP3 . ? A GP3 101 ? 1_555 79.1  ? 
7  O2A ? C GP3 . ? A GP3 101 ? 1_555 MG ? I MG . ? B MG 103 ? 1_555 O2G ? C GP3 . ? A GP3 101 ? 1_555 121.9 ? 
8  O2A ? C GP3 . ? A GP3 101 ? 1_555 MG ? I MG . ? B MG 103 ? 1_555 O   ? K HOH . ? A HOH 201 ? 1_555 63.4  ? 
9  O2G ? C GP3 . ? A GP3 101 ? 1_555 MG ? I MG . ? B MG 103 ? 1_555 O   ? K HOH . ? A HOH 201 ? 1_555 174.5 ? 
10 O2A ? C GP3 . ? A GP3 101 ? 1_555 MG ? I MG . ? B MG 103 ? 1_555 O   ? K HOH . ? A HOH 202 ? 1_555 68.3  ? 
11 O2G ? C GP3 . ? A GP3 101 ? 1_555 MG ? I MG . ? B MG 103 ? 1_555 O   ? K HOH . ? A HOH 202 ? 1_555 90.7  ? 
12 O   ? K HOH . ? A HOH 201 ? 1_555 MG ? I MG . ? B MG 103 ? 1_555 O   ? K HOH . ? A HOH 202 ? 1_555 92.7  ? 
13 O2A ? C GP3 . ? A GP3 101 ? 1_555 MG ? I MG . ? B MG 103 ? 1_555 O   ? K HOH . ? A HOH 220 ? 1_555 107.4 ? 
14 O2G ? C GP3 . ? A GP3 101 ? 1_555 MG ? I MG . ? B MG 103 ? 1_555 O   ? K HOH . ? A HOH 220 ? 1_555 91.1  ? 
15 O   ? K HOH . ? A HOH 201 ? 1_555 MG ? I MG . ? B MG 103 ? 1_555 O   ? K HOH . ? A HOH 220 ? 1_555 85.8  ? 
16 O   ? K HOH . ? A HOH 202 ? 1_555 MG ? I MG . ? B MG 103 ? 1_555 O   ? K HOH . ? A HOH 220 ? 1_555 175.7 ? 
17 O3D ? G GP3 . ? B GP3 101 ? 1_555 MG ? D MG . ? A MG 102 ? 1_555 O2D ? G GP3 . ? B GP3 101 ? 1_555 78.3  ? 
18 O3D ? G GP3 . ? B GP3 101 ? 1_555 MG ? D MG . ? A MG 102 ? 1_555 O3D ? G GP3 . ? B GP3 101 ? 2_565 105.9 ? 
19 O2D ? G GP3 . ? B GP3 101 ? 1_555 MG ? D MG . ? A MG 102 ? 1_555 O3D ? G GP3 . ? B GP3 101 ? 2_565 110.2 ? 
20 O3D ? G GP3 . ? B GP3 101 ? 1_555 MG ? D MG . ? A MG 102 ? 1_555 O2D ? G GP3 . ? B GP3 101 ? 3_455 110.4 ? 
21 O2D ? G GP3 . ? B GP3 101 ? 1_555 MG ? D MG . ? A MG 102 ? 1_555 O2D ? G GP3 . ? B GP3 101 ? 3_455 95.1  ? 
22 O3D ? G GP3 . ? B GP3 101 ? 2_565 MG ? D MG . ? A MG 102 ? 1_555 O2D ? G GP3 . ? B GP3 101 ? 3_455 139.2 ? 
23 O   ? K HOH . ? A HOH 210 ? 1_555 MG ? E MG . ? A MG 103 ? 1_555 O   ? K HOH . ? A HOH 227 ? 1_555 101.3 ? 
24 O   ? K HOH . ? A HOH 210 ? 1_555 MG ? E MG . ? A MG 103 ? 1_555 O   ? K HOH . ? A HOH 231 ? 1_555 97.2  ? 
25 O   ? K HOH . ? A HOH 227 ? 1_555 MG ? E MG . ? A MG 103 ? 1_555 O   ? K HOH . ? A HOH 231 ? 1_555 83.1  ? 
26 O   ? K HOH . ? A HOH 210 ? 1_555 MG ? E MG . ? A MG 103 ? 1_555 O   ? L HOH . ? B HOH 223 ? 1_555 87.9  ? 
27 O   ? K HOH . ? A HOH 227 ? 1_555 MG ? E MG . ? A MG 103 ? 1_555 O   ? L HOH . ? B HOH 223 ? 1_555 169.3 ? 
28 O   ? K HOH . ? A HOH 231 ? 1_555 MG ? E MG . ? A MG 103 ? 1_555 O   ? L HOH . ? B HOH 223 ? 1_555 90.4  ? 
29 O   ? K HOH . ? A HOH 210 ? 1_555 MG ? E MG . ? A MG 103 ? 1_555 O   ? L HOH . ? B HOH 238 ? 1_555 79.1  ? 
30 O   ? K HOH . ? A HOH 227 ? 1_555 MG ? E MG . ? A MG 103 ? 1_555 O   ? L HOH . ? B HOH 238 ? 1_555 99.2  ? 
31 O   ? K HOH . ? A HOH 231 ? 1_555 MG ? E MG . ? A MG 103 ? 1_555 O   ? L HOH . ? B HOH 238 ? 1_555 175.9 ? 
32 O   ? L HOH . ? B HOH 223 ? 1_555 MG ? E MG . ? A MG 103 ? 1_555 O   ? L HOH . ? B HOH 238 ? 1_555 87.8  ? 
33 O   ? K HOH . ? A HOH 210 ? 1_555 MG ? E MG . ? A MG 103 ? 1_555 O   ? L HOH . ? B HOH 254 ? 1_555 168.5 ? 
34 O   ? K HOH . ? A HOH 227 ? 1_555 MG ? E MG . ? A MG 103 ? 1_555 O   ? L HOH . ? B HOH 254 ? 1_555 80.6  ? 
35 O   ? K HOH . ? A HOH 231 ? 1_555 MG ? E MG . ? A MG 103 ? 1_555 O   ? L HOH . ? B HOH 254 ? 1_555 94.3  ? 
36 O   ? L HOH . ? B HOH 223 ? 1_555 MG ? E MG . ? A MG 103 ? 1_555 O   ? L HOH . ? B HOH 254 ? 1_555 91.4  ? 
37 O   ? L HOH . ? B HOH 238 ? 1_555 MG ? E MG . ? A MG 103 ? 1_555 O   ? L HOH . ? B HOH 254 ? 1_555 89.4  ? 
38 O2A ? G GP3 . ? B GP3 101 ? 1_555 MG ? F MG . ? A MG 104 ? 1_555 O2G ? G GP3 . ? B GP3 101 ? 1_555 119.7 ? 
39 O2A ? G GP3 . ? B GP3 101 ? 1_555 MG ? F MG . ? A MG 104 ? 1_555 O   ? L HOH . ? B HOH 201 ? 1_555 67.4  ? 
40 O2G ? G GP3 . ? B GP3 101 ? 1_555 MG ? F MG . ? A MG 104 ? 1_555 O   ? L HOH . ? B HOH 201 ? 1_555 85.5  ? 
41 O2A ? G GP3 . ? B GP3 101 ? 1_555 MG ? F MG . ? A MG 104 ? 1_555 O   ? L HOH . ? B HOH 202 ? 1_555 62.8  ? 
42 O2G ? G GP3 . ? B GP3 101 ? 1_555 MG ? F MG . ? A MG 104 ? 1_555 O   ? L HOH . ? B HOH 202 ? 1_555 176.9 ? 
43 O   ? L HOH . ? B HOH 201 ? 1_555 MG ? F MG . ? A MG 104 ? 1_555 O   ? L HOH . ? B HOH 202 ? 1_555 94.0  ? 
44 O2A ? G GP3 . ? B GP3 101 ? 1_555 MG ? F MG . ? A MG 104 ? 1_555 O   ? L HOH . ? B HOH 227 ? 1_555 107.3 ? 
45 O2G ? G GP3 . ? B GP3 101 ? 1_555 MG ? F MG . ? A MG 104 ? 1_555 O   ? L HOH . ? B HOH 227 ? 1_555 95.6  ? 
46 O   ? L HOH . ? B HOH 201 ? 1_555 MG ? F MG . ? A MG 104 ? 1_555 O   ? L HOH . ? B HOH 227 ? 1_555 174.2 ? 
47 O   ? L HOH . ? B HOH 202 ? 1_555 MG ? F MG . ? A MG 104 ? 1_555 O   ? L HOH . ? B HOH 227 ? 1_555 85.2  ? 
48 O   ? K HOH . ? A HOH 226 ? 1_555 MG ? J MG . ? B MG 104 ? 1_555 O   ? K HOH . ? A HOH 238 ? 1_555 87.5  ? 
49 O   ? K HOH . ? A HOH 226 ? 1_555 MG ? J MG . ? B MG 104 ? 1_555 O   ? K HOH . ? A HOH 253 ? 1_555 91.0  ? 
50 O   ? K HOH . ? A HOH 238 ? 1_555 MG ? J MG . ? B MG 104 ? 1_555 O   ? K HOH . ? A HOH 253 ? 1_555 86.8  ? 
51 O   ? K HOH . ? A HOH 226 ? 1_555 MG ? J MG . ? B MG 104 ? 1_555 O   ? L HOH . ? B HOH 216 ? 1_555 90.1  ? 
52 O   ? K HOH . ? A HOH 238 ? 1_555 MG ? J MG . ? B MG 104 ? 1_555 O   ? L HOH . ? B HOH 216 ? 1_555 79.0  ? 
53 O   ? K HOH . ? A HOH 253 ? 1_555 MG ? J MG . ? B MG 104 ? 1_555 O   ? L HOH . ? B HOH 216 ? 1_555 165.7 ? 
54 O   ? K HOH . ? A HOH 226 ? 1_555 MG ? J MG . ? B MG 104 ? 1_555 O   ? L HOH . ? B HOH 222 ? 1_555 170.5 ? 
55 O   ? K HOH . ? A HOH 238 ? 1_555 MG ? J MG . ? B MG 104 ? 1_555 O   ? L HOH . ? B HOH 222 ? 1_555 99.2  ? 
56 O   ? K HOH . ? A HOH 253 ? 1_555 MG ? J MG . ? B MG 104 ? 1_555 O   ? L HOH . ? B HOH 222 ? 1_555 82.6  ? 
57 O   ? L HOH . ? B HOH 216 ? 1_555 MG ? J MG . ? B MG 104 ? 1_555 O   ? L HOH . ? B HOH 222 ? 1_555 97.9  ? 
58 O   ? K HOH . ? A HOH 226 ? 1_555 MG ? J MG . ? B MG 104 ? 1_555 O   ? L HOH . ? B HOH 231 ? 1_555 91.3  ? 
59 O   ? K HOH . ? A HOH 238 ? 1_555 MG ? J MG . ? B MG 104 ? 1_555 O   ? L HOH . ? B HOH 231 ? 1_555 177.7 ? 
60 O   ? K HOH . ? A HOH 253 ? 1_555 MG ? J MG . ? B MG 104 ? 1_555 O   ? L HOH . ? B HOH 231 ? 1_555 95.2  ? 
61 O   ? L HOH . ? B HOH 216 ? 1_555 MG ? J MG . ? B MG 104 ? 1_555 O   ? L HOH . ? B HOH 231 ? 1_555 99.1  ? 
62 O   ? L HOH . ? B HOH 222 ? 1_555 MG ? J MG . ? B MG 104 ? 1_555 O   ? L HOH . ? B HOH 231 ? 1_555 82.3  ? 
# 
loop_
_pdbx_audit_revision_history.ordinal 
_pdbx_audit_revision_history.data_content_type 
_pdbx_audit_revision_history.major_revision 
_pdbx_audit_revision_history.minor_revision 
_pdbx_audit_revision_history.revision_date 
1 'Structure model' 1 0 2021-09-08 
2 'Structure model' 1 1 2021-10-20 
3 'Structure model' 1 2 2022-03-23 
4 'Structure model' 1 3 2023-10-18 
# 
_pdbx_audit_revision_details.ordinal             1 
_pdbx_audit_revision_details.revision_ordinal    1 
_pdbx_audit_revision_details.data_content_type   'Structure model' 
_pdbx_audit_revision_details.provider            repository 
_pdbx_audit_revision_details.type                'Initial release' 
_pdbx_audit_revision_details.description         ? 
_pdbx_audit_revision_details.details             ? 
# 
loop_
_pdbx_audit_revision_group.ordinal 
_pdbx_audit_revision_group.revision_ordinal 
_pdbx_audit_revision_group.data_content_type 
_pdbx_audit_revision_group.group 
1 2 'Structure model' 'Database references'    
2 3 'Structure model' 'Database references'    
3 4 'Structure model' 'Data collection'        
4 4 'Structure model' 'Refinement description' 
# 
loop_
_pdbx_audit_revision_category.ordinal 
_pdbx_audit_revision_category.revision_ordinal 
_pdbx_audit_revision_category.data_content_type 
_pdbx_audit_revision_category.category 
1 2 'Structure model' citation                      
2 3 'Structure model' citation_author               
3 4 'Structure model' chem_comp_atom                
4 4 'Structure model' chem_comp_bond                
5 4 'Structure model' pdbx_initial_refinement_model 
# 
loop_
_pdbx_audit_revision_item.ordinal 
_pdbx_audit_revision_item.revision_ordinal 
_pdbx_audit_revision_item.data_content_type 
_pdbx_audit_revision_item.item 
1 2 'Structure model' '_citation.journal_volume'          
2 2 'Structure model' '_citation.page_first'              
3 2 'Structure model' '_citation.page_last'               
4 2 'Structure model' '_citation.title'                   
5 3 'Structure model' '_citation_author.identifier_ORCID' 
# 
loop_
_software.citation_id 
_software.classification 
_software.compiler_name 
_software.compiler_version 
_software.contact_author 
_software.contact_author_email 
_software.date 
_software.description 
_software.dependencies 
_software.hardware 
_software.language 
_software.location 
_software.mods 
_software.name 
_software.os 
_software.os_version 
_software.type 
_software.version 
_software.pdbx_ordinal 
? refinement       ? ? ? ? ? ? ? ? ? ? ? REFMAC   ? ? ? 5.8.0267 1 
? 'data reduction' ? ? ? ? ? ? ? ? ? ? ? HKL-2000 ? ? ? .        2 
? 'data scaling'   ? ? ? ? ? ? ? ? ? ? ? HKL-2000 ? ? ? .        3 
? phasing          ? ? ? ? ? ? ? ? ? ? ? PHASER   ? ? ? .        4 
# 
_pdbx_entry_details.entry_id                 7KUK 
_pdbx_entry_details.has_ligand_of_interest   Y 
_pdbx_entry_details.compound_details         ? 
_pdbx_entry_details.source_details           ? 
_pdbx_entry_details.nonpolymer_details       ? 
_pdbx_entry_details.sequence_details         ? 
# 
_pdbx_validate_close_contact.id               1 
_pdbx_validate_close_contact.PDB_model_num    1 
_pdbx_validate_close_contact.auth_atom_id_1   O2B 
_pdbx_validate_close_contact.auth_asym_id_1   B 
_pdbx_validate_close_contact.auth_comp_id_1   GP3 
_pdbx_validate_close_contact.auth_seq_id_1    101 
_pdbx_validate_close_contact.PDB_ins_code_1   ? 
_pdbx_validate_close_contact.label_alt_id_1   ? 
_pdbx_validate_close_contact.auth_atom_id_2   O 
_pdbx_validate_close_contact.auth_asym_id_2   B 
_pdbx_validate_close_contact.auth_comp_id_2   HOH 
_pdbx_validate_close_contact.auth_seq_id_2    201 
_pdbx_validate_close_contact.PDB_ins_code_2   ? 
_pdbx_validate_close_contact.label_alt_id_2   ? 
_pdbx_validate_close_contact.dist             2.18 
# 
_pdbx_validate_rmsd_angle.id                         1 
_pdbx_validate_rmsd_angle.PDB_model_num              1 
_pdbx_validate_rmsd_angle.auth_atom_id_1             "O5'" 
_pdbx_validate_rmsd_angle.auth_asym_id_1             B 
_pdbx_validate_rmsd_angle.auth_comp_id_1             U 
_pdbx_validate_rmsd_angle.auth_seq_id_1              8 
_pdbx_validate_rmsd_angle.PDB_ins_code_1             ? 
_pdbx_validate_rmsd_angle.label_alt_id_1             ? 
_pdbx_validate_rmsd_angle.auth_atom_id_2             P 
_pdbx_validate_rmsd_angle.auth_asym_id_2             B 
_pdbx_validate_rmsd_angle.auth_comp_id_2             U 
_pdbx_validate_rmsd_angle.auth_seq_id_2              8 
_pdbx_validate_rmsd_angle.PDB_ins_code_2             ? 
_pdbx_validate_rmsd_angle.label_alt_id_2             ? 
_pdbx_validate_rmsd_angle.auth_atom_id_3             OP2 
_pdbx_validate_rmsd_angle.auth_asym_id_3             B 
_pdbx_validate_rmsd_angle.auth_comp_id_3             U 
_pdbx_validate_rmsd_angle.auth_seq_id_3              8 
_pdbx_validate_rmsd_angle.PDB_ins_code_3             ? 
_pdbx_validate_rmsd_angle.label_alt_id_3             ? 
_pdbx_validate_rmsd_angle.angle_value                97.89 
_pdbx_validate_rmsd_angle.angle_target_value         105.70 
_pdbx_validate_rmsd_angle.angle_deviation            -7.81 
_pdbx_validate_rmsd_angle.angle_standard_deviation   0.90 
_pdbx_validate_rmsd_angle.linker_flag                N 
# 
loop_
_chem_comp_atom.comp_id 
_chem_comp_atom.atom_id 
_chem_comp_atom.type_symbol 
_chem_comp_atom.pdbx_aromatic_flag 
_chem_comp_atom.pdbx_stereo_config 
_chem_comp_atom.pdbx_ordinal 
A   OP3    O  N N 1   
A   P      P  N N 2   
A   OP1    O  N N 3   
A   OP2    O  N N 4   
A   "O5'"  O  N N 5   
A   "C5'"  C  N N 6   
A   "C4'"  C  N R 7   
A   "O4'"  O  N N 8   
A   "C3'"  C  N S 9   
A   "O3'"  O  N N 10  
A   "C2'"  C  N R 11  
A   "O2'"  O  N N 12  
A   "C1'"  C  N R 13  
A   N9     N  Y N 14  
A   C8     C  Y N 15  
A   N7     N  Y N 16  
A   C5     C  Y N 17  
A   C6     C  Y N 18  
A   N6     N  N N 19  
A   N1     N  Y N 20  
A   C2     C  Y N 21  
A   N3     N  Y N 22  
A   C4     C  Y N 23  
A   HOP3   H  N N 24  
A   HOP2   H  N N 25  
A   "H5'"  H  N N 26  
A   "H5''" H  N N 27  
A   "H4'"  H  N N 28  
A   "H3'"  H  N N 29  
A   "HO3'" H  N N 30  
A   "H2'"  H  N N 31  
A   "HO2'" H  N N 32  
A   "H1'"  H  N N 33  
A   H8     H  N N 34  
A   H61    H  N N 35  
A   H62    H  N N 36  
A   H2     H  N N 37  
C   OP3    O  N N 38  
C   P      P  N N 39  
C   OP1    O  N N 40  
C   OP2    O  N N 41  
C   "O5'"  O  N N 42  
C   "C5'"  C  N N 43  
C   "C4'"  C  N R 44  
C   "O4'"  O  N N 45  
C   "C3'"  C  N S 46  
C   "O3'"  O  N N 47  
C   "C2'"  C  N R 48  
C   "O2'"  O  N N 49  
C   "C1'"  C  N R 50  
C   N1     N  N N 51  
C   C2     C  N N 52  
C   O2     O  N N 53  
C   N3     N  N N 54  
C   C4     C  N N 55  
C   N4     N  N N 56  
C   C5     C  N N 57  
C   C6     C  N N 58  
C   HOP3   H  N N 59  
C   HOP2   H  N N 60  
C   "H5'"  H  N N 61  
C   "H5''" H  N N 62  
C   "H4'"  H  N N 63  
C   "H3'"  H  N N 64  
C   "HO3'" H  N N 65  
C   "H2'"  H  N N 66  
C   "HO2'" H  N N 67  
C   "H1'"  H  N N 68  
C   H41    H  N N 69  
C   H42    H  N N 70  
C   H5     H  N N 71  
C   H6     H  N N 72  
G   OP3    O  N N 73  
G   P      P  N N 74  
G   OP1    O  N N 75  
G   OP2    O  N N 76  
G   "O5'"  O  N N 77  
G   "C5'"  C  N N 78  
G   "C4'"  C  N R 79  
G   "O4'"  O  N N 80  
G   "C3'"  C  N S 81  
G   "O3'"  O  N N 82  
G   "C2'"  C  N R 83  
G   "O2'"  O  N N 84  
G   "C1'"  C  N R 85  
G   N9     N  Y N 86  
G   C8     C  Y N 87  
G   N7     N  Y N 88  
G   C5     C  Y N 89  
G   C6     C  N N 90  
G   O6     O  N N 91  
G   N1     N  N N 92  
G   C2     C  N N 93  
G   N2     N  N N 94  
G   N3     N  N N 95  
G   C4     C  Y N 96  
G   HOP3   H  N N 97  
G   HOP2   H  N N 98  
G   "H5'"  H  N N 99  
G   "H5''" H  N N 100 
G   "H4'"  H  N N 101 
G   "H3'"  H  N N 102 
G   "HO3'" H  N N 103 
G   "H2'"  H  N N 104 
G   "HO2'" H  N N 105 
G   "H1'"  H  N N 106 
G   H8     H  N N 107 
G   H1     H  N N 108 
G   H21    H  N N 109 
G   H22    H  N N 110 
GP3 N9A    N  Y N 111 
GP3 C8A    C  Y N 112 
GP3 N7A    N  Y N 113 
GP3 C5A    C  Y N 114 
GP3 C6A    C  N N 115 
GP3 O6A    O  N N 116 
GP3 N1A    N  N N 117 
GP3 C2A    C  N N 118 
GP3 N2A    N  N N 119 
GP3 N3A    N  N N 120 
GP3 C4A    C  Y N 121 
GP3 O5D    O  N N 122 
GP3 C5D    C  N N 123 
GP3 C4D    C  N R 124 
GP3 O4D    O  N N 125 
GP3 C3D    C  N S 126 
GP3 O3D    O  N N 127 
GP3 C2D    C  N R 128 
GP3 O2D    O  N N 129 
GP3 C1D    C  N R 130 
GP3 PA     P  N R 131 
GP3 O1A    O  N N 132 
GP3 O2A    O  N N 133 
GP3 O3A    O  N N 134 
GP3 PB     P  N N 135 
GP3 O1B    O  N N 136 
GP3 O2B    O  N N 137 
GP3 O3B    O  N N 138 
GP3 PG     P  N R 139 
GP3 O1G    O  N N 140 
GP3 O2G    O  N N 141 
GP3 O5E    O  N N 142 
GP3 C5E    C  N N 143 
GP3 C4E    C  N R 144 
GP3 O4E    O  N N 145 
GP3 C3E    C  N S 146 
GP3 O3E    O  N N 147 
GP3 C2E    C  N R 148 
GP3 O2E    O  N N 149 
GP3 C1E    C  N R 150 
GP3 N9B    N  Y N 151 
GP3 C8B    C  Y N 152 
GP3 N7B    N  Y N 153 
GP3 C5B    C  Y N 154 
GP3 C6B    C  N N 155 
GP3 O6B    O  N N 156 
GP3 N1B    N  N N 157 
GP3 C2B    C  N N 158 
GP3 N2B    N  N N 159 
GP3 N3B    N  N N 160 
GP3 C4B    C  Y N 161 
GP3 H8A    H  N N 162 
GP3 H1A    H  N N 163 
GP3 H21A   H  N N 164 
GP3 H22A   H  N N 165 
GP3 H51A   H  N N 166 
GP3 H52A   H  N N 167 
GP3 H4D    H  N N 168 
GP3 H3D    H  N N 169 
GP3 HO3A   H  N N 170 
GP3 H2D    H  N N 171 
GP3 HO2A   H  N N 172 
GP3 H1D    H  N N 173 
GP3 HOA2   H  N N 174 
GP3 HOB2   H  N N 175 
GP3 HOG2   H  N N 176 
GP3 H51B   H  N N 177 
GP3 H52B   H  N N 178 
GP3 H4E    H  N N 179 
GP3 H3E    H  N N 180 
GP3 HO3B   H  N N 181 
GP3 H2E    H  N N 182 
GP3 HO2B   H  N N 183 
GP3 H1E    H  N N 184 
GP3 H8B    H  N N 185 
GP3 H1B    H  N N 186 
GP3 H21B   H  N N 187 
GP3 H22B   H  N N 188 
HOH O      O  N N 189 
HOH H1     H  N N 190 
HOH H2     H  N N 191 
LCC "O5'"  O  N N 192 
LCC "C5'"  C  N N 193 
LCC "C4'"  C  N R 194 
LCC "O4'"  O  N N 195 
LCC "C1'"  C  N R 196 
LCC N1     N  N N 197 
LCC C6     C  N N 198 
LCC C5     C  N N 199 
LCC C5M    C  N N 200 
LCC C4     C  N N 201 
LCC N4     N  N N 202 
LCC N3     N  N N 203 
LCC C2     C  N N 204 
LCC O2     O  N N 205 
LCC "C3'"  C  N S 206 
LCC "C2'"  C  N R 207 
LCC "O2'"  O  N N 208 
LCC "O3'"  O  N N 209 
LCC "C6'"  C  N N 210 
LCC P      P  N N 211 
LCC O1P    O  N N 212 
LCC O2P    O  N N 213 
LCC OXT    O  N N 214 
LCC "H5'1" H  N N 215 
LCC "H5'2" H  N N 216 
LCC "H1'"  H  N N 217 
LCC H6     H  N N 218 
LCC H5M1   H  N N 219 
LCC H5M2   H  N N 220 
LCC H5M3   H  N N 221 
LCC H41    H  N N 222 
LCC H42    H  N N 223 
LCC "H3'"  H  N N 224 
LCC "H2'1" H  N N 225 
LCC H3T    H  N N 226 
LCC "H6'1" H  N N 227 
LCC "H6'2" H  N N 228 
LCC H1P    H  N N 229 
LCC HXT    H  N N 230 
LCG P      P  N N 231 
LCG OP1    O  N N 232 
LCG "O5'"  O  N N 233 
LCG "C5'"  C  N N 234 
LCG "C3'"  C  N S 235 
LCG "C6'"  C  N N 236 
LCG N9     N  Y N 237 
LCG C8     C  Y N 238 
LCG C4     C  Y N 239 
LCG N7     N  Y N 240 
LCG C5     C  Y N 241 
LCG C6     C  N N 242 
LCG "C2'"  C  N R 243 
LCG O6     O  N N 244 
LCG "C4'"  C  N R 245 
LCG "C1'"  C  N R 246 
LCG C2     C  N N 247 
LCG N1     N  N N 248 
LCG "O4'"  O  N N 249 
LCG OP2    O  N N 250 
LCG N2     N  N N 251 
LCG N3     N  N N 252 
LCG "O2'"  O  N N 253 
LCG "O3'"  O  N N 254 
LCG OP3    O  N N 255 
LCG "H5'"  H  N N 256 
LCG "H5''" H  N N 257 
LCG "H3'"  H  N N 258 
LCG "H6'1" H  N N 259 
LCG "H6'2" H  N N 260 
LCG H8     H  N N 261 
LCG "H2'"  H  N N 262 
LCG "H1'"  H  N N 263 
LCG H1     H  N N 264 
LCG HOP2   H  N N 265 
LCG H21    H  N N 266 
LCG H22    H  N N 267 
LCG "HO3'" H  N N 268 
LCG HOP3   H  N N 269 
LKC N1     N  N N 270 
LKC C2     C  N N 271 
LKC N3     N  N N 272 
LKC C4     C  N N 273 
LKC C5     C  N N 274 
LKC C6     C  N N 275 
LKC O2     O  N N 276 
LKC N4     N  N N 277 
LKC "C1'"  C  N R 278 
LKC "C2'"  C  N R 279 
LKC "C3'"  C  N S 280 
LKC "C4'"  C  N S 281 
LKC "O4'"  O  N N 282 
LKC "O3'"  O  N N 283 
LKC "C5'"  C  N N 284 
LKC "O5'"  O  N N 285 
LKC C5A    C  N N 286 
LKC "O2'"  O  N N 287 
LKC "C6'"  C  N N 288 
LKC H6     H  N N 289 
LKC H41    H  N N 290 
LKC H42    H  N N 291 
LKC "H1'"  H  N N 292 
LKC "H2'1" H  N N 293 
LKC "H3'"  H  N N 294 
LKC H3T    H  N N 295 
LKC "H5'1" H  N N 296 
LKC "H5'2" H  N N 297 
LKC H5T    H  N N 298 
LKC H5M1   H  N N 299 
LKC H5M2   H  N N 300 
LKC H5M3   H  N N 301 
LKC "H6'1" H  N N 302 
LKC "H6'2" H  N N 303 
MG  MG     MG N N 304 
U   OP3    O  N N 305 
U   P      P  N N 306 
U   OP1    O  N N 307 
U   OP2    O  N N 308 
U   "O5'"  O  N N 309 
U   "C5'"  C  N N 310 
U   "C4'"  C  N R 311 
U   "O4'"  O  N N 312 
U   "C3'"  C  N S 313 
U   "O3'"  O  N N 314 
U   "C2'"  C  N R 315 
U   "O2'"  O  N N 316 
U   "C1'"  C  N R 317 
U   N1     N  N N 318 
U   C2     C  N N 319 
U   O2     O  N N 320 
U   N3     N  N N 321 
U   C4     C  N N 322 
U   O4     O  N N 323 
U   C5     C  N N 324 
U   C6     C  N N 325 
U   HOP3   H  N N 326 
U   HOP2   H  N N 327 
U   "H5'"  H  N N 328 
U   "H5''" H  N N 329 
U   "H4'"  H  N N 330 
U   "H3'"  H  N N 331 
U   "HO3'" H  N N 332 
U   "H2'"  H  N N 333 
U   "HO2'" H  N N 334 
U   "H1'"  H  N N 335 
U   H3     H  N N 336 
U   H5     H  N N 337 
U   H6     H  N N 338 
# 
loop_
_chem_comp_bond.comp_id 
_chem_comp_bond.atom_id_1 
_chem_comp_bond.atom_id_2 
_chem_comp_bond.value_order 
_chem_comp_bond.pdbx_aromatic_flag 
_chem_comp_bond.pdbx_stereo_config 
_chem_comp_bond.pdbx_ordinal 
A   OP3   P      sing N N 1   
A   OP3   HOP3   sing N N 2   
A   P     OP1    doub N N 3   
A   P     OP2    sing N N 4   
A   P     "O5'"  sing N N 5   
A   OP2   HOP2   sing N N 6   
A   "O5'" "C5'"  sing N N 7   
A   "C5'" "C4'"  sing N N 8   
A   "C5'" "H5'"  sing N N 9   
A   "C5'" "H5''" sing N N 10  
A   "C4'" "O4'"  sing N N 11  
A   "C4'" "C3'"  sing N N 12  
A   "C4'" "H4'"  sing N N 13  
A   "O4'" "C1'"  sing N N 14  
A   "C3'" "O3'"  sing N N 15  
A   "C3'" "C2'"  sing N N 16  
A   "C3'" "H3'"  sing N N 17  
A   "O3'" "HO3'" sing N N 18  
A   "C2'" "O2'"  sing N N 19  
A   "C2'" "C1'"  sing N N 20  
A   "C2'" "H2'"  sing N N 21  
A   "O2'" "HO2'" sing N N 22  
A   "C1'" N9     sing N N 23  
A   "C1'" "H1'"  sing N N 24  
A   N9    C8     sing Y N 25  
A   N9    C4     sing Y N 26  
A   C8    N7     doub Y N 27  
A   C8    H8     sing N N 28  
A   N7    C5     sing Y N 29  
A   C5    C6     sing Y N 30  
A   C5    C4     doub Y N 31  
A   C6    N6     sing N N 32  
A   C6    N1     doub Y N 33  
A   N6    H61    sing N N 34  
A   N6    H62    sing N N 35  
A   N1    C2     sing Y N 36  
A   C2    N3     doub Y N 37  
A   C2    H2     sing N N 38  
A   N3    C4     sing Y N 39  
C   OP3   P      sing N N 40  
C   OP3   HOP3   sing N N 41  
C   P     OP1    doub N N 42  
C   P     OP2    sing N N 43  
C   P     "O5'"  sing N N 44  
C   OP2   HOP2   sing N N 45  
C   "O5'" "C5'"  sing N N 46  
C   "C5'" "C4'"  sing N N 47  
C   "C5'" "H5'"  sing N N 48  
C   "C5'" "H5''" sing N N 49  
C   "C4'" "O4'"  sing N N 50  
C   "C4'" "C3'"  sing N N 51  
C   "C4'" "H4'"  sing N N 52  
C   "O4'" "C1'"  sing N N 53  
C   "C3'" "O3'"  sing N N 54  
C   "C3'" "C2'"  sing N N 55  
C   "C3'" "H3'"  sing N N 56  
C   "O3'" "HO3'" sing N N 57  
C   "C2'" "O2'"  sing N N 58  
C   "C2'" "C1'"  sing N N 59  
C   "C2'" "H2'"  sing N N 60  
C   "O2'" "HO2'" sing N N 61  
C   "C1'" N1     sing N N 62  
C   "C1'" "H1'"  sing N N 63  
C   N1    C2     sing N N 64  
C   N1    C6     sing N N 65  
C   C2    O2     doub N N 66  
C   C2    N3     sing N N 67  
C   N3    C4     doub N N 68  
C   C4    N4     sing N N 69  
C   C4    C5     sing N N 70  
C   N4    H41    sing N N 71  
C   N4    H42    sing N N 72  
C   C5    C6     doub N N 73  
C   C5    H5     sing N N 74  
C   C6    H6     sing N N 75  
G   OP3   P      sing N N 76  
G   OP3   HOP3   sing N N 77  
G   P     OP1    doub N N 78  
G   P     OP2    sing N N 79  
G   P     "O5'"  sing N N 80  
G   OP2   HOP2   sing N N 81  
G   "O5'" "C5'"  sing N N 82  
G   "C5'" "C4'"  sing N N 83  
G   "C5'" "H5'"  sing N N 84  
G   "C5'" "H5''" sing N N 85  
G   "C4'" "O4'"  sing N N 86  
G   "C4'" "C3'"  sing N N 87  
G   "C4'" "H4'"  sing N N 88  
G   "O4'" "C1'"  sing N N 89  
G   "C3'" "O3'"  sing N N 90  
G   "C3'" "C2'"  sing N N 91  
G   "C3'" "H3'"  sing N N 92  
G   "O3'" "HO3'" sing N N 93  
G   "C2'" "O2'"  sing N N 94  
G   "C2'" "C1'"  sing N N 95  
G   "C2'" "H2'"  sing N N 96  
G   "O2'" "HO2'" sing N N 97  
G   "C1'" N9     sing N N 98  
G   "C1'" "H1'"  sing N N 99  
G   N9    C8     sing Y N 100 
G   N9    C4     sing Y N 101 
G   C8    N7     doub Y N 102 
G   C8    H8     sing N N 103 
G   N7    C5     sing Y N 104 
G   C5    C6     sing N N 105 
G   C5    C4     doub Y N 106 
G   C6    O6     doub N N 107 
G   C6    N1     sing N N 108 
G   N1    C2     sing N N 109 
G   N1    H1     sing N N 110 
G   C2    N2     sing N N 111 
G   C2    N3     doub N N 112 
G   N2    H21    sing N N 113 
G   N2    H22    sing N N 114 
G   N3    C4     sing N N 115 
GP3 N9A   C8A    sing Y N 116 
GP3 N9A   C4A    sing Y N 117 
GP3 N9A   C1D    sing N N 118 
GP3 C8A   N7A    doub Y N 119 
GP3 C8A   H8A    sing N N 120 
GP3 N7A   C5A    sing Y N 121 
GP3 C5A   C6A    sing N N 122 
GP3 C5A   C4A    doub Y N 123 
GP3 C6A   O6A    doub N N 124 
GP3 C6A   N1A    sing N N 125 
GP3 N1A   C2A    sing N N 126 
GP3 N1A   H1A    sing N N 127 
GP3 C2A   N2A    sing N N 128 
GP3 C2A   N3A    doub N N 129 
GP3 N2A   H21A   sing N N 130 
GP3 N2A   H22A   sing N N 131 
GP3 N3A   C4A    sing N N 132 
GP3 O5D   C5D    sing N N 133 
GP3 O5D   PA     sing N N 134 
GP3 C5D   C4D    sing N N 135 
GP3 C5D   H51A   sing N N 136 
GP3 C5D   H52A   sing N N 137 
GP3 C4D   O4D    sing N N 138 
GP3 C4D   C3D    sing N N 139 
GP3 C4D   H4D    sing N N 140 
GP3 O4D   C1D    sing N N 141 
GP3 C3D   O3D    sing N N 142 
GP3 C3D   C2D    sing N N 143 
GP3 C3D   H3D    sing N N 144 
GP3 O3D   HO3A   sing N N 145 
GP3 C2D   O2D    sing N N 146 
GP3 C2D   C1D    sing N N 147 
GP3 C2D   H2D    sing N N 148 
GP3 O2D   HO2A   sing N N 149 
GP3 C1D   H1D    sing N N 150 
GP3 PA    O1A    doub N N 151 
GP3 PA    O2A    sing N N 152 
GP3 PA    O3A    sing N N 153 
GP3 O2A   HOA2   sing N N 154 
GP3 O3A   PB     sing N N 155 
GP3 PB    O1B    doub N N 156 
GP3 PB    O2B    sing N N 157 
GP3 PB    O3B    sing N N 158 
GP3 O2B   HOB2   sing N N 159 
GP3 O3B   PG     sing N N 160 
GP3 PG    O1G    doub N N 161 
GP3 PG    O2G    sing N N 162 
GP3 PG    O5E    sing N N 163 
GP3 O2G   HOG2   sing N N 164 
GP3 O5E   C5E    sing N N 165 
GP3 C5E   C4E    sing N N 166 
GP3 C5E   H51B   sing N N 167 
GP3 C5E   H52B   sing N N 168 
GP3 C4E   O4E    sing N N 169 
GP3 C4E   C3E    sing N N 170 
GP3 C4E   H4E    sing N N 171 
GP3 O4E   C1E    sing N N 172 
GP3 C3E   O3E    sing N N 173 
GP3 C3E   C2E    sing N N 174 
GP3 C3E   H3E    sing N N 175 
GP3 O3E   HO3B   sing N N 176 
GP3 C2E   O2E    sing N N 177 
GP3 C2E   C1E    sing N N 178 
GP3 C2E   H2E    sing N N 179 
GP3 O2E   HO2B   sing N N 180 
GP3 C1E   N9B    sing N N 181 
GP3 C1E   H1E    sing N N 182 
GP3 N9B   C8B    sing Y N 183 
GP3 N9B   C4B    sing Y N 184 
GP3 C8B   N7B    doub Y N 185 
GP3 C8B   H8B    sing N N 186 
GP3 N7B   C5B    sing Y N 187 
GP3 C5B   C6B    sing N N 188 
GP3 C5B   C4B    doub Y N 189 
GP3 C6B   O6B    doub N N 190 
GP3 C6B   N1B    sing N N 191 
GP3 N1B   C2B    sing N N 192 
GP3 N1B   H1B    sing N N 193 
GP3 C2B   N2B    sing N N 194 
GP3 C2B   N3B    doub N N 195 
GP3 N2B   H21B   sing N N 196 
GP3 N2B   H22B   sing N N 197 
GP3 N3B   C4B    sing N N 198 
HOH O     H1     sing N N 199 
HOH O     H2     sing N N 200 
LCC "O5'" "C5'"  sing N N 201 
LCC "O5'" P      sing N N 202 
LCC "C5'" "C4'"  sing N N 203 
LCC "C5'" "H5'1" sing N N 204 
LCC "C5'" "H5'2" sing N N 205 
LCC "C4'" "O4'"  sing N N 206 
LCC "C4'" "C3'"  sing N N 207 
LCC "C4'" "C6'"  sing N N 208 
LCC "O4'" "C1'"  sing N N 209 
LCC "C1'" N1     sing N N 210 
LCC "C1'" "C2'"  sing N N 211 
LCC "C1'" "H1'"  sing N N 212 
LCC N1    C6     sing N N 213 
LCC N1    C2     sing N N 214 
LCC C6    C5     doub N N 215 
LCC C6    H6     sing N N 216 
LCC C5    C5M    sing N N 217 
LCC C5    C4     sing N N 218 
LCC C5M   H5M1   sing N N 219 
LCC C5M   H5M2   sing N N 220 
LCC C5M   H5M3   sing N N 221 
LCC C4    N4     sing N N 222 
LCC C4    N3     doub N N 223 
LCC N4    H41    sing N N 224 
LCC N4    H42    sing N N 225 
LCC N3    C2     sing N N 226 
LCC C2    O2     doub N N 227 
LCC "C3'" "C2'"  sing N N 228 
LCC "C3'" "O3'"  sing N N 229 
LCC "C3'" "H3'"  sing N N 230 
LCC "C2'" "O2'"  sing N N 231 
LCC "C2'" "H2'1" sing N N 232 
LCC "O2'" "C6'"  sing N N 233 
LCC "O3'" H3T    sing N N 234 
LCC "C6'" "H6'1" sing N N 235 
LCC "C6'" "H6'2" sing N N 236 
LCC P     O1P    sing N N 237 
LCC P     O2P    doub N N 238 
LCC P     OXT    sing N N 239 
LCC O1P   H1P    sing N N 240 
LCC OXT   HXT    sing N N 241 
LCG P     OP1    doub N N 242 
LCG P     "O5'"  sing N N 243 
LCG P     OP2    sing N N 244 
LCG P     OP3    sing N N 245 
LCG "O5'" "C5'"  sing N N 246 
LCG "C5'" "C4'"  sing N N 247 
LCG "C5'" "H5'"  sing N N 248 
LCG "C5'" "H5''" sing N N 249 
LCG "C3'" "C2'"  sing N N 250 
LCG "C3'" "C4'"  sing N N 251 
LCG "C3'" "O3'"  sing N N 252 
LCG "C3'" "H3'"  sing N N 253 
LCG "C6'" "C4'"  sing N N 254 
LCG "C6'" "O2'"  sing N N 255 
LCG "C6'" "H6'1" sing N N 256 
LCG "C6'" "H6'2" sing N N 257 
LCG N9    C8     sing Y N 258 
LCG N9    C4     sing Y N 259 
LCG N9    "C1'"  sing N N 260 
LCG C8    N7     doub Y N 261 
LCG C8    H8     sing N N 262 
LCG C4    C5     doub Y N 263 
LCG C4    N3     sing N N 264 
LCG N7    C5     sing Y N 265 
LCG C5    C6     sing N N 266 
LCG C6    O6     doub N N 267 
LCG C6    N1     sing N N 268 
LCG "C2'" "C1'"  sing N N 269 
LCG "C2'" "O2'"  sing N N 270 
LCG "C2'" "H2'"  sing N N 271 
LCG "C4'" "O4'"  sing N N 272 
LCG "C1'" "O4'"  sing N N 273 
LCG "C1'" "H1'"  sing N N 274 
LCG C2    N1     sing N N 275 
LCG C2    N2     sing N N 276 
LCG C2    N3     doub N N 277 
LCG N1    H1     sing N N 278 
LCG OP2   HOP2   sing N N 279 
LCG N2    H21    sing N N 280 
LCG N2    H22    sing N N 281 
LCG "O3'" "HO3'" sing N N 282 
LCG OP3   HOP3   sing N N 283 
LKC N1    C2     sing N N 284 
LKC N1    C6     sing N N 285 
LKC N1    "C1'"  sing N N 286 
LKC C2    N3     sing N N 287 
LKC C2    O2     doub N N 288 
LKC N3    C4     doub N N 289 
LKC C4    C5     sing N N 290 
LKC C4    N4     sing N N 291 
LKC C5    C6     doub N N 292 
LKC C5    C5A    sing N N 293 
LKC C6    H6     sing N N 294 
LKC N4    H41    sing N N 295 
LKC N4    H42    sing N N 296 
LKC "C1'" "C2'"  sing N N 297 
LKC "C1'" "O4'"  sing N N 298 
LKC "C1'" "H1'"  sing N N 299 
LKC "C2'" "C3'"  sing N N 300 
LKC "C2'" "O2'"  sing N N 301 
LKC "C2'" "H2'1" sing N N 302 
LKC "C3'" "C4'"  sing N N 303 
LKC "C3'" "O3'"  sing N N 304 
LKC "C3'" "H3'"  sing N N 305 
LKC "C4'" "O4'"  sing N N 306 
LKC "C4'" "C5'"  sing N N 307 
LKC "C4'" "C6'"  sing N N 308 
LKC "O3'" H3T    sing N N 309 
LKC "C5'" "O5'"  sing N N 310 
LKC "C5'" "H5'1" sing N N 311 
LKC "C5'" "H5'2" sing N N 312 
LKC "O5'" H5T    sing N N 313 
LKC C5A   H5M1   sing N N 314 
LKC C5A   H5M2   sing N N 315 
LKC C5A   H5M3   sing N N 316 
LKC "O2'" "C6'"  sing N N 317 
LKC "C6'" "H6'1" sing N N 318 
LKC "C6'" "H6'2" sing N N 319 
U   OP3   P      sing N N 320 
U   OP3   HOP3   sing N N 321 
U   P     OP1    doub N N 322 
U   P     OP2    sing N N 323 
U   P     "O5'"  sing N N 324 
U   OP2   HOP2   sing N N 325 
U   "O5'" "C5'"  sing N N 326 
U   "C5'" "C4'"  sing N N 327 
U   "C5'" "H5'"  sing N N 328 
U   "C5'" "H5''" sing N N 329 
U   "C4'" "O4'"  sing N N 330 
U   "C4'" "C3'"  sing N N 331 
U   "C4'" "H4'"  sing N N 332 
U   "O4'" "C1'"  sing N N 333 
U   "C3'" "O3'"  sing N N 334 
U   "C3'" "C2'"  sing N N 335 
U   "C3'" "H3'"  sing N N 336 
U   "O3'" "HO3'" sing N N 337 
U   "C2'" "O2'"  sing N N 338 
U   "C2'" "C1'"  sing N N 339 
U   "C2'" "H2'"  sing N N 340 
U   "O2'" "HO2'" sing N N 341 
U   "C1'" N1     sing N N 342 
U   "C1'" "H1'"  sing N N 343 
U   N1    C2     sing N N 344 
U   N1    C6     sing N N 345 
U   C2    O2     doub N N 346 
U   C2    N3     sing N N 347 
U   N3    C4     sing N N 348 
U   N3    H3     sing N N 349 
U   C4    O4     doub N N 350 
U   C4    C5     sing N N 351 
U   C5    C6     doub N N 352 
U   C5    H5     sing N N 353 
U   C6    H6     sing N N 354 
# 
_ndb_struct_conf_na.entry_id   7KUK 
_ndb_struct_conf_na.feature    'a-form double helix' 
# 
loop_
_ndb_struct_na_base_pair.model_number 
_ndb_struct_na_base_pair.i_label_asym_id 
_ndb_struct_na_base_pair.i_label_comp_id 
_ndb_struct_na_base_pair.i_label_seq_id 
_ndb_struct_na_base_pair.i_symmetry 
_ndb_struct_na_base_pair.j_label_asym_id 
_ndb_struct_na_base_pair.j_label_comp_id 
_ndb_struct_na_base_pair.j_label_seq_id 
_ndb_struct_na_base_pair.j_symmetry 
_ndb_struct_na_base_pair.shear 
_ndb_struct_na_base_pair.stretch 
_ndb_struct_na_base_pair.stagger 
_ndb_struct_na_base_pair.buckle 
_ndb_struct_na_base_pair.propeller 
_ndb_struct_na_base_pair.opening 
_ndb_struct_na_base_pair.pair_number 
_ndb_struct_na_base_pair.pair_name 
_ndb_struct_na_base_pair.i_auth_asym_id 
_ndb_struct_na_base_pair.i_auth_seq_id 
_ndb_struct_na_base_pair.i_PDB_ins_code 
_ndb_struct_na_base_pair.j_auth_asym_id 
_ndb_struct_na_base_pair.j_auth_seq_id 
_ndb_struct_na_base_pair.j_PDB_ins_code 
_ndb_struct_na_base_pair.hbond_type_28 
_ndb_struct_na_base_pair.hbond_type_12 
1 A LCG 4  1_555 B C   13 1_555 -0.238 -0.212 0.122  -0.015 -12.493 -1.336 1  A_LCG4:C13_B A 4  ? B 13 ? 19 1 
1 A A   5  1_555 B U   12 1_555 0.141  -0.096 0.046  7.151  -9.825  -5.082 2  A_A5:U12_B   A 5  ? B 12 ? 20 1 
1 A C   6  1_555 B G   11 1_555 0.119  -0.133 0.010  8.606  -17.441 0.874  3  A_C6:G11_B   A 6  ? B 11 ? 19 1 
1 A U   7  1_555 B A   10 1_555 -0.003 -0.126 -0.010 0.325  -13.977 3.425  4  A_U7:A10_B   A 7  ? B 10 ? 20 1 
1 A U   8  1_555 B A   9  1_555 0.142  -0.219 0.127  -2.280 -15.980 1.994  5  A_U8:A9_B    A 8  ? B 9  ? 20 1 
1 A A   9  1_555 B U   8  1_555 -0.083 -0.183 0.161  2.612  -15.141 2.407  6  A_A9:U8_B    A 9  ? B 8  ? 20 1 
1 A A   10 1_555 B U   7  1_555 0.138  -0.101 0.025  -0.192 -14.643 3.240  7  A_A10:U7_B   A 10 ? B 7  ? 20 1 
1 A G   11 1_555 B C   6  1_555 -0.066 -0.134 0.003  -8.734 -17.163 0.536  8  A_G11:C6_B   A 11 ? B 6  ? 19 1 
1 A U   12 1_555 B A   5  1_555 -0.074 -0.085 0.044  -7.204 -10.049 -5.294 9  A_U12:A5_B   A 12 ? B 5  ? 20 1 
1 A C   13 1_555 B LCG 4  1_555 0.250  -0.219 0.073  0.551  -12.162 -1.093 10 A_C13:LCG4_B A 13 ? B 4  ? 19 1 
# 
loop_
_ndb_struct_na_base_pair_step.model_number 
_ndb_struct_na_base_pair_step.i_label_asym_id_1 
_ndb_struct_na_base_pair_step.i_label_comp_id_1 
_ndb_struct_na_base_pair_step.i_label_seq_id_1 
_ndb_struct_na_base_pair_step.i_symmetry_1 
_ndb_struct_na_base_pair_step.j_label_asym_id_1 
_ndb_struct_na_base_pair_step.j_label_comp_id_1 
_ndb_struct_na_base_pair_step.j_label_seq_id_1 
_ndb_struct_na_base_pair_step.j_symmetry_1 
_ndb_struct_na_base_pair_step.i_label_asym_id_2 
_ndb_struct_na_base_pair_step.i_label_comp_id_2 
_ndb_struct_na_base_pair_step.i_label_seq_id_2 
_ndb_struct_na_base_pair_step.i_symmetry_2 
_ndb_struct_na_base_pair_step.j_label_asym_id_2 
_ndb_struct_na_base_pair_step.j_label_comp_id_2 
_ndb_struct_na_base_pair_step.j_label_seq_id_2 
_ndb_struct_na_base_pair_step.j_symmetry_2 
_ndb_struct_na_base_pair_step.shift 
_ndb_struct_na_base_pair_step.slide 
_ndb_struct_na_base_pair_step.rise 
_ndb_struct_na_base_pair_step.tilt 
_ndb_struct_na_base_pair_step.roll 
_ndb_struct_na_base_pair_step.twist 
_ndb_struct_na_base_pair_step.x_displacement 
_ndb_struct_na_base_pair_step.y_displacement 
_ndb_struct_na_base_pair_step.helical_rise 
_ndb_struct_na_base_pair_step.inclination 
_ndb_struct_na_base_pair_step.tip 
_ndb_struct_na_base_pair_step.helical_twist 
_ndb_struct_na_base_pair_step.step_number 
_ndb_struct_na_base_pair_step.step_name 
_ndb_struct_na_base_pair_step.i_auth_asym_id_1 
_ndb_struct_na_base_pair_step.i_auth_seq_id_1 
_ndb_struct_na_base_pair_step.i_PDB_ins_code_1 
_ndb_struct_na_base_pair_step.j_auth_asym_id_1 
_ndb_struct_na_base_pair_step.j_auth_seq_id_1 
_ndb_struct_na_base_pair_step.j_PDB_ins_code_1 
_ndb_struct_na_base_pair_step.i_auth_asym_id_2 
_ndb_struct_na_base_pair_step.i_auth_seq_id_2 
_ndb_struct_na_base_pair_step.i_PDB_ins_code_2 
_ndb_struct_na_base_pair_step.j_auth_asym_id_2 
_ndb_struct_na_base_pair_step.j_auth_seq_id_2 
_ndb_struct_na_base_pair_step.j_PDB_ins_code_2 
1 A LCG 4  1_555 B C 13 1_555 A A 5  1_555 B U   12 1_555 -0.750 -1.656 3.091 -2.096 4.308  30.723 -3.847 1.030  2.882 8.070  
3.925  31.086 1 AA_LCG4A5:U12C13_BB A 4  ? B 13 ? A 5  ? B 12 ? 
1 A A   5  1_555 B U 12 1_555 A C 6  1_555 B G   11 1_555 0.534  -1.656 3.195 0.387  3.400  32.207 -3.540 -0.892 3.015 6.107  
-0.696 32.383 2 AA_A5C6:G11U12_BB   A 5  ? B 12 ? A 6  ? B 11 ? 
1 A C   6  1_555 B G 11 1_555 A U 7  1_555 B A   10 1_555 -0.437 -1.811 3.433 -2.311 11.232 31.003 -5.022 0.391  2.659 20.168 
4.150  33.007 3 AA_C6U7:A10G11_BB   A 6  ? B 11 ? A 7  ? B 10 ? 
1 A U   7  1_555 B A 10 1_555 A U 8  1_555 B A   9  1_555 -0.067 -1.186 3.344 -2.018 8.845  32.167 -3.497 -0.210 2.923 15.580 
3.554  33.390 4 AA_U7U8:A9A10_BB    A 7  ? B 10 ? A 8  ? B 9  ? 
1 A U   8  1_555 B A 9  1_555 A A 9  1_555 B U   8  1_555 0.024  -1.310 3.018 -0.335 13.325 30.049 -4.249 -0.090 2.250 24.256 
0.609  32.811 5 AA_U8A9:U8A9_BB     A 8  ? B 9  ? A 9  ? B 8  ? 
1 A A   9  1_555 B U 8  1_555 A A 10 1_555 B U   7  1_555 0.016  -1.187 3.361 2.167  8.387  32.512 -3.402 0.321  2.967 14.658 
-3.788 33.616 6 AA_A9A10:U7U8_BB    A 9  ? B 8  ? A 10 ? B 7  ? 
1 A A   10 1_555 B U 7  1_555 A G 11 1_555 B C   6  1_555 0.440  -1.814 3.445 2.792  11.168 29.968 -5.223 -0.312 2.646 20.663 
-5.166 32.056 7 AA_A10G11:C6U7_BB   A 10 ? B 7  ? A 11 ? B 6  ? 
1 A G   11 1_555 B C 6  1_555 A U 12 1_555 B A   5  1_555 -0.514 -1.637 3.197 -0.343 3.183  32.762 -3.408 0.852  3.034 5.627  
0.607  32.914 8 AA_G11U12:A5C6_BB   A 11 ? B 6  ? A 12 ? B 5  ? 
1 A U   12 1_555 B A 5  1_555 A C 13 1_555 B LCG 4  1_555 0.758  -1.639 3.062 2.542  4.837  30.472 -3.921 -0.974 2.827 9.110  
-4.789 30.947 9 AA_U12C13:LCG4A5_BB A 12 ? B 5  ? A 13 ? B 4  ? 
# 
loop_
_pdbx_audit_support.funding_organization 
_pdbx_audit_support.country 
_pdbx_audit_support.grant_number 
_pdbx_audit_support.ordinal 
'National Science Foundation (NSF, United States)' 'United States' 1607034 1 
'Howard Hughes Medical Institute (HHMI)'           'United States' ?       2 
# 
_pdbx_entity_instance_feature.ordinal        1 
_pdbx_entity_instance_feature.comp_id        GP3 
_pdbx_entity_instance_feature.asym_id        ? 
_pdbx_entity_instance_feature.seq_num        ? 
_pdbx_entity_instance_feature.auth_comp_id   GP3 
_pdbx_entity_instance_feature.auth_asym_id   ? 
_pdbx_entity_instance_feature.auth_seq_num   ? 
_pdbx_entity_instance_feature.feature_type   'SUBJECT OF INVESTIGATION' 
_pdbx_entity_instance_feature.details        ? 
# 
loop_
_pdbx_entity_nonpoly.entity_id 
_pdbx_entity_nonpoly.name 
_pdbx_entity_nonpoly.comp_id 
2 "DIGUANOSINE-5'-TRIPHOSPHATE" GP3 
3 'MAGNESIUM ION'               MG  
4 water                         HOH 
# 
_pdbx_initial_refinement_model.id               1 
_pdbx_initial_refinement_model.entity_id_list   ? 
_pdbx_initial_refinement_model.type             'experimental model' 
_pdbx_initial_refinement_model.source_name      PDB 
_pdbx_initial_refinement_model.accession_code   5UEE 
_pdbx_initial_refinement_model.details          ? 
# 
